data_2HPF
# 
_entry.id   2HPF 
# 
_audit_conform.dict_name       mmcif_pdbx.dic 
_audit_conform.dict_version    5.387 
_audit_conform.dict_location   http://mmcif.pdb.org/dictionaries/ascii/mmcif_pdbx.dic 
# 
loop_
_database_2.database_id 
_database_2.database_code 
_database_2.pdbx_database_accession 
_database_2.pdbx_DOI 
PDB   2HPF         pdb_00002hpf 10.2210/pdb2hpf/pdb 
WWPDB D_1000178217 ?            ?                   
# 
loop_
_pdbx_audit_revision_history.ordinal 
_pdbx_audit_revision_history.data_content_type 
_pdbx_audit_revision_history.major_revision 
_pdbx_audit_revision_history.minor_revision 
_pdbx_audit_revision_history.revision_date 
1 'Structure model' 1 0 1994-10-15 
2 'Structure model' 1 1 2008-03-24 
3 'Structure model' 1 2 2011-07-13 
4 'Structure model' 1 3 2017-11-29 
5 'Structure model' 1 4 2024-02-14 
# 
_pdbx_audit_revision_details.ordinal             1 
_pdbx_audit_revision_details.revision_ordinal    1 
_pdbx_audit_revision_details.data_content_type   'Structure model' 
_pdbx_audit_revision_details.provider            repository 
_pdbx_audit_revision_details.type                'Initial release' 
_pdbx_audit_revision_details.description         ? 
_pdbx_audit_revision_details.details             ? 
# 
loop_
_pdbx_audit_revision_group.ordinal 
_pdbx_audit_revision_group.revision_ordinal 
_pdbx_audit_revision_group.data_content_type 
_pdbx_audit_revision_group.group 
1 2 'Structure model' 'Version format compliance' 
2 3 'Structure model' 'Derived calculations'      
3 3 'Structure model' 'Version format compliance' 
4 4 'Structure model' 'Derived calculations'      
5 4 'Structure model' Other                       
6 5 'Structure model' 'Data collection'           
7 5 'Structure model' 'Database references'       
# 
loop_
_pdbx_audit_revision_category.ordinal 
_pdbx_audit_revision_category.revision_ordinal 
_pdbx_audit_revision_category.data_content_type 
_pdbx_audit_revision_category.category 
1 4 'Structure model' pdbx_database_status 
2 4 'Structure model' struct_conf          
3 4 'Structure model' struct_conf_type     
4 5 'Structure model' chem_comp_atom       
5 5 'Structure model' chem_comp_bond       
6 5 'Structure model' database_2           
7 5 'Structure model' struct_ref_seq_dif   
# 
loop_
_pdbx_audit_revision_item.ordinal 
_pdbx_audit_revision_item.revision_ordinal 
_pdbx_audit_revision_item.data_content_type 
_pdbx_audit_revision_item.item 
1 4 'Structure model' '_pdbx_database_status.process_site'  
2 5 'Structure model' '_database_2.pdbx_DOI'                
3 5 'Structure model' '_database_2.pdbx_database_accession' 
4 5 'Structure model' '_struct_ref_seq_dif.details'         
# 
_pdbx_database_status.status_code                     REL 
_pdbx_database_status.entry_id                        2HPF 
_pdbx_database_status.recvd_initial_deposition_date   1994-09-21 
_pdbx_database_status.deposit_site                    ? 
_pdbx_database_status.process_site                    BNL 
_pdbx_database_status.SG_entry                        . 
_pdbx_database_status.status_code_sf                  ? 
_pdbx_database_status.status_code_mr                  ? 
_pdbx_database_status.status_code_cs                  ? 
_pdbx_database_status.pdb_format_compatible           Y 
_pdbx_database_status.methods_development_category    ? 
_pdbx_database_status.status_code_nmr_data            ? 
# 
loop_
_audit_author.name 
_audit_author.pdbx_ordinal 
'Mulichak, A.M.'   1 
'Watenpaugh, K.D.' 2 
# 
loop_
_citation.id 
_citation.title 
_citation.journal_abbrev 
_citation.journal_volume 
_citation.page_first 
_citation.page_last 
_citation.year 
_citation.journal_id_ASTM 
_citation.country 
_citation.journal_id_ISSN 
_citation.journal_id_CSD 
_citation.book_publisher 
_citation.pdbx_database_id_PubMed 
_citation.pdbx_database_id_DOI 
primary 
'Comparison of the Structures of HIV-2 Protease Complexes in Three Crystal Space Groups with an HIV-1 Protease Complex Structure' 
'To be Published' ?   ?     ? ?    ?      ?  ?         0353 ? ? ? 
1       
;The Crystallographic Structure of the Protease from Human Immunodeficiency Virus Type 2 with Two Synthetic Peptidic Transition State Analog Inhibitors
;
J.Biol.Chem.      168 13103 ? 1993 JBCHA3 US 0021-9258 0071 ? ? ? 
# 
loop_
_citation_author.citation_id 
_citation_author.name 
_citation_author.ordinal 
_citation_author.identifier_ORCID 
primary 'Mulichak, A.M.'   1  ? 
primary 'Watenpaugh, K.D.' 2  ? 
1       'Mulichak, A.M.'   3  ? 
1       'Hui, J.O.'        4  ? 
1       'Tomasselli, A.G.' 5  ? 
1       'Heinrikson, R.L.' 6  ? 
1       'Curry, K.A.'      7  ? 
1       'Tomich, C.-S.'    8  ? 
1       'Thaisrivongs, S.' 9  ? 
1       'Sawyer, T.K.'     10 ? 
1       'Watenpaugh, K.D.' 11 ? 
# 
loop_
_entity.id 
_entity.type 
_entity.src_method 
_entity.pdbx_description 
_entity.formula_weight 
_entity.pdbx_number_of_molecules 
_entity.pdbx_ec 
_entity.pdbx_mutation 
_entity.pdbx_fragment 
_entity.details 
1 polymer man 'HIV-2 PROTEASE'                10712.315 2  ? ? ? ? 
2 polymer man 'UNIDENTIFIED PEPTIDE FRAGMENT' 698.854   1  ? ? ? ? 
3 water   nat water                           18.015    76 ? ? ? ? 
# 
loop_
_entity_poly.entity_id 
_entity_poly.type 
_entity_poly.nstd_linkage 
_entity_poly.nstd_monomer 
_entity_poly.pdbx_seq_one_letter_code 
_entity_poly.pdbx_seq_one_letter_code_can 
_entity_poly.pdbx_strand_id 
_entity_poly.pdbx_target_identifier 
1 'polypeptide(L)' no no 
;PQFSLWKRPVVTAYIEGQPVEVLLDTGADDSIVAGIELGNNYSPKIVGGIGGFINTLEYKNVEIEVLNKKVRATIMTGDT
PINIFGRNILTALGMSLNL
;
;PQFSLWKRPVVTAYIEGQPVEVLLDTGADDSIVAGIELGNNYSPKIVGGIGGFINTLEYKNVEIEVLNKKVRATIMTGDT
PINIFGRNILTALGMSLNL
;
A,B ? 
2 'polypeptide(L)' no no '(UNK)(UNK)(UNK)(UNK)(UNK)(UNK)(UNK)(UNK)'                                                             
XXXXXXXX                                                                                               S   ? 
# 
_pdbx_entity_nonpoly.entity_id   3 
_pdbx_entity_nonpoly.name        water 
_pdbx_entity_nonpoly.comp_id     HOH 
# 
loop_
_entity_poly_seq.entity_id 
_entity_poly_seq.num 
_entity_poly_seq.mon_id 
_entity_poly_seq.hetero 
1 1  PRO n 
1 2  GLN n 
1 3  PHE n 
1 4  SER n 
1 5  LEU n 
1 6  TRP n 
1 7  LYS n 
1 8  ARG n 
1 9  PRO n 
1 10 VAL n 
1 11 VAL n 
1 12 THR n 
1 13 ALA n 
1 14 TYR n 
1 15 ILE n 
1 16 GLU n 
1 17 GLY n 
1 18 GLN n 
1 19 PRO n 
1 20 VAL n 
1 21 GLU n 
1 22 VAL n 
1 23 LEU n 
1 24 LEU n 
1 25 ASP n 
1 26 THR n 
1 27 GLY n 
1 28 ALA n 
1 29 ASP n 
1 30 ASP n 
1 31 SER n 
1 32 ILE n 
1 33 VAL n 
1 34 ALA n 
1 35 GLY n 
1 36 ILE n 
1 37 GLU n 
1 38 LEU n 
1 39 GLY n 
1 40 ASN n 
1 41 ASN n 
1 42 TYR n 
1 43 SER n 
1 44 PRO n 
1 45 LYS n 
1 46 ILE n 
1 47 VAL n 
1 48 GLY n 
1 49 GLY n 
1 50 ILE n 
1 51 GLY n 
1 52 GLY n 
1 53 PHE n 
1 54 ILE n 
1 55 ASN n 
1 56 THR n 
1 57 LEU n 
1 58 GLU n 
1 59 TYR n 
1 60 LYS n 
1 61 ASN n 
1 62 VAL n 
1 63 GLU n 
1 64 ILE n 
1 65 GLU n 
1 66 VAL n 
1 67 LEU n 
1 68 ASN n 
1 69 LYS n 
1 70 LYS n 
1 71 VAL n 
1 72 ARG n 
1 73 ALA n 
1 74 THR n 
1 75 ILE n 
1 76 MET n 
1 77 THR n 
1 78 GLY n 
1 79 ASP n 
1 80 THR n 
1 81 PRO n 
1 82 ILE n 
1 83 ASN n 
1 84 ILE n 
1 85 PHE n 
1 86 GLY n 
1 87 ARG n 
1 88 ASN n 
1 89 ILE n 
1 90 LEU n 
1 91 THR n 
1 92 ALA n 
1 93 LEU n 
1 94 GLY n 
1 95 MET n 
1 96 SER n 
1 97 LEU n 
1 98 ASN n 
1 99 LEU n 
2 1  UNK n 
2 2  UNK n 
2 3  UNK n 
2 4  UNK n 
2 5  UNK n 
2 6  UNK n 
2 7  UNK n 
2 8  UNK n 
# 
_entity_src_gen.entity_id                          1 
_entity_src_gen.pdbx_src_id                        1 
_entity_src_gen.pdbx_alt_source_flag               sample 
_entity_src_gen.pdbx_seq_type                      ? 
_entity_src_gen.pdbx_beg_seq_num                   ? 
_entity_src_gen.pdbx_end_seq_num                   ? 
_entity_src_gen.gene_src_common_name               ? 
_entity_src_gen.gene_src_genus                     Lentivirus 
_entity_src_gen.pdbx_gene_src_gene                 ? 
_entity_src_gen.gene_src_species                   ? 
_entity_src_gen.gene_src_strain                    ? 
_entity_src_gen.gene_src_tissue                    ? 
_entity_src_gen.gene_src_tissue_fraction           ? 
_entity_src_gen.gene_src_details                   ? 
_entity_src_gen.pdbx_gene_src_fragment             ? 
_entity_src_gen.pdbx_gene_src_scientific_name      'Human immunodeficiency virus 2' 
_entity_src_gen.pdbx_gene_src_ncbi_taxonomy_id     11709 
_entity_src_gen.pdbx_gene_src_variant              ? 
_entity_src_gen.pdbx_gene_src_cell_line            ? 
_entity_src_gen.pdbx_gene_src_atcc                 ? 
_entity_src_gen.pdbx_gene_src_organ                ? 
_entity_src_gen.pdbx_gene_src_organelle            ? 
_entity_src_gen.pdbx_gene_src_cell                 ? 
_entity_src_gen.pdbx_gene_src_cellular_location    ? 
_entity_src_gen.host_org_common_name               ? 
_entity_src_gen.pdbx_host_org_scientific_name      'Escherichia coli' 
_entity_src_gen.pdbx_host_org_ncbi_taxonomy_id     562 
_entity_src_gen.host_org_genus                     Escherichia 
_entity_src_gen.pdbx_host_org_gene                 ? 
_entity_src_gen.pdbx_host_org_organ                ? 
_entity_src_gen.host_org_species                   ? 
_entity_src_gen.pdbx_host_org_tissue               ? 
_entity_src_gen.pdbx_host_org_tissue_fraction      ? 
_entity_src_gen.pdbx_host_org_strain               ? 
_entity_src_gen.pdbx_host_org_variant              ? 
_entity_src_gen.pdbx_host_org_cell_line            ? 
_entity_src_gen.pdbx_host_org_atcc                 ? 
_entity_src_gen.pdbx_host_org_culture_collection   ? 
_entity_src_gen.pdbx_host_org_cell                 ? 
_entity_src_gen.pdbx_host_org_organelle            ? 
_entity_src_gen.pdbx_host_org_cellular_location    ? 
_entity_src_gen.pdbx_host_org_vector_type          ? 
_entity_src_gen.pdbx_host_org_vector               ? 
_entity_src_gen.host_org_details                   ? 
_entity_src_gen.expression_system_id               ? 
_entity_src_gen.plasmid_name                       ? 
_entity_src_gen.plasmid_details                    ? 
_entity_src_gen.pdbx_description                   ? 
# 
loop_
_chem_comp.id 
_chem_comp.type 
_chem_comp.mon_nstd_flag 
_chem_comp.name 
_chem_comp.pdbx_synonyms 
_chem_comp.formula 
_chem_comp.formula_weight 
ALA 'L-peptide linking' y ALANINE         ? 'C3 H7 N O2'     89.093  
ARG 'L-peptide linking' y ARGININE        ? 'C6 H15 N4 O2 1' 175.209 
ASN 'L-peptide linking' y ASPARAGINE      ? 'C4 H8 N2 O3'    132.118 
ASP 'L-peptide linking' y 'ASPARTIC ACID' ? 'C4 H7 N O4'     133.103 
GLN 'L-peptide linking' y GLUTAMINE       ? 'C5 H10 N2 O3'   146.144 
GLU 'L-peptide linking' y 'GLUTAMIC ACID' ? 'C5 H9 N O4'     147.129 
GLY 'peptide linking'   y GLYCINE         ? 'C2 H5 N O2'     75.067  
HOH non-polymer         . WATER           ? 'H2 O'           18.015  
ILE 'L-peptide linking' y ISOLEUCINE      ? 'C6 H13 N O2'    131.173 
LEU 'L-peptide linking' y LEUCINE         ? 'C6 H13 N O2'    131.173 
LYS 'L-peptide linking' y LYSINE          ? 'C6 H15 N2 O2 1' 147.195 
MET 'L-peptide linking' y METHIONINE      ? 'C5 H11 N O2 S'  149.211 
PHE 'L-peptide linking' y PHENYLALANINE   ? 'C9 H11 N O2'    165.189 
PRO 'L-peptide linking' y PROLINE         ? 'C5 H9 N O2'     115.130 
SER 'L-peptide linking' y SERINE          ? 'C3 H7 N O3'     105.093 
THR 'L-peptide linking' y THREONINE       ? 'C4 H9 N O3'     119.119 
TRP 'L-peptide linking' y TRYPTOPHAN      ? 'C11 H12 N2 O2'  204.225 
TYR 'L-peptide linking' y TYROSINE        ? 'C9 H11 N O3'    181.189 
UNK 'L-peptide linking' . UNKNOWN         ? 'C4 H9 N O2'     103.120 
VAL 'L-peptide linking' y VALINE          ? 'C5 H11 N O2'    117.146 
# 
loop_
_pdbx_poly_seq_scheme.asym_id 
_pdbx_poly_seq_scheme.entity_id 
_pdbx_poly_seq_scheme.seq_id 
_pdbx_poly_seq_scheme.mon_id 
_pdbx_poly_seq_scheme.ndb_seq_num 
_pdbx_poly_seq_scheme.pdb_seq_num 
_pdbx_poly_seq_scheme.auth_seq_num 
_pdbx_poly_seq_scheme.pdb_mon_id 
_pdbx_poly_seq_scheme.auth_mon_id 
_pdbx_poly_seq_scheme.pdb_strand_id 
_pdbx_poly_seq_scheme.pdb_ins_code 
_pdbx_poly_seq_scheme.hetero 
A 1 1  PRO 1  1  1  PRO PRO A . n 
A 1 2  GLN 2  2  2  GLN GLN A . n 
A 1 3  PHE 3  3  3  PHE PHE A . n 
A 1 4  SER 4  4  4  SER SER A . n 
A 1 5  LEU 5  5  5  LEU LEU A . n 
A 1 6  TRP 6  6  6  TRP TRP A . n 
A 1 7  LYS 7  7  7  LYS LYS A . n 
A 1 8  ARG 8  8  8  ARG ARG A . n 
A 1 9  PRO 9  9  9  PRO PRO A . n 
A 1 10 VAL 10 10 10 VAL VAL A . n 
A 1 11 VAL 11 11 11 VAL VAL A . n 
A 1 12 THR 12 12 12 THR THR A . n 
A 1 13 ALA 13 13 13 ALA ALA A . n 
A 1 14 TYR 14 14 14 TYR TYR A . n 
A 1 15 ILE 15 15 15 ILE ILE A . n 
A 1 16 GLU 16 16 16 GLU GLU A . n 
A 1 17 GLY 17 17 17 GLY GLY A . n 
A 1 18 GLN 18 18 18 GLN GLN A . n 
A 1 19 PRO 19 19 19 PRO PRO A . n 
A 1 20 VAL 20 20 20 VAL VAL A . n 
A 1 21 GLU 21 21 21 GLU GLU A . n 
A 1 22 VAL 22 22 22 VAL VAL A . n 
A 1 23 LEU 23 23 23 LEU LEU A . n 
A 1 24 LEU 24 24 24 LEU LEU A . n 
A 1 25 ASP 25 25 25 ASP ASP A . n 
A 1 26 THR 26 26 26 THR THR A . n 
A 1 27 GLY 27 27 27 GLY GLY A . n 
A 1 28 ALA 28 28 28 ALA ALA A . n 
A 1 29 ASP 29 29 29 ASP ASP A . n 
A 1 30 ASP 30 30 30 ASP ASP A . n 
A 1 31 SER 31 31 31 SER SER A . n 
A 1 32 ILE 32 32 32 ILE ILE A . n 
A 1 33 VAL 33 33 33 VAL VAL A . n 
A 1 34 ALA 34 34 34 ALA ALA A . n 
A 1 35 GLY 35 35 35 GLY GLY A . n 
A 1 36 ILE 36 36 36 ILE ILE A . n 
A 1 37 GLU 37 37 37 GLU GLU A . n 
A 1 38 LEU 38 38 38 LEU LEU A . n 
A 1 39 GLY 39 39 39 GLY GLY A . n 
A 1 40 ASN 40 40 40 ASN ASN A . n 
A 1 41 ASN 41 41 41 ASN ASN A . n 
A 1 42 TYR 42 42 42 TYR TYR A . n 
A 1 43 SER 43 43 43 SER SER A . n 
A 1 44 PRO 44 44 44 PRO PRO A . n 
A 1 45 LYS 45 45 45 LYS LYS A . n 
A 1 46 ILE 46 46 46 ILE ILE A . n 
A 1 47 VAL 47 47 47 VAL VAL A . n 
A 1 48 GLY 48 48 48 GLY GLY A . n 
A 1 49 GLY 49 49 49 GLY GLY A . n 
A 1 50 ILE 50 50 50 ILE ILE A . n 
A 1 51 GLY 51 51 51 GLY GLY A . n 
A 1 52 GLY 52 52 52 GLY GLY A . n 
A 1 53 PHE 53 53 53 PHE PHE A . n 
A 1 54 ILE 54 54 54 ILE ILE A . n 
A 1 55 ASN 55 55 55 ASN ASN A . n 
A 1 56 THR 56 56 56 THR THR A . n 
A 1 57 LEU 57 57 57 LEU LEU A . n 
A 1 58 GLU 58 58 58 GLU GLU A . n 
A 1 59 TYR 59 59 59 TYR TYR A . n 
A 1 60 LYS 60 60 60 LYS LYS A . n 
A 1 61 ASN 61 61 61 ASN ASN A . n 
A 1 62 VAL 62 62 62 VAL VAL A . n 
A 1 63 GLU 63 63 63 GLU GLU A . n 
A 1 64 ILE 64 64 64 ILE ILE A . n 
A 1 65 GLU 65 65 65 GLU GLU A . n 
A 1 66 VAL 66 66 66 VAL VAL A . n 
A 1 67 LEU 67 67 67 LEU LEU A . n 
A 1 68 ASN 68 68 68 ASN ASN A . n 
A 1 69 LYS 69 69 69 LYS LYS A . n 
A 1 70 LYS 70 70 70 LYS LYS A . n 
A 1 71 VAL 71 71 71 VAL VAL A . n 
A 1 72 ARG 72 72 72 ARG ARG A . n 
A 1 73 ALA 73 73 73 ALA ALA A . n 
A 1 74 THR 74 74 74 THR THR A . n 
A 1 75 ILE 75 75 75 ILE ILE A . n 
A 1 76 MET 76 76 76 MET MET A . n 
A 1 77 THR 77 77 77 THR THR A . n 
A 1 78 GLY 78 78 78 GLY GLY A . n 
A 1 79 ASP 79 79 79 ASP ASP A . n 
A 1 80 THR 80 80 80 THR THR A . n 
A 1 81 PRO 81 81 81 PRO PRO A . n 
A 1 82 ILE 82 82 82 ILE ILE A . n 
A 1 83 ASN 83 83 83 ASN ASN A . n 
A 1 84 ILE 84 84 84 ILE ILE A . n 
A 1 85 PHE 85 85 85 PHE PHE A . n 
A 1 86 GLY 86 86 86 GLY GLY A . n 
A 1 87 ARG 87 87 87 ARG ARG A . n 
A 1 88 ASN 88 88 88 ASN ASN A . n 
A 1 89 ILE 89 89 89 ILE ILE A . n 
A 1 90 LEU 90 90 90 LEU LEU A . n 
A 1 91 THR 91 91 91 THR THR A . n 
A 1 92 ALA 92 92 92 ALA ALA A . n 
A 1 93 LEU 93 93 93 LEU LEU A . n 
A 1 94 GLY 94 94 94 GLY GLY A . n 
A 1 95 MET 95 95 95 MET MET A . n 
A 1 96 SER 96 96 96 SER SER A . n 
A 1 97 LEU 97 97 97 LEU LEU A . n 
A 1 98 ASN 98 98 98 ASN ASN A . n 
A 1 99 LEU 99 99 99 LEU LEU A . n 
B 1 1  PRO 1  1  1  PRO PRO B . n 
B 1 2  GLN 2  2  2  GLN GLN B . n 
B 1 3  PHE 3  3  3  PHE PHE B . n 
B 1 4  SER 4  4  4  SER SER B . n 
B 1 5  LEU 5  5  5  LEU LEU B . n 
B 1 6  TRP 6  6  6  TRP TRP B . n 
B 1 7  LYS 7  7  7  LYS LYS B . n 
B 1 8  ARG 8  8  8  ARG ARG B . n 
B 1 9  PRO 9  9  9  PRO PRO B . n 
B 1 10 VAL 10 10 10 VAL VAL B . n 
B 1 11 VAL 11 11 11 VAL VAL B . n 
B 1 12 THR 12 12 12 THR THR B . n 
B 1 13 ALA 13 13 13 ALA ALA B . n 
B 1 14 TYR 14 14 14 TYR TYR B . n 
B 1 15 ILE 15 15 15 ILE ILE B . n 
B 1 16 GLU 16 16 16 GLU GLU B . n 
B 1 17 GLY 17 17 17 GLY GLY B . n 
B 1 18 GLN 18 18 18 GLN GLN B . n 
B 1 19 PRO 19 19 19 PRO PRO B . n 
B 1 20 VAL 20 20 20 VAL VAL B . n 
B 1 21 GLU 21 21 21 GLU GLU B . n 
B 1 22 VAL 22 22 22 VAL VAL B . n 
B 1 23 LEU 23 23 23 LEU LEU B . n 
B 1 24 LEU 24 24 24 LEU LEU B . n 
B 1 25 ASP 25 25 25 ASP ASP B . n 
B 1 26 THR 26 26 26 THR THR B . n 
B 1 27 GLY 27 27 27 GLY GLY B . n 
B 1 28 ALA 28 28 28 ALA ALA B . n 
B 1 29 ASP 29 29 29 ASP ASP B . n 
B 1 30 ASP 30 30 30 ASP ASP B . n 
B 1 31 SER 31 31 31 SER SER B . n 
B 1 32 ILE 32 32 32 ILE ILE B . n 
B 1 33 VAL 33 33 33 VAL VAL B . n 
B 1 34 ALA 34 34 34 ALA ALA B . n 
B 1 35 GLY 35 35 35 GLY GLY B . n 
B 1 36 ILE 36 36 36 ILE ILE B . n 
B 1 37 GLU 37 37 37 GLU GLU B . n 
B 1 38 LEU 38 38 38 LEU LEU B . n 
B 1 39 GLY 39 39 39 GLY GLY B . n 
B 1 40 ASN 40 40 40 ASN ASN B . n 
B 1 41 ASN 41 41 41 ASN ASN B . n 
B 1 42 TYR 42 42 42 TYR TYR B . n 
B 1 43 SER 43 43 43 SER SER B . n 
B 1 44 PRO 44 44 44 PRO PRO B . n 
B 1 45 LYS 45 45 45 LYS LYS B . n 
B 1 46 ILE 46 46 46 ILE ILE B . n 
B 1 47 VAL 47 47 47 VAL VAL B . n 
B 1 48 GLY 48 48 48 GLY GLY B . n 
B 1 49 GLY 49 49 49 GLY GLY B . n 
B 1 50 ILE 50 50 50 ILE ILE B . n 
B 1 51 GLY 51 51 51 GLY GLY B . n 
B 1 52 GLY 52 52 52 GLY GLY B . n 
B 1 53 PHE 53 53 53 PHE PHE B . n 
B 1 54 ILE 54 54 54 ILE ILE B . n 
B 1 55 ASN 55 55 55 ASN ASN B . n 
B 1 56 THR 56 56 56 THR THR B . n 
B 1 57 LEU 57 57 57 LEU LEU B . n 
B 1 58 GLU 58 58 58 GLU GLU B . n 
B 1 59 TYR 59 59 59 TYR TYR B . n 
B 1 60 LYS 60 60 60 LYS LYS B . n 
B 1 61 ASN 61 61 61 ASN ASN B . n 
B 1 62 VAL 62 62 62 VAL VAL B . n 
B 1 63 GLU 63 63 63 GLU GLU B . n 
B 1 64 ILE 64 64 64 ILE ILE B . n 
B 1 65 GLU 65 65 65 GLU GLU B . n 
B 1 66 VAL 66 66 66 VAL VAL B . n 
B 1 67 LEU 67 67 67 LEU LEU B . n 
B 1 68 ASN 68 68 68 ASN ASN B . n 
B 1 69 LYS 69 69 69 LYS LYS B . n 
B 1 70 LYS 70 70 70 LYS LYS B . n 
B 1 71 VAL 71 71 71 VAL VAL B . n 
B 1 72 ARG 72 72 72 ARG ARG B . n 
B 1 73 ALA 73 73 73 ALA ALA B . n 
B 1 74 THR 74 74 74 THR THR B . n 
B 1 75 ILE 75 75 75 ILE ILE B . n 
B 1 76 MET 76 76 76 MET MET B . n 
B 1 77 THR 77 77 77 THR THR B . n 
B 1 78 GLY 78 78 78 GLY GLY B . n 
B 1 79 ASP 79 79 79 ASP ASP B . n 
B 1 80 THR 80 80 80 THR THR B . n 
B 1 81 PRO 81 81 81 PRO PRO B . n 
B 1 82 ILE 82 82 82 ILE ILE B . n 
B 1 83 ASN 83 83 83 ASN ASN B . n 
B 1 84 ILE 84 84 84 ILE ILE B . n 
B 1 85 PHE 85 85 85 PHE PHE B . n 
B 1 86 GLY 86 86 86 GLY GLY B . n 
B 1 87 ARG 87 87 87 ARG ARG B . n 
B 1 88 ASN 88 88 88 ASN ASN B . n 
B 1 89 ILE 89 89 89 ILE ILE B . n 
B 1 90 LEU 90 90 90 LEU LEU B . n 
B 1 91 THR 91 91 91 THR THR B . n 
B 1 92 ALA 92 92 92 ALA ALA B . n 
B 1 93 LEU 93 93 93 LEU LEU B . n 
B 1 94 GLY 94 94 94 GLY GLY B . n 
B 1 95 MET 95 95 95 MET MET B . n 
B 1 96 SER 96 96 96 SER SER B . n 
B 1 97 LEU 97 97 97 LEU LEU B . n 
B 1 98 ASN 98 98 98 ASN ASN B . n 
B 1 99 LEU 99 99 99 LEU LEU B . n 
C 2 1  UNK 1  1  1  UNK UNK S . n 
C 2 2  UNK 2  2  2  UNK UNK S . n 
C 2 3  UNK 3  3  3  UNK UNK S . n 
C 2 4  UNK 4  4  4  UNK UNK S . n 
C 2 5  UNK 5  5  5  UNK UNK S . n 
C 2 6  UNK 6  6  6  UNK UNK S . n 
C 2 7  UNK 7  7  7  UNK UNK S . n 
C 2 8  UNK 8  8  8  UNK UNK S . n 
# 
loop_
_pdbx_nonpoly_scheme.asym_id 
_pdbx_nonpoly_scheme.entity_id 
_pdbx_nonpoly_scheme.mon_id 
_pdbx_nonpoly_scheme.ndb_seq_num 
_pdbx_nonpoly_scheme.pdb_seq_num 
_pdbx_nonpoly_scheme.auth_seq_num 
_pdbx_nonpoly_scheme.pdb_mon_id 
_pdbx_nonpoly_scheme.auth_mon_id 
_pdbx_nonpoly_scheme.pdb_strand_id 
_pdbx_nonpoly_scheme.pdb_ins_code 
D 3 HOH 1  100 19 HOH HOH A . 
D 3 HOH 2  101 20 HOH HOH A . 
D 3 HOH 3  102 21 HOH HOH A . 
D 3 HOH 4  103 22 HOH HOH A . 
D 3 HOH 5  104 23 HOH HOH A . 
D 3 HOH 6  105 24 HOH HOH A . 
D 3 HOH 7  106 25 HOH HOH A . 
D 3 HOH 8  107 26 HOH HOH A . 
D 3 HOH 9  108 27 HOH HOH A . 
D 3 HOH 10 109 28 HOH HOH A . 
D 3 HOH 11 110 39 HOH HOH A . 
D 3 HOH 12 111 40 HOH HOH A . 
D 3 HOH 13 112 41 HOH HOH A . 
D 3 HOH 14 113 42 HOH HOH A . 
D 3 HOH 15 114 43 HOH HOH A . 
D 3 HOH 16 115 44 HOH HOH A . 
D 3 HOH 17 116 45 HOH HOH A . 
D 3 HOH 18 117 46 HOH HOH A . 
D 3 HOH 19 118 47 HOH HOH A . 
D 3 HOH 20 119 48 HOH HOH A . 
D 3 HOH 21 120 49 HOH HOH A . 
D 3 HOH 22 121 50 HOH HOH A . 
D 3 HOH 23 122 54 HOH HOH A . 
D 3 HOH 24 123 55 HOH HOH A . 
D 3 HOH 25 124 56 HOH HOH A . 
D 3 HOH 26 125 57 HOH HOH A . 
D 3 HOH 27 126 66 HOH HOH A . 
D 3 HOH 28 127 67 HOH HOH A . 
D 3 HOH 29 128 68 HOH HOH A . 
D 3 HOH 30 129 71 HOH HOH A . 
D 3 HOH 31 130 72 HOH HOH A . 
D 3 HOH 32 131 77 HOH HOH A . 
E 3 HOH 1  100 2  HOH HOH B . 
E 3 HOH 2  101 3  HOH HOH B . 
E 3 HOH 3  102 4  HOH HOH B . 
E 3 HOH 4  103 5  HOH HOH B . 
E 3 HOH 5  104 6  HOH HOH B . 
E 3 HOH 6  105 7  HOH HOH B . 
E 3 HOH 7  106 8  HOH HOH B . 
E 3 HOH 8  107 9  HOH HOH B . 
E 3 HOH 9  108 10 HOH HOH B . 
E 3 HOH 10 109 11 HOH HOH B . 
E 3 HOH 11 110 12 HOH HOH B . 
E 3 HOH 12 111 13 HOH HOH B . 
E 3 HOH 13 112 14 HOH HOH B . 
E 3 HOH 14 113 15 HOH HOH B . 
E 3 HOH 15 114 16 HOH HOH B . 
E 3 HOH 16 115 17 HOH HOH B . 
E 3 HOH 17 116 18 HOH HOH B . 
E 3 HOH 18 117 29 HOH HOH B . 
E 3 HOH 19 118 30 HOH HOH B . 
E 3 HOH 20 119 31 HOH HOH B . 
E 3 HOH 21 120 32 HOH HOH B . 
E 3 HOH 22 121 33 HOH HOH B . 
E 3 HOH 23 122 34 HOH HOH B . 
E 3 HOH 24 123 35 HOH HOH B . 
E 3 HOH 25 124 36 HOH HOH B . 
E 3 HOH 26 125 37 HOH HOH B . 
E 3 HOH 27 126 38 HOH HOH B . 
E 3 HOH 28 127 52 HOH HOH B . 
E 3 HOH 29 128 53 HOH HOH B . 
E 3 HOH 30 129 58 HOH HOH B . 
E 3 HOH 31 130 59 HOH HOH B . 
E 3 HOH 32 131 60 HOH HOH B . 
E 3 HOH 33 132 61 HOH HOH B . 
E 3 HOH 34 133 62 HOH HOH B . 
E 3 HOH 35 134 63 HOH HOH B . 
E 3 HOH 36 135 64 HOH HOH B . 
E 3 HOH 37 136 65 HOH HOH B . 
E 3 HOH 38 137 69 HOH HOH B . 
E 3 HOH 39 138 70 HOH HOH B . 
E 3 HOH 40 139 73 HOH HOH B . 
E 3 HOH 41 140 75 HOH HOH B . 
E 3 HOH 42 141 76 HOH HOH B . 
F 3 HOH 1  9   1  HOH HOH S . 
F 3 HOH 2  10  51 HOH HOH S . 
# 
_software.name             PROLSQ 
_software.classification   refinement 
_software.version          . 
_software.citation_id      ? 
_software.pdbx_ordinal     1 
# 
_cell.entry_id           2HPF 
_cell.length_a           80.170 
_cell.length_b           80.170 
_cell.length_c           71.140 
_cell.angle_alpha        90.00 
_cell.angle_beta         90.00 
_cell.angle_gamma        120.00 
_cell.Z_PDB              12 
_cell.pdbx_unique_axis   ? 
_cell.length_a_esd       ? 
_cell.length_b_esd       ? 
_cell.length_c_esd       ? 
_cell.angle_alpha_esd    ? 
_cell.angle_beta_esd     ? 
_cell.angle_gamma_esd    ? 
# 
_symmetry.entry_id                         2HPF 
_symmetry.space_group_name_H-M             'P 65' 
_symmetry.pdbx_full_space_group_name_H-M   ? 
_symmetry.cell_setting                     ? 
_symmetry.Int_Tables_number                170 
_symmetry.space_group_name_Hall            ? 
# 
_exptl.entry_id          2HPF 
_exptl.method            'X-RAY DIFFRACTION' 
_exptl.crystals_number   ? 
# 
_exptl_crystal.id                    1 
_exptl_crystal.density_meas          ? 
_exptl_crystal.density_Matthews      2.98 
_exptl_crystal.density_percent_sol   58.75 
_exptl_crystal.description           ? 
_exptl_crystal.F_000                 ? 
_exptl_crystal.preparation           ? 
# 
_diffrn.id                     1 
_diffrn.ambient_temp           ? 
_diffrn.ambient_temp_details   ? 
_diffrn.crystal_id             1 
# 
_diffrn_radiation.diffrn_id                        1 
_diffrn_radiation.wavelength_id                    1 
_diffrn_radiation.monochromator                    ? 
_diffrn_radiation.pdbx_monochromatic_or_laue_m_l   ? 
_diffrn_radiation.pdbx_diffrn_protocol             ? 
_diffrn_radiation.pdbx_scattering_type             x-ray 
# 
_diffrn_radiation_wavelength.id           1 
_diffrn_radiation_wavelength.wavelength   . 
_diffrn_radiation_wavelength.wt           1.0 
# 
_reflns.entry_id                     2HPF 
_reflns.observed_criterion_sigma_I   ? 
_reflns.observed_criterion_sigma_F   0.0 
_reflns.d_resolution_low             40.0 
_reflns.d_resolution_high            3.0 
_reflns.number_obs                   5337 
_reflns.number_all                   ? 
_reflns.percent_possible_obs         99.0 
_reflns.pdbx_Rmerge_I_obs            ? 
_reflns.pdbx_Rsym_value              ? 
_reflns.pdbx_netI_over_sigmaI        ? 
_reflns.B_iso_Wilson_estimate        ? 
_reflns.pdbx_redundancy              ? 
_reflns.R_free_details               ? 
_reflns.limit_h_max                  ? 
_reflns.limit_h_min                  ? 
_reflns.limit_k_max                  ? 
_reflns.limit_k_min                  ? 
_reflns.limit_l_max                  ? 
_reflns.limit_l_min                  ? 
_reflns.observed_criterion_F_max     ? 
_reflns.observed_criterion_F_min     ? 
_reflns.pdbx_chi_squared             ? 
_reflns.pdbx_scaling_rejects         ? 
_reflns.pdbx_ordinal                 1 
_reflns.pdbx_diffrn_id               1 
# 
_refine.entry_id                                 2HPF 
_refine.ls_number_reflns_obs                     3758 
_refine.ls_number_reflns_all                     ? 
_refine.pdbx_ls_sigma_I                          ? 
_refine.pdbx_ls_sigma_F                          2.0 
_refine.pdbx_data_cutoff_high_absF               ? 
_refine.pdbx_data_cutoff_low_absF                ? 
_refine.pdbx_data_cutoff_high_rms_absF           ? 
_refine.ls_d_res_low                             10.0 
_refine.ls_d_res_high                            3.0 
_refine.ls_percent_reflns_obs                    ? 
_refine.ls_R_factor_obs                          0.1440000 
_refine.ls_R_factor_all                          ? 
_refine.ls_R_factor_R_work                       ? 
_refine.ls_R_factor_R_free                       ? 
_refine.ls_R_factor_R_free_error                 ? 
_refine.ls_R_factor_R_free_error_details         ? 
_refine.ls_percent_reflns_R_free                 ? 
_refine.ls_number_reflns_R_free                  ? 
_refine.ls_number_parameters                     ? 
_refine.ls_number_restraints                     ? 
_refine.occupancy_min                            ? 
_refine.occupancy_max                            ? 
_refine.B_iso_mean                               ? 
_refine.aniso_B[1][1]                            ? 
_refine.aniso_B[2][2]                            ? 
_refine.aniso_B[3][3]                            ? 
_refine.aniso_B[1][2]                            ? 
_refine.aniso_B[1][3]                            ? 
_refine.aniso_B[2][3]                            ? 
_refine.solvent_model_details                    ? 
_refine.solvent_model_param_ksol                 ? 
_refine.solvent_model_param_bsol                 ? 
_refine.pdbx_ls_cross_valid_method               ? 
_refine.details                                  
;ATOMS WITH B-FACTORS GREATER THAN 70.0 A**2 MAY BE
CONSIDERED TO BE DISORDERED OR NOT SEEN IN THE ELECTRON
DENSITY MAPS.
;
_refine.pdbx_starting_model                      ? 
_refine.pdbx_method_to_determine_struct          ? 
_refine.pdbx_isotropic_thermal_model             ? 
_refine.pdbx_stereochemistry_target_values       ? 
_refine.pdbx_stereochem_target_val_spec_case     ? 
_refine.pdbx_R_Free_selection_details            ? 
_refine.pdbx_overall_ESU_R                       ? 
_refine.pdbx_overall_ESU_R_Free                  ? 
_refine.overall_SU_ML                            ? 
_refine.overall_SU_B                             ? 
_refine.pdbx_refine_id                           'X-RAY DIFFRACTION' 
_refine.ls_redundancy_reflns_obs                 ? 
_refine.pdbx_overall_phase_error                 ? 
_refine.B_iso_min                                ? 
_refine.B_iso_max                                ? 
_refine.correlation_coeff_Fo_to_Fc               ? 
_refine.correlation_coeff_Fo_to_Fc_free          ? 
_refine.pdbx_solvent_vdw_probe_radii             ? 
_refine.pdbx_solvent_ion_probe_radii             ? 
_refine.pdbx_solvent_shrinkage_radii             ? 
_refine.overall_SU_R_Cruickshank_DPI             ? 
_refine.overall_SU_R_free                        ? 
_refine.ls_wR_factor_R_free                      ? 
_refine.ls_wR_factor_R_work                      ? 
_refine.overall_FOM_free_R_set                   ? 
_refine.overall_FOM_work_R_set                   ? 
_refine.pdbx_diffrn_id                           1 
_refine.pdbx_TLS_residual_ADP_flag               ? 
_refine.pdbx_overall_SU_R_free_Cruickshank_DPI   ? 
_refine.pdbx_overall_SU_R_Blow_DPI               ? 
_refine.pdbx_overall_SU_R_free_Blow_DPI          ? 
# 
_refine_hist.pdbx_refine_id                   'X-RAY DIFFRACTION' 
_refine_hist.cycle_id                         LAST 
_refine_hist.pdbx_number_atoms_protein        1546 
_refine_hist.pdbx_number_atoms_nucleic_acid   0 
_refine_hist.pdbx_number_atoms_ligand         0 
_refine_hist.number_atoms_solvent             76 
_refine_hist.number_atoms_total               1622 
_refine_hist.d_res_high                       3.0 
_refine_hist.d_res_low                        10.0 
# 
_struct.entry_id                  2HPF 
_struct.title                     
'COMPARISON OF THE STRUCTURES OF HIV-2 PROTEASE COMPLEXES IN THREE CRYSTAL SPACE GROUPS WITH AN HIV-1 PROTEASE COMPLEX STRUCTURE' 
_struct.pdbx_model_details        ? 
_struct.pdbx_CASP_flag            ? 
_struct.pdbx_model_type_details   ? 
# 
_struct_keywords.entry_id        2HPF 
_struct_keywords.pdbx_keywords   'HYDROLASE(ACID PROTEASE)' 
_struct_keywords.text            'HYDROLASE(ACID PROTEASE)' 
# 
loop_
_struct_asym.id 
_struct_asym.pdbx_blank_PDB_chainid_flag 
_struct_asym.pdbx_modified 
_struct_asym.entity_id 
_struct_asym.details 
A N N 1 ? 
B N N 1 ? 
C N N 2 ? 
D N N 3 ? 
E N N 3 ? 
F N N 3 ? 
# 
loop_
_struct_ref.id 
_struct_ref.db_name 
_struct_ref.db_code 
_struct_ref.entity_id 
_struct_ref.pdbx_db_accession 
_struct_ref.pdbx_align_begin 
_struct_ref.pdbx_seq_one_letter_code 
_struct_ref.pdbx_db_isoform 
1 UNP POL_HV2RO 1 P04584 1 
;TGRFFRTGPLGKEAPQLPRGPSSAGADTNSTPSGSSSGSTGEIYAAREKTERAERETIQGSDRGLTAPRAGGDTIQGATN
RGLAAPQFSLWKRPVVTAYIEGQPVEVLLDTGADDSIVAGIELGNNYSPKIVGGIGGFINTKEYKNVEIEVLNKKVRATI
MTGDTPINIFGRNILTALGMSLNLPVAKVEPIKIMLKPGKDGPKLRQWPLTKEKIEALKEICEKMEKEGQLEEAPPTNPY
NTPTFAIKKKDKNKWRMLIDFRELNKVTQDFTEIQLGIPHPAGLAKKRRITVLDVGDAYFSIPLHEDFRPYTAFTLPSVN
NAEPGKRYIYKVLPQGWKGSPAIFQHTMRQVLEPFRKANKDVIIIQYMDDILIASDRTDLEHDRVVLQLKELLNGLGFST
PDEKFQKDPPYHWMGYELWPTKWKLQKIQLPQKEIWTVNDIQKLVGVLNWAAQLYPGIKTKHLCRLIRGKMTLTEEVQWT
ELAEAELEENRIILSQEQEGHYYQEEKELEATVQKDQENQWTYKIHQEEKILKVGKYAKVKNTHTNGIRLLAQVVQKIGK
EALVIWGRIPKFHLPVEREIWEQWWDNYWQVTWIPDWDFVSTPPLVRLAFNLVGDPIPGAETFYTDGSCNRQSKEGKAGY
VTDRGKDKVKKLEQTTNQQAELEAFAMALTDSGPKVNIIVDSQYVMGISASQPTESESKIVNQIIEEMIKKEAIYVAWVP
AHKGIGGNQEVDHLVSQGIRQVLFLEKIEPAQEEHEKYHSNVKELSHKFGIPNLVARQIVNSCAQCQQKGEAIHGQVNAE
LGTWQMDCTHLEGKIIIVAVHVASGFIEAEVIPQESGRQTALFLLKLASRWPITHLHTDNGANFTSQEVKMVAWWIGIEQ
SFGVPYNPQSQGVVEAMNHHLKNQISRIREQANTIETIVLMAIHCMNFKRRGGIGDMTPSERLINMITTEQEIQFLQAKN
SKLKDFRVYFREGRDQLWKGPGELLWKGEGAVLVKVGTDIKIIPRRKAKIIRDYGGRQEMDSGSHLEGAREDGEMA
;
? 
2 PDB 2HPF      2 2HPF   ? ? ? 
# 
loop_
_struct_ref_seq.align_id 
_struct_ref_seq.ref_id 
_struct_ref_seq.pdbx_PDB_id_code 
_struct_ref_seq.pdbx_strand_id 
_struct_ref_seq.seq_align_beg 
_struct_ref_seq.pdbx_seq_align_beg_ins_code 
_struct_ref_seq.seq_align_end 
_struct_ref_seq.pdbx_seq_align_end_ins_code 
_struct_ref_seq.pdbx_db_accession 
_struct_ref_seq.db_align_beg 
_struct_ref_seq.pdbx_db_align_beg_ins_code 
_struct_ref_seq.db_align_end 
_struct_ref_seq.pdbx_db_align_end_ins_code 
_struct_ref_seq.pdbx_auth_seq_align_beg 
_struct_ref_seq.pdbx_auth_seq_align_end 
1 1 2HPF A 1 ? 99 ? P04584 86 ? 184 ? 1 99 
2 1 2HPF B 1 ? 99 ? P04584 86 ? 184 ? 1 99 
3 2 2HPF S 1 ? 8  ? 2HPF   1  ? 8   ? 1 8  
# 
loop_
_struct_ref_seq_dif.align_id 
_struct_ref_seq_dif.pdbx_pdb_id_code 
_struct_ref_seq_dif.mon_id 
_struct_ref_seq_dif.pdbx_pdb_strand_id 
_struct_ref_seq_dif.seq_num 
_struct_ref_seq_dif.pdbx_pdb_ins_code 
_struct_ref_seq_dif.pdbx_seq_db_name 
_struct_ref_seq_dif.pdbx_seq_db_accession_code 
_struct_ref_seq_dif.db_mon_id 
_struct_ref_seq_dif.pdbx_seq_db_seq_num 
_struct_ref_seq_dif.details 
_struct_ref_seq_dif.pdbx_auth_seq_num 
_struct_ref_seq_dif.pdbx_ordinal 
1 2HPF LEU A 57 ? UNP P04584 LYS 142 conflict 57 1 
2 2HPF LEU B 57 ? UNP P04584 LYS 142 conflict 57 2 
# 
_pdbx_struct_assembly.id                   1 
_pdbx_struct_assembly.details              author_and_software_defined_assembly 
_pdbx_struct_assembly.method_details       PQS 
_pdbx_struct_assembly.oligomeric_details   trimeric 
_pdbx_struct_assembly.oligomeric_count     3 
# 
_pdbx_struct_assembly_gen.assembly_id       1 
_pdbx_struct_assembly_gen.oper_expression   1 
_pdbx_struct_assembly_gen.asym_id_list      A,B,C,D,E,F 
# 
_pdbx_struct_oper_list.id                   1 
_pdbx_struct_oper_list.type                 'identity operation' 
_pdbx_struct_oper_list.name                 1_555 
_pdbx_struct_oper_list.symmetry_operation   x,y,z 
_pdbx_struct_oper_list.matrix[1][1]         1.0000000000 
_pdbx_struct_oper_list.matrix[1][2]         0.0000000000 
_pdbx_struct_oper_list.matrix[1][3]         0.0000000000 
_pdbx_struct_oper_list.vector[1]            0.0000000000 
_pdbx_struct_oper_list.matrix[2][1]         0.0000000000 
_pdbx_struct_oper_list.matrix[2][2]         1.0000000000 
_pdbx_struct_oper_list.matrix[2][3]         0.0000000000 
_pdbx_struct_oper_list.vector[2]            0.0000000000 
_pdbx_struct_oper_list.matrix[3][1]         0.0000000000 
_pdbx_struct_oper_list.matrix[3][2]         0.0000000000 
_pdbx_struct_oper_list.matrix[3][3]         1.0000000000 
_pdbx_struct_oper_list.vector[3]            0.0000000000 
# 
_struct_biol.id        1 
_struct_biol.details   ? 
# 
loop_
_struct_conf.conf_type_id 
_struct_conf.id 
_struct_conf.pdbx_PDB_helix_id 
_struct_conf.beg_label_comp_id 
_struct_conf.beg_label_asym_id 
_struct_conf.beg_label_seq_id 
_struct_conf.pdbx_beg_PDB_ins_code 
_struct_conf.end_label_comp_id 
_struct_conf.end_label_asym_id 
_struct_conf.end_label_seq_id 
_struct_conf.pdbx_end_PDB_ins_code 
_struct_conf.beg_auth_comp_id 
_struct_conf.beg_auth_asym_id 
_struct_conf.beg_auth_seq_id 
_struct_conf.end_auth_comp_id 
_struct_conf.end_auth_asym_id 
_struct_conf.end_auth_seq_id 
_struct_conf.pdbx_PDB_helix_class 
_struct_conf.details 
_struct_conf.pdbx_PDB_helix_length 
HELX_P HELX_P1 A1 GLY A 86 ? LEU A 93 ? GLY A 86 LEU A 93 1 ? 8 
HELX_P HELX_P2 B1 GLY B 86 ? LEU B 93 ? GLY B 86 LEU B 93 1 ? 8 
# 
_struct_conf_type.id          HELX_P 
_struct_conf_type.criteria    ? 
_struct_conf_type.reference   ? 
# 
loop_
_struct_sheet.id 
_struct_sheet.type 
_struct_sheet.number_strands 
_struct_sheet.details 
B1 ? 4 ? 
B2 ? 4 ? 
B3 ? 4 ? 
# 
loop_
_struct_sheet_order.sheet_id 
_struct_sheet_order.range_id_1 
_struct_sheet_order.range_id_2 
_struct_sheet_order.offset 
_struct_sheet_order.sense 
B1 1 2 ? anti-parallel 
B1 2 3 ? anti-parallel 
B1 3 4 ? anti-parallel 
B2 1 2 ? anti-parallel 
B2 2 3 ? anti-parallel 
B2 3 4 ? anti-parallel 
B3 1 2 ? anti-parallel 
B3 2 3 ? anti-parallel 
B3 3 4 ? anti-parallel 
# 
loop_
_struct_sheet_range.sheet_id 
_struct_sheet_range.id 
_struct_sheet_range.beg_label_comp_id 
_struct_sheet_range.beg_label_asym_id 
_struct_sheet_range.beg_label_seq_id 
_struct_sheet_range.pdbx_beg_PDB_ins_code 
_struct_sheet_range.end_label_comp_id 
_struct_sheet_range.end_label_asym_id 
_struct_sheet_range.end_label_seq_id 
_struct_sheet_range.pdbx_end_PDB_ins_code 
_struct_sheet_range.beg_auth_comp_id 
_struct_sheet_range.beg_auth_asym_id 
_struct_sheet_range.beg_auth_seq_id 
_struct_sheet_range.end_auth_comp_id 
_struct_sheet_range.end_auth_asym_id 
_struct_sheet_range.end_auth_seq_id 
B1 1 PRO A 1  ? PHE A 3  ? PRO A 1  PHE A 3  
B1 2 SER B 96 ? LEU B 99 ? SER B 96 LEU B 99 
B1 3 SER A 96 ? LEU A 99 ? SER A 96 LEU A 99 
B1 4 PRO B 1  ? PHE B 3  ? PRO B 1  PHE B 3  
B2 1 GLN A 18 ? VAL A 20 ? GLN A 18 VAL A 20 
B2 2 ALA A 13 ? ILE A 15 ? ALA A 13 ILE A 15 
B2 3 GLU A 63 ? VAL A 66 ? GLU A 63 VAL A 66 
B2 4 LYS A 69 ? VAL A 71 ? LYS A 69 VAL A 71 
B3 1 GLN B 18 ? VAL B 20 ? GLN B 18 VAL B 20 
B3 2 ALA B 13 ? ILE B 15 ? ALA B 13 ILE B 15 
B3 3 GLU B 63 ? VAL B 66 ? GLU B 63 VAL B 66 
B3 4 LYS B 69 ? VAL B 71 ? LYS B 69 VAL B 71 
# 
loop_
_pdbx_struct_sheet_hbond.sheet_id 
_pdbx_struct_sheet_hbond.range_id_1 
_pdbx_struct_sheet_hbond.range_id_2 
_pdbx_struct_sheet_hbond.range_1_label_atom_id 
_pdbx_struct_sheet_hbond.range_1_label_comp_id 
_pdbx_struct_sheet_hbond.range_1_label_asym_id 
_pdbx_struct_sheet_hbond.range_1_label_seq_id 
_pdbx_struct_sheet_hbond.range_1_PDB_ins_code 
_pdbx_struct_sheet_hbond.range_1_auth_atom_id 
_pdbx_struct_sheet_hbond.range_1_auth_comp_id 
_pdbx_struct_sheet_hbond.range_1_auth_asym_id 
_pdbx_struct_sheet_hbond.range_1_auth_seq_id 
_pdbx_struct_sheet_hbond.range_2_label_atom_id 
_pdbx_struct_sheet_hbond.range_2_label_comp_id 
_pdbx_struct_sheet_hbond.range_2_label_asym_id 
_pdbx_struct_sheet_hbond.range_2_label_seq_id 
_pdbx_struct_sheet_hbond.range_2_PDB_ins_code 
_pdbx_struct_sheet_hbond.range_2_auth_atom_id 
_pdbx_struct_sheet_hbond.range_2_auth_comp_id 
_pdbx_struct_sheet_hbond.range_2_auth_asym_id 
_pdbx_struct_sheet_hbond.range_2_auth_seq_id 
B1 1 2 O PHE A 3  ? O PHE A 3  N LEU B 97 ? N LEU B 97 
B1 2 3 O ASN B 98 ? O ASN B 98 N SER A 96 ? N SER A 96 
B1 3 4 O LEU A 97 ? O LEU A 97 N PHE B 3  ? N PHE B 3  
B2 1 2 O VAL A 20 ? O VAL A 20 N ALA A 13 ? N ALA A 13 
B2 2 3 O TYR A 14 ? O TYR A 14 N GLU A 65 ? N GLU A 65 
B2 3 4 O ILE A 64 ? O ILE A 64 N VAL A 71 ? N VAL A 71 
B3 1 2 O VAL B 20 ? O VAL B 20 N ALA B 13 ? N ALA B 13 
B3 2 3 O TYR B 14 ? O TYR B 14 N GLU B 65 ? N GLU B 65 
B3 3 4 O ILE B 64 ? O ILE B 64 N VAL B 71 ? N VAL B 71 
# 
loop_
_pdbx_validate_close_contact.id 
_pdbx_validate_close_contact.PDB_model_num 
_pdbx_validate_close_contact.auth_atom_id_1 
_pdbx_validate_close_contact.auth_asym_id_1 
_pdbx_validate_close_contact.auth_comp_id_1 
_pdbx_validate_close_contact.auth_seq_id_1 
_pdbx_validate_close_contact.PDB_ins_code_1 
_pdbx_validate_close_contact.label_alt_id_1 
_pdbx_validate_close_contact.auth_atom_id_2 
_pdbx_validate_close_contact.auth_asym_id_2 
_pdbx_validate_close_contact.auth_comp_id_2 
_pdbx_validate_close_contact.auth_seq_id_2 
_pdbx_validate_close_contact.PDB_ins_code_2 
_pdbx_validate_close_contact.label_alt_id_2 
_pdbx_validate_close_contact.dist 
1 1 NE2 A GLN 2  ? ? O  A HOH 110 ? ? 1.64 
2 1 OH  B TYR 59 ? ? O  B HOH 106 ? ? 1.80 
3 1 O   B ASN 55 ? ? O  B HOH 111 ? ? 1.92 
4 1 OE1 A GLU 58 ? ? NZ A LYS 60  ? ? 2.00 
5 1 OD2 A ASP 25 ? ? O  S UNK 5   ? ? 2.03 
6 1 OG1 B THR 80 ? ? O  B ILE 82  ? ? 2.06 
7 1 O   A PRO 1  ? ? O  A HOH 129 ? ? 2.10 
8 1 OG1 A THR 26 ? ? O  B LEU 24  ? ? 2.15 
# 
_pdbx_validate_rmsd_bond.id                        1 
_pdbx_validate_rmsd_bond.PDB_model_num             1 
_pdbx_validate_rmsd_bond.auth_atom_id_1            CB 
_pdbx_validate_rmsd_bond.auth_asym_id_1            A 
_pdbx_validate_rmsd_bond.auth_comp_id_1            TYR 
_pdbx_validate_rmsd_bond.auth_seq_id_1             59 
_pdbx_validate_rmsd_bond.PDB_ins_code_1            ? 
_pdbx_validate_rmsd_bond.label_alt_id_1            ? 
_pdbx_validate_rmsd_bond.auth_atom_id_2            CG 
_pdbx_validate_rmsd_bond.auth_asym_id_2            A 
_pdbx_validate_rmsd_bond.auth_comp_id_2            TYR 
_pdbx_validate_rmsd_bond.auth_seq_id_2             59 
_pdbx_validate_rmsd_bond.PDB_ins_code_2            ? 
_pdbx_validate_rmsd_bond.label_alt_id_2            ? 
_pdbx_validate_rmsd_bond.bond_value                1.608 
_pdbx_validate_rmsd_bond.bond_target_value         1.512 
_pdbx_validate_rmsd_bond.bond_deviation            0.096 
_pdbx_validate_rmsd_bond.bond_standard_deviation   0.015 
_pdbx_validate_rmsd_bond.linker_flag               N 
# 
loop_
_pdbx_validate_rmsd_angle.id 
_pdbx_validate_rmsd_angle.PDB_model_num 
_pdbx_validate_rmsd_angle.auth_atom_id_1 
_pdbx_validate_rmsd_angle.auth_asym_id_1 
_pdbx_validate_rmsd_angle.auth_comp_id_1 
_pdbx_validate_rmsd_angle.auth_seq_id_1 
_pdbx_validate_rmsd_angle.PDB_ins_code_1 
_pdbx_validate_rmsd_angle.label_alt_id_1 
_pdbx_validate_rmsd_angle.auth_atom_id_2 
_pdbx_validate_rmsd_angle.auth_asym_id_2 
_pdbx_validate_rmsd_angle.auth_comp_id_2 
_pdbx_validate_rmsd_angle.auth_seq_id_2 
_pdbx_validate_rmsd_angle.PDB_ins_code_2 
_pdbx_validate_rmsd_angle.label_alt_id_2 
_pdbx_validate_rmsd_angle.auth_atom_id_3 
_pdbx_validate_rmsd_angle.auth_asym_id_3 
_pdbx_validate_rmsd_angle.auth_comp_id_3 
_pdbx_validate_rmsd_angle.auth_seq_id_3 
_pdbx_validate_rmsd_angle.PDB_ins_code_3 
_pdbx_validate_rmsd_angle.label_alt_id_3 
_pdbx_validate_rmsd_angle.angle_value 
_pdbx_validate_rmsd_angle.angle_target_value 
_pdbx_validate_rmsd_angle.angle_deviation 
_pdbx_validate_rmsd_angle.angle_standard_deviation 
_pdbx_validate_rmsd_angle.linker_flag 
1 1 CB A ASP 29 ? ? CG A ASP 29 ? ? OD1 A ASP 29 ? ? 124.87 118.30 6.57   0.90 N 
2 1 CB A ASP 30 ? ? CG A ASP 30 ? ? OD2 A ASP 30 ? ? 124.66 118.30 6.36   0.90 N 
3 1 N  B ASN 68 ? ? CA B ASN 68 ? ? CB  B ASN 68 ? ? 97.79  110.60 -12.81 1.80 N 
4 1 CA B VAL 71 ? ? CB B VAL 71 ? ? CG1 B VAL 71 ? ? 120.90 110.90 10.00  1.50 N 
5 1 CA B VAL 71 ? ? CB B VAL 71 ? ? CG2 B VAL 71 ? ? 121.17 110.90 10.27  1.50 N 
# 
loop_
_pdbx_validate_torsion.id 
_pdbx_validate_torsion.PDB_model_num 
_pdbx_validate_torsion.auth_comp_id 
_pdbx_validate_torsion.auth_asym_id 
_pdbx_validate_torsion.auth_seq_id 
_pdbx_validate_torsion.PDB_ins_code 
_pdbx_validate_torsion.label_alt_id 
_pdbx_validate_torsion.phi 
_pdbx_validate_torsion.psi 
1  1 GLN A 2  ? ? -172.14 147.68  
2  1 LEU A 38 ? ? -100.62 -70.33  
3  1 GLU A 58 ? ? -38.06  127.37  
4  1 ASN A 61 ? ? 69.04   66.75   
5  1 ASP A 79 ? ? -95.07  42.84   
6  1 LEU B 5  ? ? -86.15  41.94   
7  1 TRP B 6  ? ? -98.30  -63.35  
8  1 GLU B 16 ? ? 70.54   57.37   
9  1 ASP B 30 ? ? -111.38 -163.97 
10 1 VAL B 33 ? ? 179.35  106.96  
11 1 ASN B 68 ? ? 96.14   23.26   
# 
_pdbx_validate_chiral.id              1 
_pdbx_validate_chiral.PDB_model_num   1 
_pdbx_validate_chiral.auth_atom_id    CA 
_pdbx_validate_chiral.label_alt_id    ? 
_pdbx_validate_chiral.auth_asym_id    A 
_pdbx_validate_chiral.auth_comp_id    ILE 
_pdbx_validate_chiral.auth_seq_id     36 
_pdbx_validate_chiral.PDB_ins_code    ? 
_pdbx_validate_chiral.details         PLANAR 
_pdbx_validate_chiral.omega           . 
# 
loop_
_pdbx_validate_planes.id 
_pdbx_validate_planes.PDB_model_num 
_pdbx_validate_planes.auth_comp_id 
_pdbx_validate_planes.auth_asym_id 
_pdbx_validate_planes.auth_seq_id 
_pdbx_validate_planes.PDB_ins_code 
_pdbx_validate_planes.label_alt_id 
_pdbx_validate_planes.rmsd 
_pdbx_validate_planes.type 
1 1 TYR A 42 ? ? 0.105 'SIDE CHAIN' 
2 1 TYR A 59 ? ? 0.080 'SIDE CHAIN' 
3 1 TYR B 14 ? ? 0.095 'SIDE CHAIN' 
4 1 TYR B 42 ? ? 0.129 'SIDE CHAIN' 
5 1 ARG B 87 ? ? 0.087 'SIDE CHAIN' 
# 
_pdbx_validate_main_chain_plane.id                       1 
_pdbx_validate_main_chain_plane.PDB_model_num            1 
_pdbx_validate_main_chain_plane.auth_comp_id             ILE 
_pdbx_validate_main_chain_plane.auth_asym_id             B 
_pdbx_validate_main_chain_plane.auth_seq_id              64 
_pdbx_validate_main_chain_plane.PDB_ins_code             ? 
_pdbx_validate_main_chain_plane.label_alt_id             ? 
_pdbx_validate_main_chain_plane.improper_torsion_angle   -10.23 
# 
_pdbx_entry_details.entry_id                 2HPF 
_pdbx_entry_details.compound_details         ? 
_pdbx_entry_details.source_details           ? 
_pdbx_entry_details.nonpolymer_details       ? 
_pdbx_entry_details.sequence_details         
;THERE IS A PEPTIDE FRAGMENT IN THE SUBSTRATE BINDING
POCKET.  BECAUSE THE SIDE GROUPS ARE NOT KNOWN FOR CERTAIN,
THE RESIDUES HAVE ALL BEEN REPRESENTED AS "UNK".  THERE
ARE COORDINATES PRESENT FOR FOUR OR FIVE ATOMS OF EACH OF
THESE RESIDUES (EACH CORRESPONDING TO THE ATOMS OF A GLYCIN
OR ALANINE.)
;
_pdbx_entry_details.has_ligand_of_interest   ? 
# 
loop_
_chem_comp_atom.comp_id 
_chem_comp_atom.atom_id 
_chem_comp_atom.type_symbol 
_chem_comp_atom.pdbx_aromatic_flag 
_chem_comp_atom.pdbx_stereo_config 
_chem_comp_atom.pdbx_ordinal 
ALA N    N N N 1   
ALA CA   C N S 2   
ALA C    C N N 3   
ALA O    O N N 4   
ALA CB   C N N 5   
ALA OXT  O N N 6   
ALA H    H N N 7   
ALA H2   H N N 8   
ALA HA   H N N 9   
ALA HB1  H N N 10  
ALA HB2  H N N 11  
ALA HB3  H N N 12  
ALA HXT  H N N 13  
ARG N    N N N 14  
ARG CA   C N S 15  
ARG C    C N N 16  
ARG O    O N N 17  
ARG CB   C N N 18  
ARG CG   C N N 19  
ARG CD   C N N 20  
ARG NE   N N N 21  
ARG CZ   C N N 22  
ARG NH1  N N N 23  
ARG NH2  N N N 24  
ARG OXT  O N N 25  
ARG H    H N N 26  
ARG H2   H N N 27  
ARG HA   H N N 28  
ARG HB2  H N N 29  
ARG HB3  H N N 30  
ARG HG2  H N N 31  
ARG HG3  H N N 32  
ARG HD2  H N N 33  
ARG HD3  H N N 34  
ARG HE   H N N 35  
ARG HH11 H N N 36  
ARG HH12 H N N 37  
ARG HH21 H N N 38  
ARG HH22 H N N 39  
ARG HXT  H N N 40  
ASN N    N N N 41  
ASN CA   C N S 42  
ASN C    C N N 43  
ASN O    O N N 44  
ASN CB   C N N 45  
ASN CG   C N N 46  
ASN OD1  O N N 47  
ASN ND2  N N N 48  
ASN OXT  O N N 49  
ASN H    H N N 50  
ASN H2   H N N 51  
ASN HA   H N N 52  
ASN HB2  H N N 53  
ASN HB3  H N N 54  
ASN HD21 H N N 55  
ASN HD22 H N N 56  
ASN HXT  H N N 57  
ASP N    N N N 58  
ASP CA   C N S 59  
ASP C    C N N 60  
ASP O    O N N 61  
ASP CB   C N N 62  
ASP CG   C N N 63  
ASP OD1  O N N 64  
ASP OD2  O N N 65  
ASP OXT  O N N 66  
ASP H    H N N 67  
ASP H2   H N N 68  
ASP HA   H N N 69  
ASP HB2  H N N 70  
ASP HB3  H N N 71  
ASP HD2  H N N 72  
ASP HXT  H N N 73  
GLN N    N N N 74  
GLN CA   C N S 75  
GLN C    C N N 76  
GLN O    O N N 77  
GLN CB   C N N 78  
GLN CG   C N N 79  
GLN CD   C N N 80  
GLN OE1  O N N 81  
GLN NE2  N N N 82  
GLN OXT  O N N 83  
GLN H    H N N 84  
GLN H2   H N N 85  
GLN HA   H N N 86  
GLN HB2  H N N 87  
GLN HB3  H N N 88  
GLN HG2  H N N 89  
GLN HG3  H N N 90  
GLN HE21 H N N 91  
GLN HE22 H N N 92  
GLN HXT  H N N 93  
GLU N    N N N 94  
GLU CA   C N S 95  
GLU C    C N N 96  
GLU O    O N N 97  
GLU CB   C N N 98  
GLU CG   C N N 99  
GLU CD   C N N 100 
GLU OE1  O N N 101 
GLU OE2  O N N 102 
GLU OXT  O N N 103 
GLU H    H N N 104 
GLU H2   H N N 105 
GLU HA   H N N 106 
GLU HB2  H N N 107 
GLU HB3  H N N 108 
GLU HG2  H N N 109 
GLU HG3  H N N 110 
GLU HE2  H N N 111 
GLU HXT  H N N 112 
GLY N    N N N 113 
GLY CA   C N N 114 
GLY C    C N N 115 
GLY O    O N N 116 
GLY OXT  O N N 117 
GLY H    H N N 118 
GLY H2   H N N 119 
GLY HA2  H N N 120 
GLY HA3  H N N 121 
GLY HXT  H N N 122 
HOH O    O N N 123 
HOH H1   H N N 124 
HOH H2   H N N 125 
ILE N    N N N 126 
ILE CA   C N S 127 
ILE C    C N N 128 
ILE O    O N N 129 
ILE CB   C N S 130 
ILE CG1  C N N 131 
ILE CG2  C N N 132 
ILE CD1  C N N 133 
ILE OXT  O N N 134 
ILE H    H N N 135 
ILE H2   H N N 136 
ILE HA   H N N 137 
ILE HB   H N N 138 
ILE HG12 H N N 139 
ILE HG13 H N N 140 
ILE HG21 H N N 141 
ILE HG22 H N N 142 
ILE HG23 H N N 143 
ILE HD11 H N N 144 
ILE HD12 H N N 145 
ILE HD13 H N N 146 
ILE HXT  H N N 147 
LEU N    N N N 148 
LEU CA   C N S 149 
LEU C    C N N 150 
LEU O    O N N 151 
LEU CB   C N N 152 
LEU CG   C N N 153 
LEU CD1  C N N 154 
LEU CD2  C N N 155 
LEU OXT  O N N 156 
LEU H    H N N 157 
LEU H2   H N N 158 
LEU HA   H N N 159 
LEU HB2  H N N 160 
LEU HB3  H N N 161 
LEU HG   H N N 162 
LEU HD11 H N N 163 
LEU HD12 H N N 164 
LEU HD13 H N N 165 
LEU HD21 H N N 166 
LEU HD22 H N N 167 
LEU HD23 H N N 168 
LEU HXT  H N N 169 
LYS N    N N N 170 
LYS CA   C N S 171 
LYS C    C N N 172 
LYS O    O N N 173 
LYS CB   C N N 174 
LYS CG   C N N 175 
LYS CD   C N N 176 
LYS CE   C N N 177 
LYS NZ   N N N 178 
LYS OXT  O N N 179 
LYS H    H N N 180 
LYS H2   H N N 181 
LYS HA   H N N 182 
LYS HB2  H N N 183 
LYS HB3  H N N 184 
LYS HG2  H N N 185 
LYS HG3  H N N 186 
LYS HD2  H N N 187 
LYS HD3  H N N 188 
LYS HE2  H N N 189 
LYS HE3  H N N 190 
LYS HZ1  H N N 191 
LYS HZ2  H N N 192 
LYS HZ3  H N N 193 
LYS HXT  H N N 194 
MET N    N N N 195 
MET CA   C N S 196 
MET C    C N N 197 
MET O    O N N 198 
MET CB   C N N 199 
MET CG   C N N 200 
MET SD   S N N 201 
MET CE   C N N 202 
MET OXT  O N N 203 
MET H    H N N 204 
MET H2   H N N 205 
MET HA   H N N 206 
MET HB2  H N N 207 
MET HB3  H N N 208 
MET HG2  H N N 209 
MET HG3  H N N 210 
MET HE1  H N N 211 
MET HE2  H N N 212 
MET HE3  H N N 213 
MET HXT  H N N 214 
PHE N    N N N 215 
PHE CA   C N S 216 
PHE C    C N N 217 
PHE O    O N N 218 
PHE CB   C N N 219 
PHE CG   C Y N 220 
PHE CD1  C Y N 221 
PHE CD2  C Y N 222 
PHE CE1  C Y N 223 
PHE CE2  C Y N 224 
PHE CZ   C Y N 225 
PHE OXT  O N N 226 
PHE H    H N N 227 
PHE H2   H N N 228 
PHE HA   H N N 229 
PHE HB2  H N N 230 
PHE HB3  H N N 231 
PHE HD1  H N N 232 
PHE HD2  H N N 233 
PHE HE1  H N N 234 
PHE HE2  H N N 235 
PHE HZ   H N N 236 
PHE HXT  H N N 237 
PRO N    N N N 238 
PRO CA   C N S 239 
PRO C    C N N 240 
PRO O    O N N 241 
PRO CB   C N N 242 
PRO CG   C N N 243 
PRO CD   C N N 244 
PRO OXT  O N N 245 
PRO H    H N N 246 
PRO HA   H N N 247 
PRO HB2  H N N 248 
PRO HB3  H N N 249 
PRO HG2  H N N 250 
PRO HG3  H N N 251 
PRO HD2  H N N 252 
PRO HD3  H N N 253 
PRO HXT  H N N 254 
SER N    N N N 255 
SER CA   C N S 256 
SER C    C N N 257 
SER O    O N N 258 
SER CB   C N N 259 
SER OG   O N N 260 
SER OXT  O N N 261 
SER H    H N N 262 
SER H2   H N N 263 
SER HA   H N N 264 
SER HB2  H N N 265 
SER HB3  H N N 266 
SER HG   H N N 267 
SER HXT  H N N 268 
THR N    N N N 269 
THR CA   C N S 270 
THR C    C N N 271 
THR O    O N N 272 
THR CB   C N R 273 
THR OG1  O N N 274 
THR CG2  C N N 275 
THR OXT  O N N 276 
THR H    H N N 277 
THR H2   H N N 278 
THR HA   H N N 279 
THR HB   H N N 280 
THR HG1  H N N 281 
THR HG21 H N N 282 
THR HG22 H N N 283 
THR HG23 H N N 284 
THR HXT  H N N 285 
TRP N    N N N 286 
TRP CA   C N S 287 
TRP C    C N N 288 
TRP O    O N N 289 
TRP CB   C N N 290 
TRP CG   C Y N 291 
TRP CD1  C Y N 292 
TRP CD2  C Y N 293 
TRP NE1  N Y N 294 
TRP CE2  C Y N 295 
TRP CE3  C Y N 296 
TRP CZ2  C Y N 297 
TRP CZ3  C Y N 298 
TRP CH2  C Y N 299 
TRP OXT  O N N 300 
TRP H    H N N 301 
TRP H2   H N N 302 
TRP HA   H N N 303 
TRP HB2  H N N 304 
TRP HB3  H N N 305 
TRP HD1  H N N 306 
TRP HE1  H N N 307 
TRP HE3  H N N 308 
TRP HZ2  H N N 309 
TRP HZ3  H N N 310 
TRP HH2  H N N 311 
TRP HXT  H N N 312 
TYR N    N N N 313 
TYR CA   C N S 314 
TYR C    C N N 315 
TYR O    O N N 316 
TYR CB   C N N 317 
TYR CG   C Y N 318 
TYR CD1  C Y N 319 
TYR CD2  C Y N 320 
TYR CE1  C Y N 321 
TYR CE2  C Y N 322 
TYR CZ   C Y N 323 
TYR OH   O N N 324 
TYR OXT  O N N 325 
TYR H    H N N 326 
TYR H2   H N N 327 
TYR HA   H N N 328 
TYR HB2  H N N 329 
TYR HB3  H N N 330 
TYR HD1  H N N 331 
TYR HD2  H N N 332 
TYR HE1  H N N 333 
TYR HE2  H N N 334 
TYR HH   H N N 335 
TYR HXT  H N N 336 
VAL N    N N N 337 
VAL CA   C N S 338 
VAL C    C N N 339 
VAL O    O N N 340 
VAL CB   C N N 341 
VAL CG1  C N N 342 
VAL CG2  C N N 343 
VAL OXT  O N N 344 
VAL H    H N N 345 
VAL H2   H N N 346 
VAL HA   H N N 347 
VAL HB   H N N 348 
VAL HG11 H N N 349 
VAL HG12 H N N 350 
VAL HG13 H N N 351 
VAL HG21 H N N 352 
VAL HG22 H N N 353 
VAL HG23 H N N 354 
VAL HXT  H N N 355 
# 
loop_
_chem_comp_bond.comp_id 
_chem_comp_bond.atom_id_1 
_chem_comp_bond.atom_id_2 
_chem_comp_bond.value_order 
_chem_comp_bond.pdbx_aromatic_flag 
_chem_comp_bond.pdbx_stereo_config 
_chem_comp_bond.pdbx_ordinal 
ALA N   CA   sing N N 1   
ALA N   H    sing N N 2   
ALA N   H2   sing N N 3   
ALA CA  C    sing N N 4   
ALA CA  CB   sing N N 5   
ALA CA  HA   sing N N 6   
ALA C   O    doub N N 7   
ALA C   OXT  sing N N 8   
ALA CB  HB1  sing N N 9   
ALA CB  HB2  sing N N 10  
ALA CB  HB3  sing N N 11  
ALA OXT HXT  sing N N 12  
ARG N   CA   sing N N 13  
ARG N   H    sing N N 14  
ARG N   H2   sing N N 15  
ARG CA  C    sing N N 16  
ARG CA  CB   sing N N 17  
ARG CA  HA   sing N N 18  
ARG C   O    doub N N 19  
ARG C   OXT  sing N N 20  
ARG CB  CG   sing N N 21  
ARG CB  HB2  sing N N 22  
ARG CB  HB3  sing N N 23  
ARG CG  CD   sing N N 24  
ARG CG  HG2  sing N N 25  
ARG CG  HG3  sing N N 26  
ARG CD  NE   sing N N 27  
ARG CD  HD2  sing N N 28  
ARG CD  HD3  sing N N 29  
ARG NE  CZ   sing N N 30  
ARG NE  HE   sing N N 31  
ARG CZ  NH1  sing N N 32  
ARG CZ  NH2  doub N N 33  
ARG NH1 HH11 sing N N 34  
ARG NH1 HH12 sing N N 35  
ARG NH2 HH21 sing N N 36  
ARG NH2 HH22 sing N N 37  
ARG OXT HXT  sing N N 38  
ASN N   CA   sing N N 39  
ASN N   H    sing N N 40  
ASN N   H2   sing N N 41  
ASN CA  C    sing N N 42  
ASN CA  CB   sing N N 43  
ASN CA  HA   sing N N 44  
ASN C   O    doub N N 45  
ASN C   OXT  sing N N 46  
ASN CB  CG   sing N N 47  
ASN CB  HB2  sing N N 48  
ASN CB  HB3  sing N N 49  
ASN CG  OD1  doub N N 50  
ASN CG  ND2  sing N N 51  
ASN ND2 HD21 sing N N 52  
ASN ND2 HD22 sing N N 53  
ASN OXT HXT  sing N N 54  
ASP N   CA   sing N N 55  
ASP N   H    sing N N 56  
ASP N   H2   sing N N 57  
ASP CA  C    sing N N 58  
ASP CA  CB   sing N N 59  
ASP CA  HA   sing N N 60  
ASP C   O    doub N N 61  
ASP C   OXT  sing N N 62  
ASP CB  CG   sing N N 63  
ASP CB  HB2  sing N N 64  
ASP CB  HB3  sing N N 65  
ASP CG  OD1  doub N N 66  
ASP CG  OD2  sing N N 67  
ASP OD2 HD2  sing N N 68  
ASP OXT HXT  sing N N 69  
GLN N   CA   sing N N 70  
GLN N   H    sing N N 71  
GLN N   H2   sing N N 72  
GLN CA  C    sing N N 73  
GLN CA  CB   sing N N 74  
GLN CA  HA   sing N N 75  
GLN C   O    doub N N 76  
GLN C   OXT  sing N N 77  
GLN CB  CG   sing N N 78  
GLN CB  HB2  sing N N 79  
GLN CB  HB3  sing N N 80  
GLN CG  CD   sing N N 81  
GLN CG  HG2  sing N N 82  
GLN CG  HG3  sing N N 83  
GLN CD  OE1  doub N N 84  
GLN CD  NE2  sing N N 85  
GLN NE2 HE21 sing N N 86  
GLN NE2 HE22 sing N N 87  
GLN OXT HXT  sing N N 88  
GLU N   CA   sing N N 89  
GLU N   H    sing N N 90  
GLU N   H2   sing N N 91  
GLU CA  C    sing N N 92  
GLU CA  CB   sing N N 93  
GLU CA  HA   sing N N 94  
GLU C   O    doub N N 95  
GLU C   OXT  sing N N 96  
GLU CB  CG   sing N N 97  
GLU CB  HB2  sing N N 98  
GLU CB  HB3  sing N N 99  
GLU CG  CD   sing N N 100 
GLU CG  HG2  sing N N 101 
GLU CG  HG3  sing N N 102 
GLU CD  OE1  doub N N 103 
GLU CD  OE2  sing N N 104 
GLU OE2 HE2  sing N N 105 
GLU OXT HXT  sing N N 106 
GLY N   CA   sing N N 107 
GLY N   H    sing N N 108 
GLY N   H2   sing N N 109 
GLY CA  C    sing N N 110 
GLY CA  HA2  sing N N 111 
GLY CA  HA3  sing N N 112 
GLY C   O    doub N N 113 
GLY C   OXT  sing N N 114 
GLY OXT HXT  sing N N 115 
HOH O   H1   sing N N 116 
HOH O   H2   sing N N 117 
ILE N   CA   sing N N 118 
ILE N   H    sing N N 119 
ILE N   H2   sing N N 120 
ILE CA  C    sing N N 121 
ILE CA  CB   sing N N 122 
ILE CA  HA   sing N N 123 
ILE C   O    doub N N 124 
ILE C   OXT  sing N N 125 
ILE CB  CG1  sing N N 126 
ILE CB  CG2  sing N N 127 
ILE CB  HB   sing N N 128 
ILE CG1 CD1  sing N N 129 
ILE CG1 HG12 sing N N 130 
ILE CG1 HG13 sing N N 131 
ILE CG2 HG21 sing N N 132 
ILE CG2 HG22 sing N N 133 
ILE CG2 HG23 sing N N 134 
ILE CD1 HD11 sing N N 135 
ILE CD1 HD12 sing N N 136 
ILE CD1 HD13 sing N N 137 
ILE OXT HXT  sing N N 138 
LEU N   CA   sing N N 139 
LEU N   H    sing N N 140 
LEU N   H2   sing N N 141 
LEU CA  C    sing N N 142 
LEU CA  CB   sing N N 143 
LEU CA  HA   sing N N 144 
LEU C   O    doub N N 145 
LEU C   OXT  sing N N 146 
LEU CB  CG   sing N N 147 
LEU CB  HB2  sing N N 148 
LEU CB  HB3  sing N N 149 
LEU CG  CD1  sing N N 150 
LEU CG  CD2  sing N N 151 
LEU CG  HG   sing N N 152 
LEU CD1 HD11 sing N N 153 
LEU CD1 HD12 sing N N 154 
LEU CD1 HD13 sing N N 155 
LEU CD2 HD21 sing N N 156 
LEU CD2 HD22 sing N N 157 
LEU CD2 HD23 sing N N 158 
LEU OXT HXT  sing N N 159 
LYS N   CA   sing N N 160 
LYS N   H    sing N N 161 
LYS N   H2   sing N N 162 
LYS CA  C    sing N N 163 
LYS CA  CB   sing N N 164 
LYS CA  HA   sing N N 165 
LYS C   O    doub N N 166 
LYS C   OXT  sing N N 167 
LYS CB  CG   sing N N 168 
LYS CB  HB2  sing N N 169 
LYS CB  HB3  sing N N 170 
LYS CG  CD   sing N N 171 
LYS CG  HG2  sing N N 172 
LYS CG  HG3  sing N N 173 
LYS CD  CE   sing N N 174 
LYS CD  HD2  sing N N 175 
LYS CD  HD3  sing N N 176 
LYS CE  NZ   sing N N 177 
LYS CE  HE2  sing N N 178 
LYS CE  HE3  sing N N 179 
LYS NZ  HZ1  sing N N 180 
LYS NZ  HZ2  sing N N 181 
LYS NZ  HZ3  sing N N 182 
LYS OXT HXT  sing N N 183 
MET N   CA   sing N N 184 
MET N   H    sing N N 185 
MET N   H2   sing N N 186 
MET CA  C    sing N N 187 
MET CA  CB   sing N N 188 
MET CA  HA   sing N N 189 
MET C   O    doub N N 190 
MET C   OXT  sing N N 191 
MET CB  CG   sing N N 192 
MET CB  HB2  sing N N 193 
MET CB  HB3  sing N N 194 
MET CG  SD   sing N N 195 
MET CG  HG2  sing N N 196 
MET CG  HG3  sing N N 197 
MET SD  CE   sing N N 198 
MET CE  HE1  sing N N 199 
MET CE  HE2  sing N N 200 
MET CE  HE3  sing N N 201 
MET OXT HXT  sing N N 202 
PHE N   CA   sing N N 203 
PHE N   H    sing N N 204 
PHE N   H2   sing N N 205 
PHE CA  C    sing N N 206 
PHE CA  CB   sing N N 207 
PHE CA  HA   sing N N 208 
PHE C   O    doub N N 209 
PHE C   OXT  sing N N 210 
PHE CB  CG   sing N N 211 
PHE CB  HB2  sing N N 212 
PHE CB  HB3  sing N N 213 
PHE CG  CD1  doub Y N 214 
PHE CG  CD2  sing Y N 215 
PHE CD1 CE1  sing Y N 216 
PHE CD1 HD1  sing N N 217 
PHE CD2 CE2  doub Y N 218 
PHE CD2 HD2  sing N N 219 
PHE CE1 CZ   doub Y N 220 
PHE CE1 HE1  sing N N 221 
PHE CE2 CZ   sing Y N 222 
PHE CE2 HE2  sing N N 223 
PHE CZ  HZ   sing N N 224 
PHE OXT HXT  sing N N 225 
PRO N   CA   sing N N 226 
PRO N   CD   sing N N 227 
PRO N   H    sing N N 228 
PRO CA  C    sing N N 229 
PRO CA  CB   sing N N 230 
PRO CA  HA   sing N N 231 
PRO C   O    doub N N 232 
PRO C   OXT  sing N N 233 
PRO CB  CG   sing N N 234 
PRO CB  HB2  sing N N 235 
PRO CB  HB3  sing N N 236 
PRO CG  CD   sing N N 237 
PRO CG  HG2  sing N N 238 
PRO CG  HG3  sing N N 239 
PRO CD  HD2  sing N N 240 
PRO CD  HD3  sing N N 241 
PRO OXT HXT  sing N N 242 
SER N   CA   sing N N 243 
SER N   H    sing N N 244 
SER N   H2   sing N N 245 
SER CA  C    sing N N 246 
SER CA  CB   sing N N 247 
SER CA  HA   sing N N 248 
SER C   O    doub N N 249 
SER C   OXT  sing N N 250 
SER CB  OG   sing N N 251 
SER CB  HB2  sing N N 252 
SER CB  HB3  sing N N 253 
SER OG  HG   sing N N 254 
SER OXT HXT  sing N N 255 
THR N   CA   sing N N 256 
THR N   H    sing N N 257 
THR N   H2   sing N N 258 
THR CA  C    sing N N 259 
THR CA  CB   sing N N 260 
THR CA  HA   sing N N 261 
THR C   O    doub N N 262 
THR C   OXT  sing N N 263 
THR CB  OG1  sing N N 264 
THR CB  CG2  sing N N 265 
THR CB  HB   sing N N 266 
THR OG1 HG1  sing N N 267 
THR CG2 HG21 sing N N 268 
THR CG2 HG22 sing N N 269 
THR CG2 HG23 sing N N 270 
THR OXT HXT  sing N N 271 
TRP N   CA   sing N N 272 
TRP N   H    sing N N 273 
TRP N   H2   sing N N 274 
TRP CA  C    sing N N 275 
TRP CA  CB   sing N N 276 
TRP CA  HA   sing N N 277 
TRP C   O    doub N N 278 
TRP C   OXT  sing N N 279 
TRP CB  CG   sing N N 280 
TRP CB  HB2  sing N N 281 
TRP CB  HB3  sing N N 282 
TRP CG  CD1  doub Y N 283 
TRP CG  CD2  sing Y N 284 
TRP CD1 NE1  sing Y N 285 
TRP CD1 HD1  sing N N 286 
TRP CD2 CE2  doub Y N 287 
TRP CD2 CE3  sing Y N 288 
TRP NE1 CE2  sing Y N 289 
TRP NE1 HE1  sing N N 290 
TRP CE2 CZ2  sing Y N 291 
TRP CE3 CZ3  doub Y N 292 
TRP CE3 HE3  sing N N 293 
TRP CZ2 CH2  doub Y N 294 
TRP CZ2 HZ2  sing N N 295 
TRP CZ3 CH2  sing Y N 296 
TRP CZ3 HZ3  sing N N 297 
TRP CH2 HH2  sing N N 298 
TRP OXT HXT  sing N N 299 
TYR N   CA   sing N N 300 
TYR N   H    sing N N 301 
TYR N   H2   sing N N 302 
TYR CA  C    sing N N 303 
TYR CA  CB   sing N N 304 
TYR CA  HA   sing N N 305 
TYR C   O    doub N N 306 
TYR C   OXT  sing N N 307 
TYR CB  CG   sing N N 308 
TYR CB  HB2  sing N N 309 
TYR CB  HB3  sing N N 310 
TYR CG  CD1  doub Y N 311 
TYR CG  CD2  sing Y N 312 
TYR CD1 CE1  sing Y N 313 
TYR CD1 HD1  sing N N 314 
TYR CD2 CE2  doub Y N 315 
TYR CD2 HD2  sing N N 316 
TYR CE1 CZ   doub Y N 317 
TYR CE1 HE1  sing N N 318 
TYR CE2 CZ   sing Y N 319 
TYR CE2 HE2  sing N N 320 
TYR CZ  OH   sing N N 321 
TYR OH  HH   sing N N 322 
TYR OXT HXT  sing N N 323 
VAL N   CA   sing N N 324 
VAL N   H    sing N N 325 
VAL N   H2   sing N N 326 
VAL CA  C    sing N N 327 
VAL CA  CB   sing N N 328 
VAL CA  HA   sing N N 329 
VAL C   O    doub N N 330 
VAL C   OXT  sing N N 331 
VAL CB  CG1  sing N N 332 
VAL CB  CG2  sing N N 333 
VAL CB  HB   sing N N 334 
VAL CG1 HG11 sing N N 335 
VAL CG1 HG12 sing N N 336 
VAL CG1 HG13 sing N N 337 
VAL CG2 HG21 sing N N 338 
VAL CG2 HG22 sing N N 339 
VAL CG2 HG23 sing N N 340 
VAL OXT HXT  sing N N 341 
# 
_atom_sites.entry_id                    2HPF 
_atom_sites.fract_transf_matrix[1][1]   0.00924649 
_atom_sites.fract_transf_matrix[1][2]   0.00755916 
_atom_sites.fract_transf_matrix[1][3]   -0.00805022 
_atom_sites.fract_transf_matrix[2][1]   0.00715715 
_atom_sites.fract_transf_matrix[2][2]   0.01109560 
_atom_sites.fract_transf_matrix[2][3]   0.00575407 
_atom_sites.fract_transf_matrix[3][1]   0.01039263 
_atom_sites.fract_transf_matrix[3][2]   -0.00867148 
_atom_sites.fract_transf_matrix[3][3]   0.00379446 
_atom_sites.fract_transf_vector[1]      0.462722 
_atom_sites.fract_transf_vector[2]      0.152633 
_atom_sites.fract_transf_vector[3]      0.008182 
# 
loop_
_atom_type.symbol 
C 
N 
O 
S 
# 
loop_
_atom_site.group_PDB 
_atom_site.id 
_atom_site.type_symbol 
_atom_site.label_atom_id 
_atom_site.label_alt_id 
_atom_site.label_comp_id 
_atom_site.label_asym_id 
_atom_site.label_entity_id 
_atom_site.label_seq_id 
_atom_site.pdbx_PDB_ins_code 
_atom_site.Cartn_x 
_atom_site.Cartn_y 
_atom_site.Cartn_z 
_atom_site.occupancy 
_atom_site.B_iso_or_equiv 
_atom_site.pdbx_formal_charge 
_atom_site.auth_seq_id 
_atom_site.auth_comp_id 
_atom_site.auth_asym_id 
_atom_site.auth_atom_id 
_atom_site.pdbx_PDB_model_num 
ATOM   1    N N   . PRO A 1 1  ? -10.896 -4.721  -16.050 1.00 12.60 ? 1   PRO A N   1 
ATOM   2    C CA  . PRO A 1 1  ? -10.808 -5.738  -14.985 1.00 25.10 ? 1   PRO A CA  1 
ATOM   3    C C   . PRO A 1 1  ? -11.343 -5.221  -13.651 1.00 42.70 ? 1   PRO A C   1 
ATOM   4    O O   . PRO A 1 1  ? -12.103 -4.252  -13.534 1.00 49.60 ? 1   PRO A O   1 
ATOM   5    C CB  . PRO A 1 1  ? -9.303  -6.061  -14.814 1.00 19.50 ? 1   PRO A CB  1 
ATOM   6    C CG  . PRO A 1 1  ? -8.617  -4.740  -15.075 1.00 12.70 ? 1   PRO A CG  1 
ATOM   7    C CD  . PRO A 1 1  ? -9.541  -4.080  -16.142 1.00 9.40  ? 1   PRO A CD  1 
ATOM   8    N N   . GLN A 1 2  ? -10.845 -5.901  -12.653 1.00 38.50 ? 2   GLN A N   1 
ATOM   9    C CA  . GLN A 1 2  ? -11.265 -5.794  -11.264 1.00 21.30 ? 2   GLN A CA  1 
ATOM   10   C C   . GLN A 1 2  ? -10.290 -6.611  -10.455 1.00 16.30 ? 2   GLN A C   1 
ATOM   11   O O   . GLN A 1 2  ? -9.648  -7.521  -10.995 1.00 8.90  ? 2   GLN A O   1 
ATOM   12   C CB  . GLN A 1 2  ? -12.670 -6.317  -11.056 1.00 22.80 ? 2   GLN A CB  1 
ATOM   13   C CG  . GLN A 1 2  ? -13.029 -6.331  -9.565  1.00 45.60 ? 2   GLN A CG  1 
ATOM   14   C CD  . GLN A 1 2  ? -14.447 -6.881  -9.296  1.00 79.00 ? 2   GLN A CD  1 
ATOM   15   O OE1 . GLN A 1 2  ? -15.123 -7.345  -10.220 1.00 79.00 ? 2   GLN A OE1 1 
ATOM   16   N NE2 . GLN A 1 2  ? -14.861 -6.827  -8.042  1.00 70.00 ? 2   GLN A NE2 1 
ATOM   17   N N   . PHE A 1 3  ? -10.092 -6.120  -9.254  1.00 26.70 ? 3   PHE A N   1 
ATOM   18   C CA  . PHE A 1 3  ? -9.139  -6.628  -8.277  1.00 26.60 ? 3   PHE A CA  1 
ATOM   19   C C   . PHE A 1 3  ? -9.840  -6.644  -6.945  1.00 21.70 ? 3   PHE A C   1 
ATOM   20   O O   . PHE A 1 3  ? -10.564 -5.724  -6.593  1.00 10.90 ? 3   PHE A O   1 
ATOM   21   C CB  . PHE A 1 3  ? -7.834  -5.801  -8.266  1.00 23.30 ? 3   PHE A CB  1 
ATOM   22   C CG  . PHE A 1 3  ? -7.048  -5.986  -9.587  1.00 15.20 ? 3   PHE A CG  1 
ATOM   23   C CD1 . PHE A 1 3  ? -7.294  -5.161  -10.683 1.00 27.80 ? 3   PHE A CD1 1 
ATOM   24   C CD2 . PHE A 1 3  ? -6.088  -7.006  -9.675  1.00 7.60  ? 3   PHE A CD2 1 
ATOM   25   C CE1 . PHE A 1 3  ? -6.564  -5.355  -11.865 1.00 35.30 ? 3   PHE A CE1 1 
ATOM   26   C CE2 . PHE A 1 3  ? -5.326  -7.155  -10.821 1.00 6.70  ? 3   PHE A CE2 1 
ATOM   27   C CZ  . PHE A 1 3  ? -5.572  -6.344  -11.931 1.00 23.00 ? 3   PHE A CZ  1 
ATOM   28   N N   . SER A 1 4  ? -9.864  -7.808  -6.377  1.00 35.00 ? 4   SER A N   1 
ATOM   29   C CA  . SER A 1 4  ? -10.420 -7.982  -5.044  1.00 36.30 ? 4   SER A CA  1 
ATOM   30   C C   . SER A 1 4  ? -9.260  -8.399  -4.206  1.00 21.70 ? 4   SER A C   1 
ATOM   31   O O   . SER A 1 4  ? -8.210  -8.859  -4.718  1.00 23.70 ? 4   SER A O   1 
ATOM   32   C CB  . SER A 1 4  ? -11.517 -9.030  -5.053  1.00 39.70 ? 4   SER A CB  1 
ATOM   33   O OG  . SER A 1 4  ? -12.484 -8.650  -6.046  1.00 37.70 ? 4   SER A OG  1 
ATOM   34   N N   . LEU A 1 5  ? -9.425  -8.125  -2.946  1.00 12.20 ? 5   LEU A N   1 
ATOM   35   C CA  . LEU A 1 5  ? -8.248  -8.019  -2.111  1.00 12.40 ? 5   LEU A CA  1 
ATOM   36   C C   . LEU A 1 5  ? -8.178  -9.145  -1.070  1.00 8.20  ? 5   LEU A C   1 
ATOM   37   O O   . LEU A 1 5  ? -7.485  -9.105  -0.056  1.00 8.80  ? 5   LEU A O   1 
ATOM   38   C CB  . LEU A 1 5  ? -8.055  -6.582  -1.612  1.00 16.00 ? 5   LEU A CB  1 
ATOM   39   C CG  . LEU A 1 5  ? -8.126  -5.541  -2.783  1.00 8.00  ? 5   LEU A CG  1 
ATOM   40   C CD1 . LEU A 1 5  ? -9.006  -4.293  -2.466  1.00 4.00  ? 5   LEU A CD1 1 
ATOM   41   C CD2 . LEU A 1 5  ? -6.780  -5.213  -3.485  1.00 4.00  ? 5   LEU A CD2 1 
ATOM   42   N N   . TRP A 1 6  ? -8.684  -10.256 -1.487  1.00 4.40  ? 6   TRP A N   1 
ATOM   43   C CA  . TRP A 1 6  ? -8.506  -11.497 -0.759  1.00 4.30  ? 6   TRP A CA  1 
ATOM   44   C C   . TRP A 1 6  ? -7.179  -12.055 -1.134  1.00 3.90  ? 6   TRP A C   1 
ATOM   45   O O   . TRP A 1 6  ? -6.615  -12.834 -0.351  1.00 3.90  ? 6   TRP A O   1 
ATOM   46   C CB  . TRP A 1 6  ? -9.542  -12.464 -1.250  1.00 8.60  ? 6   TRP A CB  1 
ATOM   47   C CG  . TRP A 1 6  ? -10.954 -11.874 -1.148  1.00 13.90 ? 6   TRP A CG  1 
ATOM   48   C CD1 . TRP A 1 6  ? -11.613 -11.176 -2.078  1.00 9.60  ? 6   TRP A CD1 1 
ATOM   49   C CD2 . TRP A 1 6  ? -11.803 -11.976 -0.003  1.00 22.90 ? 6   TRP A CD2 1 
ATOM   50   N NE1 . TRP A 1 6  ? -12.866 -10.789 -1.493  1.00 14.40 ? 6   TRP A NE1 1 
ATOM   51   C CE2 . TRP A 1 6  ? -12.987 -11.329 -0.312  1.00 21.20 ? 6   TRP A CE2 1 
ATOM   52   C CE3 . TRP A 1 6  ? -11.687 -12.616 1.233   1.00 23.30 ? 6   TRP A CE3 1 
ATOM   53   C CZ2 . TRP A 1 6  ? -14.068 -11.282 0.572   1.00 18.10 ? 6   TRP A CZ2 1 
ATOM   54   C CZ3 . TRP A 1 6  ? -12.839 -12.662 2.060   1.00 15.70 ? 6   TRP A CZ3 1 
ATOM   55   C CH2 . TRP A 1 6  ? -13.975 -12.012 1.750   1.00 13.80 ? 6   TRP A CH2 1 
ATOM   56   N N   . LYS A 1 7  ? -6.785  -11.719 -2.371  1.00 6.60  ? 7   LYS A N   1 
ATOM   57   C CA  . LYS A 1 7  ? -5.413  -11.887 -2.922  1.00 13.20 ? 7   LYS A CA  1 
ATOM   58   C C   . LYS A 1 7  ? -4.882  -10.509 -3.108  1.00 18.60 ? 7   LYS A C   1 
ATOM   59   O O   . LYS A 1 7  ? -5.667  -9.637  -3.539  1.00 15.00 ? 7   LYS A O   1 
ATOM   60   C CB  . LYS A 1 7  ? -5.401  -12.419 -4.365  1.00 13.30 ? 7   LYS A CB  1 
ATOM   61   C CG  . LYS A 1 7  ? -6.018  -13.788 -4.491  1.00 13.20 ? 7   LYS A CG  1 
ATOM   62   C CD  . LYS A 1 7  ? -5.251  -14.716 -3.550  1.00 13.00 ? 7   LYS A CD  1 
ATOM   63   C CE  . LYS A 1 7  ? -6.176  -15.494 -2.608  1.00 11.70 ? 7   LYS A CE  1 
ATOM   64   N NZ  . LYS A 1 7  ? -5.387  -16.352 -1.755  1.00 12.00 ? 7   LYS A NZ  1 
ATOM   65   N N   . ARG A 1 8  ? -3.556  -10.395 -2.958  1.00 22.00 ? 8   ARG A N   1 
ATOM   66   C CA  . ARG A 1 8  ? -2.854  -9.108  -3.201  1.00 13.90 ? 8   ARG A CA  1 
ATOM   67   C C   . ARG A 1 8  ? -2.921  -8.860  -4.694  1.00 11.10 ? 8   ARG A C   1 
ATOM   68   O O   . ARG A 1 8  ? -2.808  -9.781  -5.531  1.00 6.50  ? 8   ARG A O   1 
ATOM   69   C CB  . ARG A 1 8  ? -1.355  -9.169  -2.918  1.00 7.10  ? 8   ARG A CB  1 
ATOM   70   C CG  . ARG A 1 8  ? -0.883  -9.818  -1.618  1.00 3.90  ? 8   ARG A CG  1 
ATOM   71   C CD  . ARG A 1 8  ? 0.626   -9.788  -1.519  1.00 3.90  ? 8   ARG A CD  1 
ATOM   72   N NE  . ARG A 1 8  ? 1.080   -10.499 -0.355  1.00 3.90  ? 8   ARG A NE  1 
ATOM   73   C CZ  . ARG A 1 8  ? 2.307   -10.952 -0.231  1.00 3.90  ? 8   ARG A CZ  1 
ATOM   74   N NH1 . ARG A 1 8  ? 3.152   -10.724 -1.230  1.00 6.70  ? 8   ARG A NH1 1 
ATOM   75   N NH2 . ARG A 1 8  ? 2.717   -11.613 0.873   1.00 3.90  ? 8   ARG A NH2 1 
ATOM   76   N N   . PRO A 1 9  ? -3.069  -7.580  -5.029  1.00 15.70 ? 9   PRO A N   1 
ATOM   77   C CA  . PRO A 1 9  ? -3.192  -7.185  -6.465  1.00 11.90 ? 9   PRO A CA  1 
ATOM   78   C C   . PRO A 1 9  ? -1.797  -7.092  -7.140  1.00 19.50 ? 9   PRO A C   1 
ATOM   79   O O   . PRO A 1 9  ? -1.281  -6.033  -7.542  1.00 20.20 ? 9   PRO A O   1 
ATOM   80   C CB  . PRO A 1 9  ? -3.885  -5.833  -6.523  1.00 5.90  ? 9   PRO A CB  1 
ATOM   81   C CG  . PRO A 1 9  ? -4.438  -5.617  -5.119  1.00 10.60 ? 9   PRO A CG  1 
ATOM   82   C CD  . PRO A 1 9  ? -3.654  -6.556  -4.142  1.00 18.00 ? 9   PRO A CD  1 
ATOM   83   N N   . VAL A 1 10 ? -1.242  -8.260  -7.318  1.00 17.70 ? 10  VAL A N   1 
ATOM   84   C CA  . VAL A 1 10 ? -0.052  -8.411  -8.129  1.00 8.90  ? 10  VAL A CA  1 
ATOM   85   C C   . VAL A 1 10 ? -0.476  -8.878  -9.533  1.00 6.20  ? 10  VAL A C   1 
ATOM   86   O O   . VAL A 1 10 ? -1.546  -9.495  -9.752  1.00 3.90  ? 10  VAL A O   1 
ATOM   87   C CB  . VAL A 1 10 ? 0.924   -9.397  -7.445  1.00 4.40  ? 10  VAL A CB  1 
ATOM   88   C CG1 . VAL A 1 10 ? 2.223   -9.580  -8.196  1.00 3.90  ? 10  VAL A CG1 1 
ATOM   89   C CG2 . VAL A 1 10 ? 1.161   -9.062  -5.975  1.00 3.90  ? 10  VAL A CG2 1 
ATOM   90   N N   . VAL A 1 11 ? 0.383   -8.430  -10.449 1.00 9.20  ? 11  VAL A N   1 
ATOM   91   C CA  . VAL A 1 11 ? 0.401   -8.600  -11.934 1.00 4.80  ? 11  VAL A CA  1 
ATOM   92   C C   . VAL A 1 11 ? 1.811   -8.135  -12.509 1.00 9.50  ? 11  VAL A C   1 
ATOM   93   O O   . VAL A 1 11 ? 2.571   -7.358  -11.878 1.00 4.80  ? 11  VAL A O   1 
ATOM   94   C CB  . VAL A 1 11 ? -0.791  -7.848  -12.629 1.00 3.90  ? 11  VAL A CB  1 
ATOM   95   C CG1 . VAL A 1 11 ? -0.901  -6.360  -12.226 1.00 6.20  ? 11  VAL A CG1 1 
ATOM   96   C CG2 . VAL A 1 11 ? -0.734  -7.912  -14.167 1.00 3.90  ? 11  VAL A CG2 1 
ATOM   97   N N   . THR A 1 12 ? 2.017   -8.523  -13.784 1.00 19.10 ? 12  THR A N   1 
ATOM   98   C CA  . THR A 1 12 ? 3.197   -8.213  -14.648 1.00 27.90 ? 12  THR A CA  1 
ATOM   99   C C   . THR A 1 12 ? 2.967   -6.942  -15.488 1.00 21.10 ? 12  THR A C   1 
ATOM   100  O O   . THR A 1 12 ? 1.934   -6.751  -16.180 1.00 17.10 ? 12  THR A O   1 
ATOM   101  C CB  . THR A 1 12 ? 3.558   -9.390  -15.567 1.00 14.00 ? 12  THR A CB  1 
ATOM   102  O OG1 . THR A 1 12 ? 3.545   -10.531 -14.805 1.00 7.00  ? 12  THR A OG1 1 
ATOM   103  C CG2 . THR A 1 12 ? 4.964   -9.266  -16.147 1.00 7.00  ? 12  THR A CG2 1 
ATOM   104  N N   . ALA A 1 13 ? 4.010   -6.137  -15.373 1.00 10.80 ? 13  ALA A N   1 
ATOM   105  C CA  . ALA A 1 13 ? 4.200   -4.907  -16.095 1.00 8.60  ? 13  ALA A CA  1 
ATOM   106  C C   . ALA A 1 13 ? 5.578   -4.974  -16.715 1.00 17.20 ? 13  ALA A C   1 
ATOM   107  O O   . ALA A 1 13 ? 6.302   -5.940  -16.477 1.00 23.80 ? 13  ALA A O   1 
ATOM   108  C CB  . ALA A 1 13 ? 4.156   -3.745  -15.128 1.00 4.80  ? 13  ALA A CB  1 
ATOM   109  N N   . TYR A 1 14 ? 5.825   -4.012  -17.591 1.00 13.70 ? 14  TYR A N   1 
ATOM   110  C CA  . TYR A 1 14 ? 6.950   -3.934  -18.504 1.00 9.40  ? 14  TYR A CA  1 
ATOM   111  C C   . TYR A 1 14 ? 7.615   -2.589  -18.378 1.00 11.30 ? 14  TYR A C   1 
ATOM   112  O O   . TYR A 1 14 ? 7.042   -1.514  -18.603 1.00 12.90 ? 14  TYR A O   1 
ATOM   113  C CB  . TYR A 1 14 ? 6.509   -4.169  -19.937 1.00 10.00 ? 14  TYR A CB  1 
ATOM   114  C CG  . TYR A 1 14 ? 6.417   -5.641  -20.169 1.00 19.70 ? 14  TYR A CG  1 
ATOM   115  C CD1 . TYR A 1 14 ? 5.309   -6.328  -19.708 1.00 35.90 ? 14  TYR A CD1 1 
ATOM   116  C CD2 . TYR A 1 14 ? 7.434   -6.308  -20.831 1.00 39.30 ? 14  TYR A CD2 1 
ATOM   117  C CE1 . TYR A 1 14 ? 5.242   -7.707  -19.863 1.00 69.90 ? 14  TYR A CE1 1 
ATOM   118  C CE2 . TYR A 1 14 ? 7.369   -7.689  -20.996 1.00 78.60 ? 14  TYR A CE2 1 
ATOM   119  C CZ  . TYR A 1 14 ? 6.276   -8.392  -20.497 1.00 79.00 ? 14  TYR A CZ  1 
ATOM   120  O OH  . TYR A 1 14 ? 6.217   -9.748  -20.622 1.00 79.00 ? 14  TYR A OH  1 
ATOM   121  N N   . ILE A 1 15 ? 8.851   -2.655  -18.015 1.00 20.50 ? 15  ILE A N   1 
ATOM   122  C CA  . ILE A 1 15 ? 9.623   -1.437  -17.876 1.00 33.10 ? 15  ILE A CA  1 
ATOM   123  C C   . ILE A 1 15 ? 10.678  -1.350  -18.994 1.00 32.40 ? 15  ILE A C   1 
ATOM   124  O O   . ILE A 1 15 ? 11.740  -1.975  -18.981 1.00 19.30 ? 15  ILE A O   1 
ATOM   125  C CB  . ILE A 1 15 ? 9.964   -1.142  -16.394 1.00 31.10 ? 15  ILE A CB  1 
ATOM   126  C CG1 . ILE A 1 15 ? 8.623   -0.775  -15.663 1.00 18.00 ? 15  ILE A CG1 1 
ATOM   127  C CG2 . ILE A 1 15 ? 11.077  -0.087  -16.231 1.00 28.20 ? 15  ILE A CG2 1 
ATOM   128  C CD1 . ILE A 1 15 ? 8.556   -1.127  -14.167 1.00 9.00  ? 15  ILE A CD1 1 
ATOM   129  N N   . GLU A 1 16 ? 10.242  -0.743  -20.077 1.00 43.00 ? 16  GLU A N   1 
ATOM   130  C CA  . GLU A 1 16 ? 11.018  -0.815  -21.295 1.00 51.40 ? 16  GLU A CA  1 
ATOM   131  C C   . GLU A 1 16 ? 11.538  -2.273  -21.408 1.00 38.80 ? 16  GLU A C   1 
ATOM   132  O O   . GLU A 1 16 ? 12.746  -2.481  -21.214 1.00 38.70 ? 16  GLU A O   1 
ATOM   133  C CB  . GLU A 1 16 ? 12.242  0.124   -21.172 1.00 74.30 ? 16  GLU A CB  1 
ATOM   134  C CG  . GLU A 1 16 ? 12.106  1.494   -21.870 1.00 79.00 ? 16  GLU A CG  1 
ATOM   135  C CD  . GLU A 1 16 ? 11.281  2.550   -21.129 1.00 59.20 ? 16  GLU A CD  1 
ATOM   136  O OE1 . GLU A 1 16 ? 11.183  2.525   -19.883 1.00 62.80 ? 16  GLU A OE1 1 
ATOM   137  O OE2 . GLU A 1 16 ? 10.710  3.447   -21.785 1.00 37.00 ? 16  GLU A OE2 1 
ATOM   138  N N   . GLY A 1 17 ? 10.625  -3.241  -21.638 1.00 27.30 ? 17  GLY A N   1 
ATOM   139  C CA  . GLY A 1 17 ? 10.955  -4.637  -22.094 1.00 17.20 ? 17  GLY A CA  1 
ATOM   140  C C   . GLY A 1 17 ? 11.049  -5.664  -20.959 1.00 26.10 ? 17  GLY A C   1 
ATOM   141  O O   . GLY A 1 17 ? 10.730  -6.861  -21.114 1.00 25.40 ? 17  GLY A O   1 
ATOM   142  N N   . GLN A 1 18 ? 11.472  -5.148  -19.818 1.00 38.50 ? 18  GLN A N   1 
ATOM   143  C CA  . GLN A 1 18 ? 11.725  -5.939  -18.605 1.00 37.00 ? 18  GLN A CA  1 
ATOM   144  C C   . GLN A 1 18 ? 10.474  -5.966  -17.803 1.00 55.30 ? 18  GLN A C   1 
ATOM   145  O O   . GLN A 1 18 ? 9.960   -4.926  -17.353 1.00 43.20 ? 18  GLN A O   1 
ATOM   146  C CB  . GLN A 1 18 ? 12.771  -5.262  -17.771 1.00 18.50 ? 18  GLN A CB  1 
ATOM   147  C CG  . GLN A 1 18 ? 13.900  -4.937  -18.702 1.00 9.30  ? 18  GLN A CG  1 
ATOM   148  C CD  . GLN A 1 18 ? 15.015  -4.197  -18.052 1.00 5.30  ? 18  GLN A CD  1 
ATOM   149  O OE1 . GLN A 1 18 ? 16.024  -4.844  -17.787 1.00 8.00  ? 18  GLN A OE1 1 
ATOM   150  N NE2 . GLN A 1 18 ? 14.848  -2.875  -17.882 1.00 3.90  ? 18  GLN A NE2 1 
ATOM   151  N N   . PRO A 1 19 ? 9.994   -7.200  -17.687 1.00 65.60 ? 19  PRO A N   1 
ATOM   152  C CA  . PRO A 1 19 ? 8.874   -7.543  -16.849 1.00 55.40 ? 19  PRO A CA  1 
ATOM   153  C C   . PRO A 1 19 ? 9.381   -7.802  -15.426 1.00 57.40 ? 19  PRO A C   1 
ATOM   154  O O   . PRO A 1 19 ? 10.548  -8.139  -15.139 1.00 41.00 ? 19  PRO A O   1 
ATOM   155  C CB  . PRO A 1 19 ? 8.219   -8.729  -17.521 1.00 27.70 ? 19  PRO A CB  1 
ATOM   156  C CG  . PRO A 1 19 ? 9.338   -9.403  -18.291 1.00 22.30 ? 19  PRO A CG  1 
ATOM   157  C CD  . PRO A 1 19 ? 10.373  -8.323  -18.569 1.00 44.70 ? 19  PRO A CD  1 
ATOM   158  N N   . VAL A 1 20 ? 8.514   -7.322  -14.582 1.00 61.20 ? 20  VAL A N   1 
ATOM   159  C CA  . VAL A 1 20 ? 8.668   -7.250  -13.150 1.00 38.70 ? 20  VAL A CA  1 
ATOM   160  C C   . VAL A 1 20 ? 7.227   -7.432  -12.689 1.00 24.90 ? 20  VAL A C   1 
ATOM   161  O O   . VAL A 1 20 ? 6.368   -6.757  -13.256 1.00 16.20 ? 20  VAL A O   1 
ATOM   162  C CB  . VAL A 1 20 ? 9.180   -5.837  -12.799 1.00 20.80 ? 20  VAL A CB  1 
ATOM   163  C CG1 . VAL A 1 20 ? 10.576  -5.488  -13.322 1.00 12.10 ? 20  VAL A CG1 1 
ATOM   164  C CG2 . VAL A 1 20 ? 8.186   -4.754  -13.151 1.00 18.00 ? 20  VAL A CG2 1 
ATOM   165  N N   . GLU A 1 21 ? 6.985   -8.490  -11.910 1.00 16.10 ? 21  GLU A N   1 
ATOM   166  C CA  . GLU A 1 21 ? 5.690   -8.802  -11.260 1.00 8.00  ? 21  GLU A CA  1 
ATOM   167  C C   . GLU A 1 21 ? 5.450   -7.811  -10.173 1.00 4.00  ? 21  GLU A C   1 
ATOM   168  O O   . GLU A 1 21 ? 6.198   -7.811  -9.205  1.00 3.90  ? 21  GLU A O   1 
ATOM   169  C CB  . GLU A 1 21 ? 5.826   -10.120 -10.509 1.00 16.10 ? 21  GLU A CB  1 
ATOM   170  C CG  . GLU A 1 21 ? 4.471   -10.350 -9.833  1.00 32.10 ? 21  GLU A CG  1 
ATOM   171  C CD  . GLU A 1 21 ? 4.505   -11.343 -8.670  1.00 64.20 ? 21  GLU A CD  1 
ATOM   172  O OE1 . GLU A 1 21 ? 5.419   -12.197 -8.594  1.00 79.00 ? 21  GLU A OE1 1 
ATOM   173  O OE2 . GLU A 1 21 ? 3.607   -11.293 -7.795  1.00 79.00 ? 21  GLU A OE2 1 
ATOM   174  N N   . VAL A 1 22 ? 4.423   -7.010  -10.296 1.00 8.00  ? 22  VAL A N   1 
ATOM   175  C CA  . VAL A 1 22 ? 4.283   -5.829  -9.389  1.00 14.80 ? 22  VAL A CA  1 
ATOM   176  C C   . VAL A 1 22 ? 3.021   -5.852  -8.459  1.00 11.10 ? 22  VAL A C   1 
ATOM   177  O O   . VAL A 1 22 ? 2.011   -6.567  -8.619  1.00 10.40 ? 22  VAL A O   1 
ATOM   178  C CB  . VAL A 1 22 ? 4.419   -4.458  -10.136 1.00 7.40  ? 22  VAL A CB  1 
ATOM   179  C CG1 . VAL A 1 22 ? 5.795   -4.281  -10.772 1.00 3.90  ? 22  VAL A CG1 1 
ATOM   180  C CG2 . VAL A 1 22 ? 3.320   -4.268  -11.179 1.00 3.90  ? 22  VAL A CG2 1 
ATOM   181  N N   . LEU A 1 23 ? 3.103   -5.031  -7.468  1.00 5.60  ? 23  LEU A N   1 
ATOM   182  C CA  . LEU A 1 23 ? 1.967   -4.884  -6.594  1.00 7.80  ? 23  LEU A CA  1 
ATOM   183  C C   . LEU A 1 23 ? 1.367   -3.503  -6.812  1.00 3.90  ? 23  LEU A C   1 
ATOM   184  O O   . LEU A 1 23 ? 2.077   -2.462  -6.744  1.00 3.90  ? 23  LEU A O   1 
ATOM   185  C CB  . LEU A 1 23 ? 2.414   -5.121  -5.131  1.00 15.30 ? 23  LEU A CB  1 
ATOM   186  C CG  . LEU A 1 23 ? 1.225   -5.326  -4.158  1.00 7.70  ? 23  LEU A CG  1 
ATOM   187  C CD1 . LEU A 1 23 ? 0.469   -6.657  -4.283  1.00 3.90  ? 23  LEU A CD1 1 
ATOM   188  C CD2 . LEU A 1 23 ? 1.631   -4.999  -2.738  1.00 3.90  ? 23  LEU A CD2 1 
ATOM   189  N N   . LEU A 1 24 ? 0.054   -3.536  -7.062  1.00 3.90  ? 24  LEU A N   1 
ATOM   190  C CA  . LEU A 1 24 ? -0.780  -2.296  -7.208  1.00 6.60  ? 24  LEU A CA  1 
ATOM   191  C C   . LEU A 1 24 ? -1.116  -1.817  -5.794  1.00 7.70  ? 24  LEU A C   1 
ATOM   192  O O   . LEU A 1 24 ? -1.930  -2.448  -5.137  1.00 4.40  ? 24  LEU A O   1 
ATOM   193  C CB  . LEU A 1 24 ? -2.132  -2.569  -7.945  1.00 6.40  ? 24  LEU A CB  1 
ATOM   194  C CG  . LEU A 1 24 ? -2.047  -3.520  -9.176  1.00 3.90  ? 24  LEU A CG  1 
ATOM   195  C CD1 . LEU A 1 24 ? -3.389  -3.987  -9.735  1.00 3.90  ? 24  LEU A CD1 1 
ATOM   196  C CD2 . LEU A 1 24 ? -1.103  -3.041  -10.277 1.00 6.30  ? 24  LEU A CD2 1 
ATOM   197  N N   . ASP A 1 25 ? -0.506  -0.719  -5.358  1.00 11.50 ? 25  ASP A N   1 
ATOM   198  C CA  . ASP A 1 25 ? -0.515  -0.258  -3.941  1.00 10.60 ? 25  ASP A CA  1 
ATOM   199  C C   . ASP A 1 25 ? -1.001  1.189   -3.825  1.00 5.30  ? 25  ASP A C   1 
ATOM   200  O O   . ASP A 1 25 ? -0.245  2.123   -4.129  1.00 3.90  ? 25  ASP A O   1 
ATOM   201  C CB  . ASP A 1 25 ? 0.956   -0.286  -3.514  1.00 17.00 ? 25  ASP A CB  1 
ATOM   202  C CG  . ASP A 1 25 ? 1.158   -0.433  -2.009  1.00 22.70 ? 25  ASP A CG  1 
ATOM   203  O OD1 . ASP A 1 25 ? 0.197   -0.690  -1.274  1.00 22.30 ? 25  ASP A OD1 1 
ATOM   204  O OD2 . ASP A 1 25 ? 2.286   -0.302  -1.499  1.00 27.10 ? 25  ASP A OD2 1 
ATOM   205  N N   . THR A 1 26 ? -2.244  1.336   -3.353  1.00 6.50  ? 26  THR A N   1 
ATOM   206  C CA  . THR A 1 26 ? -2.855  2.687   -3.050  1.00 7.10  ? 26  THR A CA  1 
ATOM   207  C C   . THR A 1 26 ? -2.135  3.414   -1.830  1.00 5.30  ? 26  THR A C   1 
ATOM   208  O O   . THR A 1 26 ? -2.346  4.603   -1.536  1.00 3.90  ? 26  THR A O   1 
ATOM   209  C CB  . THR A 1 26 ? -4.427  2.678   -2.950  1.00 3.90  ? 26  THR A CB  1 
ATOM   210  O OG1 . THR A 1 26 ? -4.818  2.168   -1.723  1.00 3.90  ? 26  THR A OG1 1 
ATOM   211  C CG2 . THR A 1 26 ? -5.125  1.895   -4.041  1.00 3.90  ? 26  THR A CG2 1 
ATOM   212  N N   . GLY A 1 27 ? -1.158  2.730   -1.267  1.00 3.90  ? 27  GLY A N   1 
ATOM   213  C CA  . GLY A 1 27 ? -0.459  3.239   -0.101  1.00 3.90  ? 27  GLY A CA  1 
ATOM   214  C C   . GLY A 1 27 ? 0.853   3.849   -0.516  1.00 3.90  ? 27  GLY A C   1 
ATOM   215  O O   . GLY A 1 27 ? 1.306   4.761   0.154   1.00 3.90  ? 27  GLY A O   1 
ATOM   216  N N   . ALA A 1 28 ? 1.441   3.385   -1.602  1.00 3.90  ? 28  ALA A N   1 
ATOM   217  C CA  . ALA A 1 28 ? 2.552   4.125   -2.293  1.00 7.90  ? 28  ALA A CA  1 
ATOM   218  C C   . ALA A 1 28 ? 2.123   5.407   -3.015  1.00 3.90  ? 28  ALA A C   1 
ATOM   219  O O   . ALA A 1 28 ? 1.169   5.471   -3.788  1.00 3.90  ? 28  ALA A O   1 
ATOM   220  C CB  . ALA A 1 28 ? 3.264   3.232   -3.321  1.00 15.80 ? 28  ALA A CB  1 
ATOM   221  N N   . ASP A 1 29 ? 2.993   6.368   -2.907  1.00 3.90  ? 29  ASP A N   1 
ATOM   222  C CA  . ASP A 1 29 ? 2.876   7.596   -3.698  1.00 7.90  ? 29  ASP A CA  1 
ATOM   223  C C   . ASP A 1 29 ? 3.533   7.453   -5.078  1.00 15.80 ? 29  ASP A C   1 
ATOM   224  O O   . ASP A 1 29 ? 3.059   8.057   -6.056  1.00 22.30 ? 29  ASP A O   1 
ATOM   225  C CB  . ASP A 1 29 ? 3.471   8.785   -2.973  1.00 3.90  ? 29  ASP A CB  1 
ATOM   226  C CG  . ASP A 1 29 ? 2.685   9.240   -1.775  1.00 3.90  ? 29  ASP A CG  1 
ATOM   227  O OD1 . ASP A 1 29 ? 1.517   8.855   -1.490  1.00 4.00  ? 29  ASP A OD1 1 
ATOM   228  O OD2 . ASP A 1 29 ? 3.257   10.052  -1.057  1.00 3.90  ? 29  ASP A OD2 1 
ATOM   229  N N   . ASP A 1 30 ? 4.687   6.801   -5.052  1.00 9.20  ? 30  ASP A N   1 
ATOM   230  C CA  . ASP A 1 30 ? 5.584   6.670   -6.192  1.00 4.70  ? 30  ASP A CA  1 
ATOM   231  C C   . ASP A 1 30 ? 5.823   5.130   -6.385  1.00 8.60  ? 30  ASP A C   1 
ATOM   232  O O   . ASP A 1 30 ? 5.413   4.288   -5.538  1.00 5.90  ? 30  ASP A O   1 
ATOM   233  C CB  . ASP A 1 30 ? 6.881   7.499   -5.960  1.00 3.90  ? 30  ASP A CB  1 
ATOM   234  C CG  . ASP A 1 30 ? 6.883   8.496   -4.722  1.00 3.90  ? 30  ASP A CG  1 
ATOM   235  O OD1 . ASP A 1 30 ? 7.061   8.059   -3.566  1.00 7.30  ? 30  ASP A OD1 1 
ATOM   236  O OD2 . ASP A 1 30 ? 6.727   9.742   -4.806  1.00 3.90  ? 30  ASP A OD2 1 
ATOM   237  N N   . SER A 1 31 ? 6.345   4.772   -7.561  1.00 13.80 ? 31  SER A N   1 
ATOM   238  C CA  . SER A 1 31 ? 6.395   3.340   -8.010  1.00 7.30  ? 31  SER A CA  1 
ATOM   239  C C   . SER A 1 31 ? 7.830   2.925   -7.904  1.00 3.90  ? 31  SER A C   1 
ATOM   240  O O   . SER A 1 31 ? 8.651   3.596   -8.505  1.00 3.90  ? 31  SER A O   1 
ATOM   241  C CB  . SER A 1 31 ? 5.812   3.099   -9.429  1.00 3.90  ? 31  SER A CB  1 
ATOM   242  O OG  . SER A 1 31 ? 4.432   3.472   -9.533  1.00 3.90  ? 31  SER A OG  1 
ATOM   243  N N   . ILE A 1 32 ? 8.109   2.082   -6.921  1.00 3.90  ? 32  ILE A N   1 
ATOM   244  C CA  . ILE A 1 32 ? 9.505   1.691   -6.531  1.00 6.70  ? 32  ILE A CA  1 
ATOM   245  C C   . ILE A 1 32 ? 9.787   0.218   -6.936  1.00 10.10 ? 32  ILE A C   1 
ATOM   246  O O   . ILE A 1 32 ? 8.978   -0.696  -6.724  1.00 5.00  ? 32  ILE A O   1 
ATOM   247  C CB  . ILE A 1 32 ? 9.928   1.963   -5.019  1.00 5.10  ? 32  ILE A CB  1 
ATOM   248  C CG1 . ILE A 1 32 ? 9.540   3.349   -4.444  1.00 3.90  ? 32  ILE A CG1 1 
ATOM   249  C CG2 . ILE A 1 32 ? 11.415  1.636   -4.711  1.00 3.90  ? 32  ILE A CG2 1 
ATOM   250  C CD1 . ILE A 1 32 ? 9.744   3.444   -2.928  1.00 3.90  ? 32  ILE A CD1 1 
ATOM   251  N N   . VAL A 1 33 ? 10.905  0.052   -7.617  1.00 20.20 ? 33  VAL A N   1 
ATOM   252  C CA  . VAL A 1 33 ? 11.371  -1.255  -8.058  1.00 31.80 ? 33  VAL A CA  1 
ATOM   253  C C   . VAL A 1 33 ? 12.869  -1.491  -7.822  1.00 16.60 ? 33  VAL A C   1 
ATOM   254  O O   . VAL A 1 33 ? 13.685  -0.580  -7.549  1.00 8.30  ? 33  VAL A O   1 
ATOM   255  C CB  . VAL A 1 33 ? 10.933  -1.664  -9.478  1.00 36.20 ? 33  VAL A CB  1 
ATOM   256  C CG1 . VAL A 1 33 ? 9.418   -1.603  -9.732  1.00 25.10 ? 33  VAL A CG1 1 
ATOM   257  C CG2 . VAL A 1 33 ? 11.833  -1.168  -10.619 1.00 43.20 ? 33  VAL A CG2 1 
ATOM   258  N N   . ALA A 1 34 ? 13.103  -2.792  -7.884  1.00 12.90 ? 34  ALA A N   1 
ATOM   259  C CA  . ALA A 1 34 ? 14.372  -3.474  -7.663  1.00 13.80 ? 34  ALA A CA  1 
ATOM   260  C C   . ALA A 1 34 ? 14.681  -4.513  -8.840  1.00 25.60 ? 34  ALA A C   1 
ATOM   261  O O   . ALA A 1 34 ? 13.825  -5.253  -9.365  1.00 24.10 ? 34  ALA A O   1 
ATOM   262  C CB  . ALA A 1 34 ? 14.304  -4.084  -6.236  1.00 6.90  ? 34  ALA A CB  1 
ATOM   263  N N   . GLY A 1 35 ? 15.906  -4.464  -9.328  1.00 41.20 ? 35  GLY A N   1 
ATOM   264  C CA  . GLY A 1 35 ? 16.361  -5.404  -10.381 1.00 52.60 ? 35  GLY A CA  1 
ATOM   265  C C   . GLY A 1 35 ? 16.078  -4.906  -11.818 1.00 40.40 ? 35  GLY A C   1 
ATOM   266  O O   . GLY A 1 35 ? 15.872  -5.738  -12.728 1.00 34.20 ? 35  GLY A O   1 
ATOM   267  N N   . ILE A 1 36 ? 16.065  -3.571  -11.952 1.00 22.30 ? 36  ILE A N   1 
ATOM   268  C CA  . ILE A 1 36 ? 15.888  -2.866  -13.226 1.00 11.20 ? 36  ILE A CA  1 
ATOM   269  C C   . ILE A 1 36 ? 16.936  -1.838  -13.689 1.00 12.00 ? 36  ILE A C   1 
ATOM   270  O O   . ILE A 1 36 ? 17.079  -0.741  -13.125 1.00 11.40 ? 36  ILE A O   1 
ATOM   271  C CB  . ILE A 1 36 ? 14.575  -2.979  -14.002 1.00 8.80  ? 36  ILE A CB  1 
ATOM   272  C CG1 . ILE A 1 36 ? 13.826  -1.670  -14.136 1.00 15.30 ? 36  ILE A CG1 1 
ATOM   273  C CG2 . ILE A 1 36 ? 13.656  -4.189  -13.676 1.00 9.30  ? 36  ILE A CG2 1 
ATOM   274  C CD1 . ILE A 1 36 ? 12.469  -1.902  -14.842 1.00 22.60 ? 36  ILE A CD1 1 
ATOM   275  N N   . GLU A 1 37 ? 17.695  -2.243  -14.703 1.00 19.10 ? 37  GLU A N   1 
ATOM   276  C CA  . GLU A 1 37 ? 18.654  -1.340  -15.321 1.00 30.10 ? 37  GLU A CA  1 
ATOM   277  C C   . GLU A 1 37 ? 17.893  -0.441  -16.266 1.00 28.80 ? 37  GLU A C   1 
ATOM   278  O O   . GLU A 1 37 ? 17.365  -0.892  -17.300 1.00 26.30 ? 37  GLU A O   1 
ATOM   279  C CB  . GLU A 1 37 ? 19.823  -2.003  -16.037 1.00 57.70 ? 37  GLU A CB  1 
ATOM   280  C CG  . GLU A 1 37 ? 20.795  -0.894  -16.463 1.00 79.00 ? 37  GLU A CG  1 
ATOM   281  C CD  . GLU A 1 37 ? 22.024  -1.378  -17.226 1.00 79.00 ? 37  GLU A CD  1 
ATOM   282  O OE1 . GLU A 1 37 ? 22.470  -2.530  -17.032 1.00 79.00 ? 37  GLU A OE1 1 
ATOM   283  O OE2 . GLU A 1 37 ? 22.579  -0.607  -18.045 1.00 79.00 ? 37  GLU A OE2 1 
ATOM   284  N N   . LEU A 1 38 ? 17.729  0.779   -15.767 1.00 39.00 ? 38  LEU A N   1 
ATOM   285  C CA  . LEU A 1 38 ? 17.042  1.859   -16.462 1.00 57.70 ? 38  LEU A CA  1 
ATOM   286  C C   . LEU A 1 38 ? 18.070  2.817   -17.094 1.00 79.00 ? 38  LEU A C   1 
ATOM   287  O O   . LEU A 1 38 ? 18.257  2.789   -18.323 1.00 79.00 ? 38  LEU A O   1 
ATOM   288  C CB  . LEU A 1 38 ? 16.013  2.558   -15.548 1.00 28.80 ? 38  LEU A CB  1 
ATOM   289  C CG  . LEU A 1 38 ? 14.797  1.658   -15.255 1.00 36.90 ? 38  LEU A CG  1 
ATOM   290  C CD1 . LEU A 1 38 ? 13.664  2.379   -14.518 1.00 54.90 ? 38  LEU A CD1 1 
ATOM   291  C CD2 . LEU A 1 38 ? 14.276  0.911   -16.484 1.00 36.40 ? 38  LEU A CD2 1 
ATOM   292  N N   . GLY A 1 39 ? 18.782  3.578   -16.266 1.00 79.00 ? 39  GLY A N   1 
ATOM   293  C CA  . GLY A 1 39 ? 19.733  4.589   -16.798 1.00 65.10 ? 39  GLY A CA  1 
ATOM   294  C C   . GLY A 1 39 ? 20.850  5.048   -15.832 1.00 48.50 ? 39  GLY A C   1 
ATOM   295  O O   . GLY A 1 39 ? 21.043  4.527   -14.714 1.00 55.00 ? 39  GLY A O   1 
ATOM   296  N N   . ASN A 1 40 ? 21.583  6.029   -16.345 1.00 39.30 ? 40  ASN A N   1 
ATOM   297  C CA  . ASN A 1 40 ? 22.563  6.799   -15.584 1.00 56.90 ? 40  ASN A CA  1 
ATOM   298  C C   . ASN A 1 40 ? 22.199  8.283   -15.698 1.00 28.50 ? 40  ASN A C   1 
ATOM   299  O O   . ASN A 1 40 ? 23.077  9.178   -15.589 1.00 14.20 ? 40  ASN A O   1 
ATOM   300  C CB  . ASN A 1 40 ? 23.961  6.541   -16.136 1.00 79.00 ? 40  ASN A CB  1 
ATOM   301  C CG  . ASN A 1 40 ? 25.046  7.091   -15.207 1.00 79.00 ? 40  ASN A CG  1 
ATOM   302  O OD1 . ASN A 1 40 ? 24.729  7.699   -14.176 1.00 79.00 ? 40  ASN A OD1 1 
ATOM   303  N ND2 . ASN A 1 40 ? 26.290  6.837   -15.576 1.00 79.00 ? 40  ASN A ND2 1 
ATOM   304  N N   . ASN A 1 41 ? 20.882  8.431   -15.905 1.00 25.60 ? 41  ASN A N   1 
ATOM   305  C CA  . ASN A 1 41 ? 20.095  9.681   -15.877 1.00 44.00 ? 41  ASN A CA  1 
ATOM   306  C C   . ASN A 1 41 ? 18.957  9.605   -14.819 1.00 55.20 ? 41  ASN A C   1 
ATOM   307  O O   . ASN A 1 41 ? 17.783  9.367   -15.153 1.00 71.70 ? 41  ASN A O   1 
ATOM   308  C CB  . ASN A 1 41 ? 19.430  9.803   -17.250 1.00 60.80 ? 41  ASN A CB  1 
ATOM   309  C CG  . ASN A 1 41 ? 18.628  11.098  -17.444 1.00 79.00 ? 41  ASN A CG  1 
ATOM   310  O OD1 . ASN A 1 41 ? 18.055  11.638  -16.495 1.00 79.00 ? 41  ASN A OD1 1 
ATOM   311  N ND2 . ASN A 1 41 ? 18.626  11.578  -18.673 1.00 79.00 ? 41  ASN A ND2 1 
ATOM   312  N N   . TYR A 1 42 ? 19.315  9.802   -13.565 1.00 38.10 ? 42  TYR A N   1 
ATOM   313  C CA  . TYR A 1 42 ? 18.373  9.638   -12.443 1.00 28.00 ? 42  TYR A CA  1 
ATOM   314  C C   . TYR A 1 42 ? 18.674  10.732  -11.427 1.00 40.50 ? 42  TYR A C   1 
ATOM   315  O O   . TYR A 1 42 ? 19.653  11.487  -11.573 1.00 41.80 ? 42  TYR A O   1 
ATOM   316  C CB  . TYR A 1 42 ? 18.449  8.223   -11.819 1.00 14.00 ? 42  TYR A CB  1 
ATOM   317  C CG  . TYR A 1 42 ? 19.898  7.837   -11.498 1.00 17.60 ? 42  TYR A CG  1 
ATOM   318  C CD1 . TYR A 1 42 ? 20.690  7.209   -12.458 1.00 35.30 ? 42  TYR A CD1 1 
ATOM   319  C CD2 . TYR A 1 42 ? 20.441  8.108   -10.243 1.00 17.20 ? 42  TYR A CD2 1 
ATOM   320  C CE1 . TYR A 1 42 ? 22.059  7.000   -12.221 1.00 42.30 ? 42  TYR A CE1 1 
ATOM   321  C CE2 . TYR A 1 42 ? 21.812  7.898   -9.998  1.00 25.10 ? 42  TYR A CE2 1 
ATOM   322  C CZ  . TYR A 1 42 ? 22.641  7.393   -11.013 1.00 30.80 ? 42  TYR A CZ  1 
ATOM   323  O OH  . TYR A 1 42 ? 24.013  7.366   -10.870 1.00 20.70 ? 42  TYR A OH  1 
ATOM   324  N N   . SER A 1 43 ? 17.742  10.876  -10.495 1.00 35.50 ? 43  SER A N   1 
ATOM   325  C CA  . SER A 1 43 ? 17.931  11.691  -9.282  1.00 17.80 ? 43  SER A CA  1 
ATOM   326  C C   . SER A 1 43 ? 17.641  10.728  -8.180  1.00 14.00 ? 43  SER A C   1 
ATOM   327  O O   . SER A 1 43 ? 16.569  10.077  -8.227  1.00 9.00  ? 43  SER A O   1 
ATOM   328  C CB  . SER A 1 43 ? 16.906  12.800  -9.154  1.00 8.90  ? 43  SER A CB  1 
ATOM   329  O OG  . SER A 1 43 ? 16.960  13.639  -10.295 1.00 5.10  ? 43  SER A OG  1 
ATOM   330  N N   . PRO A 1 44 ? 18.686  10.556  -7.319  1.00 22.20 ? 44  PRO A N   1 
ATOM   331  C CA  . PRO A 1 44 ? 18.628  9.806   -6.043  1.00 11.10 ? 44  PRO A CA  1 
ATOM   332  C C   . PRO A 1 44 ? 17.626  10.508  -5.207  1.00 6.50  ? 44  PRO A C   1 
ATOM   333  O O   . PRO A 1 44 ? 17.821  11.692  -4.929  1.00 3.90  ? 44  PRO A O   1 
ATOM   334  C CB  . PRO A 1 44 ? 19.971  9.995   -5.374  1.00 10.80 ? 44  PRO A CB  1 
ATOM   335  C CG  . PRO A 1 44 ? 20.940  10.486  -6.456  1.00 23.60 ? 44  PRO A CG  1 
ATOM   336  C CD  . PRO A 1 44 ? 20.096  10.863  -7.672  1.00 32.00 ? 44  PRO A CD  1 
ATOM   337  N N   . LYS A 1 45 ? 16.487  9.845   -5.067  1.00 10.50 ? 45  LYS A N   1 
ATOM   338  C CA  . LYS A 1 45 ? 15.476  10.175  -4.075  1.00 17.40 ? 45  LYS A CA  1 
ATOM   339  C C   . LYS A 1 45 ? 15.698  9.263   -2.855  1.00 14.90 ? 45  LYS A C   1 
ATOM   340  O O   . LYS A 1 45 ? 16.423  8.245   -2.937  1.00 15.00 ? 45  LYS A O   1 
ATOM   341  C CB  . LYS A 1 45 ? 14.040  10.026  -4.662  1.00 23.50 ? 45  LYS A CB  1 
ATOM   342  C CG  . LYS A 1 45 ? 13.458  11.365  -5.161  1.00 18.70 ? 45  LYS A CG  1 
ATOM   343  C CD  . LYS A 1 45 ? 14.451  12.164  -6.035  1.00 9.40  ? 45  LYS A CD  1 
ATOM   344  C CE  . LYS A 1 45 ? 14.249  13.666  -5.847  1.00 4.70  ? 45  LYS A CE  1 
ATOM   345  N NZ  . LYS A 1 45 ? 15.408  14.479  -6.238  1.00 3.90  ? 45  LYS A NZ  1 
ATOM   346  N N   . ILE A 1 46 ? 15.165  9.742   -1.734  1.00 15.40 ? 46  ILE A N   1 
ATOM   347  C CA  . ILE A 1 46 ? 14.866  8.926   -0.527  1.00 21.30 ? 46  ILE A CA  1 
ATOM   348  C C   . ILE A 1 46 ? 13.362  8.966   -0.113  1.00 42.60 ? 46  ILE A C   1 
ATOM   349  O O   . ILE A 1 46 ? 12.722  10.027  0.008   1.00 51.70 ? 46  ILE A O   1 
ATOM   350  C CB  . ILE A 1 46 ? 15.732  9.289   0.674   1.00 10.60 ? 46  ILE A CB  1 
ATOM   351  C CG1 . ILE A 1 46 ? 15.062  8.828   1.974   1.00 5.30  ? 46  ILE A CG1 1 
ATOM   352  C CG2 . ILE A 1 46 ? 16.098  10.741  0.726   1.00 8.40  ? 46  ILE A CG2 1 
ATOM   353  C CD1 . ILE A 1 46 ? 15.807  9.211   3.255   1.00 3.90  ? 46  ILE A CD1 1 
ATOM   354  N N   . VAL A 1 47 ? 12.842  7.770   0.136   1.00 42.40 ? 47  VAL A N   1 
ATOM   355  C CA  . VAL A 1 47 ? 11.441  7.553   0.582   1.00 24.30 ? 47  VAL A CA  1 
ATOM   356  C C   . VAL A 1 47 ? 11.377  6.653   1.849   1.00 19.80 ? 47  VAL A C   1 
ATOM   357  O O   . VAL A 1 47 ? 12.112  5.653   2.012   1.00 20.00 ? 47  VAL A O   1 
ATOM   358  C CB  . VAL A 1 47 ? 10.682  6.913   -0.582  1.00 12.10 ? 47  VAL A CB  1 
ATOM   359  C CG1 . VAL A 1 47 ? 10.033  7.912   -1.537  1.00 6.10  ? 47  VAL A CG1 1 
ATOM   360  C CG2 . VAL A 1 47 ? 11.660  6.017   -1.364  1.00 8.70  ? 47  VAL A CG2 1 
ATOM   361  N N   . GLY A 1 48 ? 10.432  6.981   2.704   1.00 18.90 ? 48  GLY A N   1 
ATOM   362  C CA  . GLY A 1 48 ? 10.259  6.178   3.943   1.00 27.00 ? 48  GLY A CA  1 
ATOM   363  C C   . GLY A 1 48 ? 8.967   5.360   3.869   1.00 37.10 ? 48  GLY A C   1 
ATOM   364  O O   . GLY A 1 48 ? 8.054   5.702   3.100   1.00 51.60 ? 48  GLY A O   1 
ATOM   365  N N   . GLY A 1 49 ? 8.896   4.329   4.711   1.00 22.30 ? 49  GLY A N   1 
ATOM   366  C CA  . GLY A 1 49 ? 7.606   3.667   5.039   1.00 11.20 ? 49  GLY A CA  1 
ATOM   367  C C   . GLY A 1 49 ? 7.482   3.159   6.487   1.00 7.20  ? 49  GLY A C   1 
ATOM   368  O O   . GLY A 1 49 ? 7.632   3.873   7.485   1.00 3.90  ? 49  GLY A O   1 
ATOM   369  N N   . ILE A 1 50 ? 6.948   1.963   6.545   1.00 13.80 ? 50  ILE A N   1 
ATOM   370  C CA  . ILE A 1 50 ? 7.059   1.100   7.723   1.00 14.80 ? 50  ILE A CA  1 
ATOM   371  C C   . ILE A 1 50 ? 8.539   0.593   7.776   1.00 27.50 ? 50  ILE A C   1 
ATOM   372  O O   . ILE A 1 50 ? 9.178   0.312   6.745   1.00 28.90 ? 50  ILE A O   1 
ATOM   373  C CB  . ILE A 1 50 ? 6.041   -0.048  7.625   1.00 7.40  ? 50  ILE A CB  1 
ATOM   374  C CG1 . ILE A 1 50 ? 4.593   0.395   7.569   1.00 3.90  ? 50  ILE A CG1 1 
ATOM   375  C CG2 . ILE A 1 50 ? 6.300   -1.155  8.618   1.00 3.90  ? 50  ILE A CG2 1 
ATOM   376  C CD1 . ILE A 1 50 ? 4.188   1.412   8.631   1.00 3.90  ? 50  ILE A CD1 1 
ATOM   377  N N   . GLY A 1 51 ? 9.133   0.664   8.937   1.00 33.80 ? 51  GLY A N   1 
ATOM   378  C CA  . GLY A 1 51 ? 10.554  0.288   9.052   1.00 39.80 ? 51  GLY A CA  1 
ATOM   379  C C   . GLY A 1 51 ? 11.526  1.396   8.594   1.00 44.40 ? 51  GLY A C   1 
ATOM   380  O O   . GLY A 1 51 ? 12.751  1.238   8.671   1.00 49.10 ? 51  GLY A O   1 
ATOM   381  N N   . GLY A 1 52 ? 10.999  2.475   8.068   1.00 38.10 ? 52  GLY A N   1 
ATOM   382  C CA  . GLY A 1 52 ? 11.825  3.660   7.851   1.00 32.60 ? 52  GLY A CA  1 
ATOM   383  C C   . GLY A 1 52 ? 11.995  4.031   6.374   1.00 31.10 ? 52  GLY A C   1 
ATOM   384  O O   . GLY A 1 52 ? 11.025  4.349   5.649   1.00 22.80 ? 52  GLY A O   1 
ATOM   385  N N   . PHE A 1 53 ? 13.272  4.145   6.027   1.00 40.90 ? 53  PHE A N   1 
ATOM   386  C CA  . PHE A 1 53 ? 13.715  4.774   4.771   1.00 34.30 ? 53  PHE A CA  1 
ATOM   387  C C   . PHE A 1 53 ? 14.650  3.890   3.984   1.00 32.30 ? 53  PHE A C   1 
ATOM   388  O O   . PHE A 1 53 ? 15.526  3.222   4.540   1.00 33.60 ? 53  PHE A O   1 
ATOM   389  C CB  . PHE A 1 53 ? 14.327  6.176   4.996   1.00 18.50 ? 53  PHE A CB  1 
ATOM   390  C CG  . PHE A 1 53 ? 13.256  7.067   5.634   1.00 9.30  ? 53  PHE A CG  1 
ATOM   391  C CD1 . PHE A 1 53 ? 12.311  7.698   4.858   1.00 10.20 ? 53  PHE A CD1 1 
ATOM   392  C CD2 . PHE A 1 53 ? 13.221  7.228   7.003   1.00 4.60  ? 53  PHE A CD2 1 
ATOM   393  C CE1 . PHE A 1 53 ? 11.275  8.387   5.483   1.00 10.80 ? 53  PHE A CE1 1 
ATOM   394  C CE2 . PHE A 1 53 ? 12.192  7.920   7.642   1.00 3.90  ? 53  PHE A CE2 1 
ATOM   395  C CZ  . PHE A 1 53 ? 11.211  8.497   6.868   1.00 5.40  ? 53  PHE A CZ  1 
ATOM   396  N N   . ILE A 1 54 ? 14.363  3.854   2.707   1.00 26.40 ? 54  ILE A N   1 
ATOM   397  C CA  . ILE A 1 54 ? 15.315  3.454   1.683   1.00 26.10 ? 54  ILE A CA  1 
ATOM   398  C C   . ILE A 1 54 ? 15.623  4.691   0.794   1.00 37.80 ? 54  ILE A C   1 
ATOM   399  O O   . ILE A 1 54 ? 14.881  5.697   0.753   1.00 28.90 ? 54  ILE A O   1 
ATOM   400  C CB  . ILE A 1 54 ? 14.709  2.338   0.836   1.00 13.00 ? 54  ILE A CB  1 
ATOM   401  C CG1 . ILE A 1 54 ? 13.253  2.516   0.551   1.00 6.50  ? 54  ILE A CG1 1 
ATOM   402  C CG2 . ILE A 1 54 ? 15.078  0.910   1.233   1.00 9.60  ? 54  ILE A CG2 1 
ATOM   403  C CD1 . ILE A 1 54 ? 12.965  1.790   -0.751  1.00 3.90  ? 54  ILE A CD1 1 
ATOM   404  N N   . ASN A 1 55 ? 16.727  4.559   0.081   1.00 49.90 ? 55  ASN A N   1 
ATOM   405  C CA  . ASN A 1 55 ? 17.147  5.542   -0.921  1.00 50.40 ? 55  ASN A CA  1 
ATOM   406  C C   . ASN A 1 55 ? 16.920  4.993   -2.354  1.00 41.50 ? 55  ASN A C   1 
ATOM   407  O O   . ASN A 1 55 ? 17.320  3.867   -2.700  1.00 44.70 ? 55  ASN A O   1 
ATOM   408  C CB  . ASN A 1 55 ? 18.605  5.945   -0.680  1.00 51.90 ? 55  ASN A CB  1 
ATOM   409  C CG  . ASN A 1 55 ? 18.783  6.650   0.664   1.00 54.90 ? 55  ASN A CG  1 
ATOM   410  O OD1 . ASN A 1 55 ? 19.409  7.705   0.735   1.00 46.90 ? 55  ASN A OD1 1 
ATOM   411  N ND2 . ASN A 1 55 ? 18.184  6.086   1.696   1.00 68.10 ? 55  ASN A ND2 1 
ATOM   412  N N   . THR A 1 56 ? 16.279  5.825   -3.161  1.00 27.40 ? 56  THR A N   1 
ATOM   413  C CA  . THR A 1 56 ? 15.938  5.503   -4.562  1.00 17.20 ? 56  THR A CA  1 
ATOM   414  C C   . THR A 1 56 ? 16.632  6.474   -5.516  1.00 26.20 ? 56  THR A C   1 
ATOM   415  O O   . THR A 1 56 ? 17.255  7.448   -5.052  1.00 19.90 ? 56  THR A O   1 
ATOM   416  C CB  . THR A 1 56 ? 14.422  5.318   -4.835  1.00 8.60  ? 56  THR A CB  1 
ATOM   417  O OG1 . THR A 1 56 ? 13.598  6.379   -4.317  1.00 7.30  ? 56  THR A OG1 1 
ATOM   418  C CG2 . THR A 1 56 ? 13.979  3.985   -4.281  1.00 8.10  ? 56  THR A CG2 1 
ATOM   419  N N   . LEU A 1 57 ? 16.565  6.092   -6.803  1.00 37.90 ? 57  LEU A N   1 
ATOM   420  C CA  . LEU A 1 57 ? 17.229  6.727   -7.976  1.00 30.80 ? 57  LEU A CA  1 
ATOM   421  C C   . LEU A 1 57 ? 16.224  7.171   -9.000  1.00 26.00 ? 57  LEU A C   1 
ATOM   422  O O   . LEU A 1 57 ? 16.377  6.914   -10.198 1.00 26.20 ? 57  LEU A O   1 
ATOM   423  C CB  . LEU A 1 57 ? 18.190  5.751   -8.655  1.00 19.30 ? 57  LEU A CB  1 
ATOM   424  C CG  . LEU A 1 57 ? 19.374  5.591   -7.721  1.00 16.30 ? 57  LEU A CG  1 
ATOM   425  C CD1 . LEU A 1 57 ? 20.528  4.787   -8.278  1.00 19.90 ? 57  LEU A CD1 1 
ATOM   426  C CD2 . LEU A 1 57 ? 19.816  6.942   -7.199  1.00 14.90 ? 57  LEU A CD2 1 
ATOM   427  N N   . GLU A 1 58 ? 15.245  7.897   -8.516  1.00 20.50 ? 58  GLU A N   1 
ATOM   428  C CA  . GLU A 1 58 ? 14.119  8.298   -9.367  1.00 17.70 ? 58  GLU A CA  1 
ATOM   429  C C   . GLU A 1 58 ? 14.467  8.671   -10.824 1.00 9.60  ? 58  GLU A C   1 
ATOM   430  O O   . GLU A 1 58 ? 15.243  9.612   -11.128 1.00 6.70  ? 58  GLU A O   1 
ATOM   431  C CB  . GLU A 1 58 ? 13.288  9.361   -8.728  1.00 19.20 ? 58  GLU A CB  1 
ATOM   432  C CG  . GLU A 1 58 ? 12.120  9.747   -9.625  1.00 17.80 ? 58  GLU A CG  1 
ATOM   433  C CD  . GLU A 1 58 ? 11.835  11.187  -9.320  1.00 15.10 ? 58  GLU A CD  1 
ATOM   434  O OE1 . GLU A 1 58 ? 12.848  11.837  -9.006  1.00 16.90 ? 58  GLU A OE1 1 
ATOM   435  O OE2 . GLU A 1 58 ? 10.680  11.711  -9.357  1.00 11.00 ? 58  GLU A OE2 1 
ATOM   436  N N   . TYR A 1 59 ? 13.700  7.970   -11.654 1.00 4.80  ? 59  TYR A N   1 
ATOM   437  C CA  . TYR A 1 59 ? 13.697  8.053   -13.137 1.00 3.90  ? 59  TYR A CA  1 
ATOM   438  C C   . TYR A 1 59 ? 12.289  8.527   -13.613 1.00 3.90  ? 59  TYR A C   1 
ATOM   439  O O   . TYR A 1 59 ? 11.244  8.154   -13.072 1.00 3.90  ? 59  TYR A O   1 
ATOM   440  C CB  . TYR A 1 59 ? 14.136  6.710   -13.928 1.00 7.50  ? 59  TYR A CB  1 
ATOM   441  C CG  . TYR A 1 59 ? 15.545  6.014   -13.589 1.00 6.80  ? 59  TYR A CG  1 
ATOM   442  C CD1 . TYR A 1 59 ? 16.707  6.360   -14.260 1.00 3.90  ? 59  TYR A CD1 1 
ATOM   443  C CD2 . TYR A 1 59 ? 15.623  5.020   -12.615 1.00 8.50  ? 59  TYR A CD2 1 
ATOM   444  C CE1 . TYR A 1 59 ? 17.931  5.841   -13.840 1.00 3.90  ? 59  TYR A CE1 1 
ATOM   445  C CE2 . TYR A 1 59 ? 16.846  4.508   -12.198 1.00 7.80  ? 59  TYR A CE2 1 
ATOM   446  C CZ  . TYR A 1 59 ? 18.019  4.937   -12.771 1.00 5.20  ? 59  TYR A CZ  1 
ATOM   447  O OH  . TYR A 1 59 ? 19.234  4.487   -12.285 1.00 3.90  ? 59  TYR A OH  1 
ATOM   448  N N   . LYS A 1 60 ? 12.316  9.396   -14.610 1.00 5.40  ? 60  LYS A N   1 
ATOM   449  C CA  . LYS A 1 60 ? 11.180  10.251  -15.086 1.00 3.90  ? 60  LYS A CA  1 
ATOM   450  C C   . LYS A 1 60 ? 11.037  9.949   -16.562 1.00 3.90  ? 60  LYS A C   1 
ATOM   451  O O   . LYS A 1 60 ? 12.065  9.582   -17.109 1.00 7.30  ? 60  LYS A O   1 
ATOM   452  C CB  . LYS A 1 60 ? 11.629  11.728  -14.810 1.00 3.90  ? 60  LYS A CB  1 
ATOM   453  C CG  . LYS A 1 60 ? 12.064  11.905  -13.335 1.00 3.90  ? 60  LYS A CG  1 
ATOM   454  C CD  . LYS A 1 60 ? 12.429  13.306  -12.888 1.00 3.90  ? 60  LYS A CD  1 
ATOM   455  C CE  . LYS A 1 60 ? 13.173  13.346  -11.543 1.00 7.90  ? 60  LYS A CE  1 
ATOM   456  N NZ  . LYS A 1 60 ? 12.312  13.202  -10.370 1.00 15.80 ? 60  LYS A NZ  1 
ATOM   457  N N   . ASN A 1 61 ? 9.821   9.817   -17.084 1.00 3.90  ? 61  ASN A N   1 
ATOM   458  C CA  . ASN A 1 61 ? 9.452   9.512   -18.506 1.00 3.90  ? 61  ASN A CA  1 
ATOM   459  C C   . ASN A 1 61 ? 9.785   8.078   -19.031 1.00 3.90  ? 61  ASN A C   1 
ATOM   460  O O   . ASN A 1 61 ? 10.566  7.806   -19.971 1.00 3.90  ? 61  ASN A O   1 
ATOM   461  C CB  . ASN A 1 61 ? 9.581   10.736  -19.471 1.00 6.40  ? 61  ASN A CB  1 
ATOM   462  C CG  . ASN A 1 61 ? 8.962   10.526  -20.881 1.00 9.20  ? 61  ASN A CG  1 
ATOM   463  O OD1 . ASN A 1 61 ? 7.873   9.904   -21.026 1.00 8.90  ? 61  ASN A OD1 1 
ATOM   464  N ND2 . ASN A 1 61 ? 9.642   11.061  -21.888 1.00 11.60 ? 61  ASN A ND2 1 
ATOM   465  N N   . VAL A 1 62 ? 9.068   7.179   -18.426 1.00 3.90  ? 62  VAL A N   1 
ATOM   466  C CA  . VAL A 1 62 ? 9.440   5.761   -18.402 1.00 3.90  ? 62  VAL A CA  1 
ATOM   467  C C   . VAL A 1 62 ? 8.241   4.900   -18.764 1.00 3.90  ? 62  VAL A C   1 
ATOM   468  O O   . VAL A 1 62 ? 7.475   4.415   -17.910 1.00 3.90  ? 62  VAL A O   1 
ATOM   469  C CB  . VAL A 1 62 ? 10.076  5.321   -17.016 1.00 4.00  ? 62  VAL A CB  1 
ATOM   470  C CG1 . VAL A 1 62 ? 10.107  3.812   -16.919 1.00 3.90  ? 62  VAL A CG1 1 
ATOM   471  C CG2 . VAL A 1 62 ? 11.510  5.826   -16.775 1.00 3.90  ? 62  VAL A CG2 1 
ATOM   472  N N   . GLU A 1 63 ? 8.155   4.625   -20.021 1.00 6.60  ? 63  GLU A N   1 
ATOM   473  C CA  . GLU A 1 63 ? 7.038   3.817   -20.496 1.00 13.20 ? 63  GLU A CA  1 
ATOM   474  C C   . GLU A 1 63 ? 6.833   2.447   -19.800 1.00 17.50 ? 63  GLU A C   1 
ATOM   475  O O   . GLU A 1 63 ? 7.750   1.670   -19.531 1.00 12.40 ? 63  GLU A O   1 
ATOM   476  C CB  . GLU A 1 63 ? 6.883   3.773   -22.003 1.00 26.30 ? 63  GLU A CB  1 
ATOM   477  C CG  . GLU A 1 63 ? 7.509   2.564   -22.641 1.00 34.60 ? 63  GLU A CG  1 
ATOM   478  C CD  . GLU A 1 63 ? 6.941   2.495   -24.038 1.00 39.60 ? 63  GLU A CD  1 
ATOM   479  O OE1 . GLU A 1 63 ? 6.576   3.565   -24.597 1.00 37.10 ? 63  GLU A OE1 1 
ATOM   480  O OE2 . GLU A 1 63 ? 6.836   1.382   -24.611 1.00 46.10 ? 63  GLU A OE2 1 
ATOM   481  N N   . ILE A 1 64 ? 5.585   2.199   -19.491 1.00 20.60 ? 64  ILE A N   1 
ATOM   482  C CA  . ILE A 1 64 ? 5.145   0.967   -18.826 1.00 24.80 ? 64  ILE A CA  1 
ATOM   483  C C   . ILE A 1 64 ? 3.954   0.302   -19.568 1.00 28.80 ? 64  ILE A C   1 
ATOM   484  O O   . ILE A 1 64 ? 3.086   0.951   -20.181 1.00 34.40 ? 64  ILE A O   1 
ATOM   485  C CB  . ILE A 1 64 ? 4.921   1.347   -17.360 1.00 22.80 ? 64  ILE A CB  1 
ATOM   486  C CG1 . ILE A 1 64 ? 6.300   1.765   -16.793 1.00 37.60 ? 64  ILE A CG1 1 
ATOM   487  C CG2 . ILE A 1 64 ? 4.197   0.310   -16.488 1.00 11.40 ? 64  ILE A CG2 1 
ATOM   488  C CD1 . ILE A 1 64 ? 6.243   2.348   -15.383 1.00 40.80 ? 64  ILE A CD1 1 
ATOM   489  N N   . GLU A 1 65 ? 4.029   -1.009  -19.614 1.00 17.70 ? 65  GLU A N   1 
ATOM   490  C CA  . GLU A 1 65 ? 2.983   -1.839  -20.179 1.00 13.90 ? 65  GLU A CA  1 
ATOM   491  C C   . GLU A 1 65 ? 2.494   -2.767  -19.062 1.00 27.70 ? 65  GLU A C   1 
ATOM   492  O O   . GLU A 1 65 ? 3.257   -3.638  -18.635 1.00 46.10 ? 65  GLU A O   1 
ATOM   493  C CB  . GLU A 1 65 ? 3.543   -2.655  -21.347 1.00 27.70 ? 65  GLU A CB  1 
ATOM   494  C CG  . GLU A 1 65 ? 2.390   -3.279  -22.138 1.00 55.50 ? 65  GLU A CG  1 
ATOM   495  C CD  . GLU A 1 65 ? 2.851   -4.210  -23.262 1.00 79.00 ? 65  GLU A CD  1 
ATOM   496  O OE1 . GLU A 1 65 ? 4.002   -4.097  -23.740 1.00 79.00 ? 65  GLU A OE1 1 
ATOM   497  O OE2 . GLU A 1 65 ? 2.067   -5.083  -23.699 1.00 79.00 ? 65  GLU A OE2 1 
ATOM   498  N N   . VAL A 1 66 ? 1.284   -2.513  -18.557 1.00 22.90 ? 66  VAL A N   1 
ATOM   499  C CA  . VAL A 1 66 ? 0.654   -3.301  -17.467 1.00 12.90 ? 66  VAL A CA  1 
ATOM   500  C C   . VAL A 1 66 ? -0.819  -3.572  -17.770 1.00 9.40  ? 66  VAL A C   1 
ATOM   501  O O   . VAL A 1 66 ? -1.528  -2.723  -18.281 1.00 7.50  ? 66  VAL A O   1 
ATOM   502  C CB  . VAL A 1 66 ? 0.780   -2.480  -16.214 1.00 25.80 ? 66  VAL A CB  1 
ATOM   503  C CG1 . VAL A 1 66 ? 2.247   -2.449  -15.811 1.00 44.60 ? 66  VAL A CG1 1 
ATOM   504  C CG2 . VAL A 1 66 ? 0.255   -1.051  -16.466 1.00 24.50 ? 66  VAL A CG2 1 
ATOM   505  N N   . LEU A 1 67 ? -1.333  -4.734  -17.457 1.00 18.90 ? 67  LEU A N   1 
ATOM   506  C CA  . LEU A 1 67 ? -2.779  -4.963  -17.720 1.00 37.70 ? 67  LEU A CA  1 
ATOM   507  C C   . LEU A 1 67 ? -3.225  -4.402  -19.103 1.00 51.80 ? 67  LEU A C   1 
ATOM   508  O O   . LEU A 1 67 ? -4.266  -3.722  -19.146 1.00 34.40 ? 67  LEU A O   1 
ATOM   509  C CB  . LEU A 1 67 ? -3.590  -4.068  -16.768 1.00 48.60 ? 67  LEU A CB  1 
ATOM   510  C CG  . LEU A 1 67 ? -3.474  -4.365  -15.285 1.00 48.30 ? 67  LEU A CG  1 
ATOM   511  C CD1 . LEU A 1 67 ? -3.900  -3.110  -14.534 1.00 31.80 ? 67  LEU A CD1 1 
ATOM   512  C CD2 . LEU A 1 67 ? -4.361  -5.552  -14.882 1.00 66.70 ? 67  LEU A CD2 1 
ATOM   513  N N   . ASN A 1 68 ? -2.461  -4.667  -20.168 1.00 65.50 ? 68  ASN A N   1 
ATOM   514  C CA  . ASN A 1 68 ? -2.809  -4.276  -21.572 1.00 61.10 ? 68  ASN A CA  1 
ATOM   515  C C   . ASN A 1 68 ? -2.884  -2.747  -21.767 1.00 41.70 ? 68  ASN A C   1 
ATOM   516  O O   . ASN A 1 68 ? -3.459  -2.226  -22.738 1.00 23.10 ? 68  ASN A O   1 
ATOM   517  C CB  . ASN A 1 68 ? -4.112  -4.962  -22.054 1.00 75.90 ? 68  ASN A CB  1 
ATOM   518  C CG  . ASN A 1 68 ? -4.457  -4.629  -23.522 1.00 79.00 ? 68  ASN A CG  1 
ATOM   519  O OD1 . ASN A 1 68 ? -3.602  -4.155  -24.262 1.00 79.00 ? 68  ASN A OD1 1 
ATOM   520  N ND2 . ASN A 1 68 ? -5.688  -4.890  -23.929 1.00 79.00 ? 68  ASN A ND2 1 
ATOM   521  N N   . LYS A 1 69 ? -2.275  -2.040  -20.849 1.00 42.00 ? 69  LYS A N   1 
ATOM   522  C CA  . LYS A 1 69 ? -2.270  -0.576  -20.902 1.00 22.30 ? 69  LYS A CA  1 
ATOM   523  C C   . LYS A 1 69 ? -0.865  -0.145  -21.102 1.00 11.20 ? 69  LYS A C   1 
ATOM   524  O O   . LYS A 1 69 ? 0.049   -0.742  -20.552 1.00 5.60  ? 69  LYS A O   1 
ATOM   525  C CB  . LYS A 1 69 ? -2.724  0.044   -19.598 1.00 21.30 ? 69  LYS A CB  1 
ATOM   526  C CG  . LYS A 1 69 ? -2.881  1.550   -19.775 1.00 17.40 ? 69  LYS A CG  1 
ATOM   527  C CD  . LYS A 1 69 ? -4.114  1.874   -20.657 1.00 19.40 ? 69  LYS A CD  1 
ATOM   528  C CE  . LYS A 1 69 ? -5.393  1.323   -19.994 1.00 29.90 ? 69  LYS A CE  1 
ATOM   529  N NZ  . LYS A 1 69 ? -6.567  2.188   -20.235 1.00 40.20 ? 69  LYS A NZ  1 
ATOM   530  N N   . LYS A 1 70 ? -0.688  0.827   -21.941 1.00 5.60  ? 70  LYS A N   1 
ATOM   531  C CA  . LYS A 1 70 ? 0.662   1.328   -22.225 1.00 3.90  ? 70  LYS A CA  1 
ATOM   532  C C   . LYS A 1 70 ? 0.739   2.850   -21.887 1.00 3.90  ? 70  LYS A C   1 
ATOM   533  O O   . LYS A 1 70 ? -0.144  3.607   -22.361 1.00 5.60  ? 70  LYS A O   1 
ATOM   534  C CB  . LYS A 1 70 ? 1.022   1.020   -23.699 1.00 3.90  ? 70  LYS A CB  1 
ATOM   535  C CG  . LYS A 1 70 ? 2.509   1.219   -23.923 1.00 3.90  ? 70  LYS A CG  1 
ATOM   536  C CD  . LYS A 1 70 ? 2.851   1.588   -25.373 1.00 7.90  ? 70  LYS A CD  1 
ATOM   537  C CE  . LYS A 1 70 ? 4.267   2.220   -25.456 1.00 15.80 ? 70  LYS A CE  1 
ATOM   538  N NZ  . LYS A 1 70 ? 4.779   2.364   -26.832 1.00 31.60 ? 70  LYS A NZ  1 
ATOM   539  N N   . VAL A 1 71 ? 1.764   3.236   -21.064 1.00 3.90  ? 71  VAL A N   1 
ATOM   540  C CA  . VAL A 1 71 ? 1.929   4.575   -20.386 1.00 3.90  ? 71  VAL A CA  1 
ATOM   541  C C   . VAL A 1 71 ? 3.459   5.009   -20.322 1.00 3.90  ? 71  VAL A C   1 
ATOM   542  O O   . VAL A 1 71 ? 4.292   4.122   -20.334 1.00 3.90  ? 71  VAL A O   1 
ATOM   543  C CB  . VAL A 1 71 ? 1.309   4.548   -18.927 1.00 3.90  ? 71  VAL A CB  1 
ATOM   544  C CG1 . VAL A 1 71 ? -0.201  4.401   -18.760 1.00 3.90  ? 71  VAL A CG1 1 
ATOM   545  C CG2 . VAL A 1 71 ? 2.022   3.629   -17.939 1.00 5.10  ? 71  VAL A CG2 1 
ATOM   546  N N   . ARG A 1 72 ? 3.817   6.295   -20.105 1.00 7.30  ? 72  ARG A N   1 
ATOM   547  C CA  . ARG A 1 72 ? 5.204   6.701   -19.661 1.00 9.90  ? 72  ARG A CA  1 
ATOM   548  C C   . ARG A 1 72 ? 5.149   7.146   -18.206 1.00 13.50 ? 72  ARG A C   1 
ATOM   549  O O   . ARG A 1 72 ? 4.366   8.046   -17.898 1.00 13.40 ? 72  ARG A O   1 
ATOM   550  C CB  . ARG A 1 72 ? 5.715   7.958   -20.322 1.00 11.60 ? 72  ARG A CB  1 
ATOM   551  C CG  . ARG A 1 72 ? 5.460   8.069   -21.802 1.00 10.40 ? 72  ARG A CG  1 
ATOM   552  C CD  . ARG A 1 72 ? 6.746   8.279   -22.595 1.00 5.20  ? 72  ARG A CD  1 
ATOM   553  N NE  . ARG A 1 72 ? 7.295   7.010   -23.063 1.00 3.90  ? 72  ARG A NE  1 
ATOM   554  C CZ  . ARG A 1 72 ? 8.604   6.862   -23.303 1.00 5.00  ? 72  ARG A CZ  1 
ATOM   555  N NH1 . ARG A 1 72 ? 9.445   7.863   -22.988 1.00 5.60  ? 72  ARG A NH1 1 
ATOM   556  N NH2 . ARG A 1 72 ? 9.094   5.742   -23.867 1.00 7.60  ? 72  ARG A NH2 1 
ATOM   557  N N   . ALA A 1 73 ? 6.056   6.663   -17.356 1.00 16.80 ? 73  ALA A N   1 
ATOM   558  C CA  . ALA A 1 73 ? 6.041   7.058   -15.901 1.00 13.00 ? 73  ALA A CA  1 
ATOM   559  C C   . ALA A 1 73 ? 7.381   7.309   -15.143 1.00 8.40  ? 73  ALA A C   1 
ATOM   560  O O   . ALA A 1 73 ? 8.539   6.970   -15.504 1.00 4.20  ? 73  ALA A O   1 
ATOM   561  C CB  . ALA A 1 73 ? 5.174   6.115   -15.069 1.00 11.50 ? 73  ALA A CB  1 
ATOM   562  N N   . THR A 1 74 ? 7.133   7.836   -13.979 1.00 16.60 ? 74  THR A N   1 
ATOM   563  C CA  . THR A 1 74 ? 8.192   7.952   -13.001 1.00 23.20 ? 74  THR A CA  1 
ATOM   564  C C   . THR A 1 74 ? 8.134   6.682   -12.110 1.00 12.40 ? 74  THR A C   1 
ATOM   565  O O   . THR A 1 74 ? 7.092   6.289   -11.539 1.00 6.20  ? 74  THR A O   1 
ATOM   566  C CB  . THR A 1 74 ? 7.954   9.279   -12.245 1.00 21.80 ? 74  THR A CB  1 
ATOM   567  O OG1 . THR A 1 74 ? 7.319   10.163  -13.157 1.00 27.90 ? 74  THR A OG1 1 
ATOM   568  C CG2 . THR A 1 74 ? 9.239   9.925   -11.689 1.00 10.90 ? 74  THR A CG2 1 
ATOM   569  N N   . ILE A 1 75 ? 9.246   5.977   -12.104 1.00 15.20 ? 75  ILE A N   1 
ATOM   570  C CA  . ILE A 1 75 ? 9.384   4.995   -11.047 1.00 20.30 ? 75  ILE A CA  1 
ATOM   571  C C   . ILE A 1 75 ? 10.767  5.117   -10.560 1.00 11.80 ? 75  ILE A C   1 
ATOM   572  O O   . ILE A 1 75 ? 11.611  5.486   -11.366 1.00 5.90  ? 75  ILE A O   1 
ATOM   573  C CB  . ILE A 1 75 ? 9.063   3.579   -11.510 1.00 30.30 ? 75  ILE A CB  1 
ATOM   574  C CG1 . ILE A 1 75 ? 10.274  2.729   -11.749 1.00 27.00 ? 75  ILE A CG1 1 
ATOM   575  C CG2 . ILE A 1 75 ? 8.115   3.550   -12.703 1.00 40.70 ? 75  ILE A CG2 1 
ATOM   576  C CD1 . ILE A 1 75 ? 9.810   1.279   -11.811 1.00 31.70 ? 75  ILE A CD1 1 
ATOM   577  N N   . MET A 1 76 ? 10.955  4.785   -9.289  1.00 15.30 ? 76  MET A N   1 
ATOM   578  C CA  . MET A 1 76 ? 12.267  4.703   -8.639  1.00 18.50 ? 76  MET A CA  1 
ATOM   579  C C   . MET A 1 76 ? 12.846  3.333   -8.655  1.00 27.00 ? 76  MET A C   1 
ATOM   580  O O   . MET A 1 76 ? 12.230  2.378   -9.128  1.00 33.90 ? 76  MET A O   1 
ATOM   581  C CB  . MET A 1 76 ? 12.098  5.067   -7.208  1.00 11.60 ? 76  MET A CB  1 
ATOM   582  C CG  . MET A 1 76 ? 11.733  6.524   -7.248  1.00 6.90  ? 76  MET A CG  1 
ATOM   583  S SD  . MET A 1 76 ? 11.121  7.026   -5.727  1.00 5.70  ? 76  MET A SD  1 
ATOM   584  C CE  . MET A 1 76 ? 10.274  8.536   -6.165  1.00 6.00  ? 76  MET A CE  1 
ATOM   585  N N   . THR A 1 77 ? 14.087  3.315   -8.241  1.00 28.60 ? 77  THR A N   1 
ATOM   586  C CA  . THR A 1 77 ? 14.838  2.086   -8.046  1.00 36.00 ? 77  THR A CA  1 
ATOM   587  C C   . THR A 1 77 ? 15.421  2.167   -6.615  1.00 46.40 ? 77  THR A C   1 
ATOM   588  O O   . THR A 1 77 ? 15.562  3.279   -6.063  1.00 50.10 ? 77  THR A O   1 
ATOM   589  C CB  . THR A 1 77 ? 15.859  1.947   -9.210  1.00 29.90 ? 77  THR A CB  1 
ATOM   590  O OG1 . THR A 1 77 ? 15.189  1.537   -10.382 1.00 15.00 ? 77  THR A OG1 1 
ATOM   591  C CG2 . THR A 1 77 ? 17.043  1.033   -8.920  1.00 44.20 ? 77  THR A CG2 1 
ATOM   592  N N   . GLY A 1 78 ? 15.573  1.005   -5.989  1.00 40.60 ? 78  GLY A N   1 
ATOM   593  C CA  . GLY A 1 78 ? 15.987  0.916   -4.570  1.00 28.50 ? 78  GLY A CA  1 
ATOM   594  C C   . GLY A 1 78 ? 15.711  -0.482  -4.056  1.00 16.50 ? 78  GLY A C   1 
ATOM   595  O O   . GLY A 1 78 ? 15.353  -1.353  -4.859  1.00 12.50 ? 78  GLY A O   1 
ATOM   596  N N   . ASP A 1 79 ? 15.901  -0.695  -2.763  1.00 20.80 ? 79  ASP A N   1 
ATOM   597  C CA  . ASP A 1 79 ? 15.870  -2.066  -2.227  1.00 41.50 ? 79  ASP A CA  1 
ATOM   598  C C   . ASP A 1 79 ? 14.499  -2.416  -1.690  1.00 29.70 ? 79  ASP A C   1 
ATOM   599  O O   . ASP A 1 79 ? 14.343  -3.141  -0.688  1.00 21.40 ? 79  ASP A O   1 
ATOM   600  C CB  . ASP A 1 79 ? 17.003  -2.428  -1.242  1.00 74.90 ? 79  ASP A CB  1 
ATOM   601  C CG  . ASP A 1 79 ? 18.396  -2.597  -1.882  1.00 79.00 ? 79  ASP A CG  1 
ATOM   602  O OD1 . ASP A 1 79 ? 18.512  -2.836  -3.104  1.00 79.00 ? 79  ASP A OD1 1 
ATOM   603  O OD2 . ASP A 1 79 ? 19.423  -2.506  -1.174  1.00 79.00 ? 79  ASP A OD2 1 
ATOM   604  N N   . THR A 1 80 ? 13.526  -2.014  -2.469  1.00 26.70 ? 80  THR A N   1 
ATOM   605  C CA  . THR A 1 80 ? 12.165  -2.412  -2.174  1.00 27.80 ? 80  THR A CA  1 
ATOM   606  C C   . THR A 1 80 ? 12.046  -3.931  -2.342  1.00 53.80 ? 80  THR A C   1 
ATOM   607  O O   . THR A 1 80 ? 12.510  -4.499  -3.340  1.00 74.50 ? 80  THR A O   1 
ATOM   608  C CB  . THR A 1 80 ? 11.234  -1.684  -3.084  1.00 18.30 ? 80  THR A CB  1 
ATOM   609  O OG1 . THR A 1 80 ? 9.969   -1.811  -2.469  1.00 29.40 ? 80  THR A OG1 1 
ATOM   610  C CG2 . THR A 1 80 ? 11.289  -2.218  -4.528  1.00 9.10  ? 80  THR A CG2 1 
ATOM   611  N N   . PRO A 1 81 ? 11.471  -4.565  -1.301  1.00 63.10 ? 81  PRO A N   1 
ATOM   612  C CA  . PRO A 1 81 ? 11.332  -6.045  -1.166  1.00 79.00 ? 81  PRO A CA  1 
ATOM   613  C C   . PRO A 1 81 ? 10.483  -6.642  -2.292  1.00 79.00 ? 81  PRO A C   1 
ATOM   614  O O   . PRO A 1 81 ? 10.895  -7.589  -2.986  1.00 79.00 ? 81  PRO A O   1 
ATOM   615  C CB  . PRO A 1 81 ? 10.606  -6.232  0.168   1.00 79.00 ? 81  PRO A CB  1 
ATOM   616  C CG  . PRO A 1 81 ? 11.078  -5.062  1.010   1.00 79.00 ? 81  PRO A CG  1 
ATOM   617  C CD  . PRO A 1 81 ? 11.228  -3.913  0.001   1.00 57.20 ? 81  PRO A CD  1 
ATOM   618  N N   . ILE A 1 82 ? 9.262   -6.146  -2.349  1.00 77.20 ? 82  ILE A N   1 
ATOM   619  C CA  . ILE A 1 82 ? 8.363   -6.358  -3.482  1.00 54.70 ? 82  ILE A CA  1 
ATOM   620  C C   . ILE A 1 82 ? 8.352   -5.087  -4.338  1.00 35.00 ? 82  ILE A C   1 
ATOM   621  O O   . ILE A 1 82 ? 8.679   -3.974  -3.861  1.00 17.50 ? 82  ILE A O   1 
ATOM   622  C CB  . ILE A 1 82 ? 6.953   -6.764  -3.011  1.00 51.80 ? 82  ILE A CB  1 
ATOM   623  C CG1 . ILE A 1 82 ? 5.844   -6.259  -3.961  1.00 42.90 ? 82  ILE A CG1 1 
ATOM   624  C CG2 . ILE A 1 82 ? 6.696   -6.505  -1.518  1.00 54.60 ? 82  ILE A CG2 1 
ATOM   625  C CD1 . ILE A 1 82 ? 4.427   -6.443  -3.424  1.00 34.80 ? 82  ILE A CD1 1 
ATOM   626  N N   . ASN A 1 83 ? 8.115   -5.328  -5.621  1.00 40.70 ? 83  ASN A N   1 
ATOM   627  C CA  . ASN A 1 83 ? 7.876   -4.247  -6.575  1.00 40.50 ? 83  ASN A CA  1 
ATOM   628  C C   . ASN A 1 83 ? 6.516   -3.668  -6.358  1.00 44.10 ? 83  ASN A C   1 
ATOM   629  O O   . ASN A 1 83 ? 5.481   -4.349  -6.480  1.00 35.10 ? 83  ASN A O   1 
ATOM   630  C CB  . ASN A 1 83 ? 7.967   -4.690  -7.999  1.00 23.20 ? 83  ASN A CB  1 
ATOM   631  C CG  . ASN A 1 83 ? 9.341   -5.262  -8.281  1.00 11.60 ? 83  ASN A CG  1 
ATOM   632  O OD1 . ASN A 1 83 ? 10.376  -4.871  -7.715  1.00 5.80  ? 83  ASN A OD1 1 
ATOM   633  N ND2 . ASN A 1 83 ? 9.266   -6.338  -9.011  1.00 8.70  ? 83  ASN A ND2 1 
ATOM   634  N N   . ILE A 1 84 ? 6.582   -2.367  -6.171  1.00 42.90 ? 84  ILE A N   1 
ATOM   635  C CA  . ILE A 1 84 ? 5.436   -1.581  -5.784  1.00 24.00 ? 84  ILE A CA  1 
ATOM   636  C C   . ILE A 1 84 ? 5.144   -0.627  -6.899  1.00 12.00 ? 84  ILE A C   1 
ATOM   637  O O   . ILE A 1 84 ? 5.993   0.156   -7.349  1.00 6.00  ? 84  ILE A O   1 
ATOM   638  C CB  . ILE A 1 84 ? 5.694   -0.742  -4.546  1.00 12.50 ? 84  ILE A CB  1 
ATOM   639  C CG1 . ILE A 1 84 ? 6.655   -1.392  -3.554  1.00 15.60 ? 84  ILE A CG1 1 
ATOM   640  C CG2 . ILE A 1 84 ? 4.359   -0.558  -3.878  1.00 6.30  ? 84  ILE A CG2 1 
ATOM   641  C CD1 . ILE A 1 84 ? 7.136   -0.310  -2.569  1.00 20.30 ? 84  ILE A CD1 1 
ATOM   642  N N   . PHE A 1 85 ? 3.875   -0.609  -7.183  1.00 12.00 ? 85  PHE A N   1 
ATOM   643  C CA  . PHE A 1 85 ? 3.296   0.440   -7.999  1.00 13.30 ? 85  PHE A CA  1 
ATOM   644  C C   . PHE A 1 85 ? 2.440   1.415   -7.136  1.00 6.70  ? 85  PHE A C   1 
ATOM   645  O O   . PHE A 1 85 ? 1.266   1.143   -6.949  1.00 4.50  ? 85  PHE A O   1 
ATOM   646  C CB  . PHE A 1 85 ? 2.468   -0.202  -9.133  1.00 14.10 ? 85  PHE A CB  1 
ATOM   647  C CG  . PHE A 1 85 ? 3.274   -0.544  -10.392 1.00 13.30 ? 85  PHE A CG  1 
ATOM   648  C CD1 . PHE A 1 85 ? 4.674   -0.394  -10.429 1.00 25.50 ? 85  PHE A CD1 1 
ATOM   649  C CD2 . PHE A 1 85 ? 2.582   -0.998  -11.510 1.00 6.60  ? 85  PHE A CD2 1 
ATOM   650  C CE1 . PHE A 1 85 ? 5.364   -0.623  -11.627 1.00 29.30 ? 85  PHE A CE1 1 
ATOM   651  C CE2 . PHE A 1 85 ? 3.266   -1.192  -12.701 1.00 4.40  ? 85  PHE A CE2 1 
ATOM   652  C CZ  . PHE A 1 85 ? 4.657   -1.019  -12.772 1.00 17.90 ? 85  PHE A CZ  1 
ATOM   653  N N   . GLY A 1 86 ? 3.054   2.457   -6.593  1.00 3.90  ? 86  GLY A N   1 
ATOM   654  C CA  . GLY A 1 86 ? 2.365   3.648   -6.145  1.00 3.90  ? 86  GLY A CA  1 
ATOM   655  C C   . GLY A 1 86 ? 1.345   4.209   -7.160  1.00 3.90  ? 86  GLY A C   1 
ATOM   656  O O   . GLY A 1 86 ? 1.124   3.628   -8.261  1.00 4.10  ? 86  GLY A O   1 
ATOM   657  N N   . ARG A 1 87 ? 0.728   5.320   -6.699  1.00 3.90  ? 87  ARG A N   1 
ATOM   658  C CA  . ARG A 1 87 ? -0.441  5.982   -7.318  1.00 3.90  ? 87  ARG A CA  1 
ATOM   659  C C   . ARG A 1 87 ? -0.042  6.712   -8.582  1.00 3.90  ? 87  ARG A C   1 
ATOM   660  O O   . ARG A 1 87 ? -0.768  6.893   -9.554  1.00 3.90  ? 87  ARG A O   1 
ATOM   661  C CB  . ARG A 1 87 ? -1.035  7.010   -6.338  1.00 7.90  ? 87  ARG A CB  1 
ATOM   662  C CG  . ARG A 1 87 ? -1.743  6.373   -5.116  1.00 10.60 ? 87  ARG A CG  1 
ATOM   663  C CD  . ARG A 1 87 ? -2.511  7.415   -4.258  1.00 7.70  ? 87  ARG A CD  1 
ATOM   664  N NE  . ARG A 1 87 ? -1.670  8.474   -3.628  1.00 10.70 ? 87  ARG A NE  1 
ATOM   665  C CZ  . ARG A 1 87 ? -1.311  9.678   -4.194  1.00 16.60 ? 87  ARG A CZ  1 
ATOM   666  N NH1 . ARG A 1 87 ? -1.581  9.932   -5.494  1.00 28.10 ? 87  ARG A NH1 1 
ATOM   667  N NH2 . ARG A 1 87 ? -0.682  10.642  -3.460  1.00 8.30  ? 87  ARG A NH2 1 
ATOM   668  N N   . ASN A 1 88 ? 1.141   7.223   -8.505  1.00 7.90  ? 88  ASN A N   1 
ATOM   669  C CA  . ASN A 1 88 ? 1.764   7.911   -9.640  1.00 15.80 ? 88  ASN A CA  1 
ATOM   670  C C   . ASN A 1 88 ? 1.339   7.263   -10.969 1.00 27.60 ? 88  ASN A C   1 
ATOM   671  O O   . ASN A 1 88 ? 0.630   7.942   -11.728 1.00 30.90 ? 88  ASN A O   1 
ATOM   672  C CB  . ASN A 1 88 ? 3.262   8.089   -9.451  1.00 7.90  ? 88  ASN A CB  1 
ATOM   673  C CG  . ASN A 1 88 ? 4.075   6.856   -9.732  1.00 3.90  ? 88  ASN A CG  1 
ATOM   674  O OD1 . ASN A 1 88 ? 3.772   5.750   -9.292  1.00 3.90  ? 88  ASN A OD1 1 
ATOM   675  N ND2 . ASN A 1 88 ? 5.138   7.073   -10.474 1.00 7.00  ? 88  ASN A ND2 1 
ATOM   676  N N   . ILE A 1 89 ? 1.610   5.949   -11.125 1.00 25.40 ? 89  ILE A N   1 
ATOM   677  C CA  . ILE A 1 89 ? 1.081   5.094   -12.229 1.00 19.10 ? 89  ILE A CA  1 
ATOM   678  C C   . ILE A 1 89 ? -0.195  4.318   -11.941 1.00 15.00 ? 89  ILE A C   1 
ATOM   679  O O   . ILE A 1 89 ? -0.531  3.426   -12.753 1.00 18.70 ? 89  ILE A O   1 
ATOM   680  C CB  . ILE A 1 89 ? 2.075   4.088   -12.770 1.00 24.90 ? 89  ILE A CB  1 
ATOM   681  C CG1 . ILE A 1 89 ? 2.856   3.328   -11.710 1.00 16.80 ? 89  ILE A CG1 1 
ATOM   682  C CG2 . ILE A 1 89 ? 2.876   4.541   -13.985 1.00 37.20 ? 89  ILE A CG2 1 
ATOM   683  C CD1 . ILE A 1 89 ? 4.190   2.827   -12.286 1.00 8.70  ? 89  ILE A CD1 1 
ATOM   684  N N   . LEU A 1 90 ? -0.878  4.663   -10.835 1.00 10.00 ? 90  LEU A N   1 
ATOM   685  C CA  . LEU A 1 90 ? -2.268  4.209   -10.581 1.00 5.00  ? 90  LEU A CA  1 
ATOM   686  C C   . LEU A 1 90 ? -3.278  5.152   -11.274 1.00 3.90  ? 90  LEU A C   1 
ATOM   687  O O   . LEU A 1 90 ? -4.329  4.750   -11.745 1.00 3.90  ? 90  LEU A O   1 
ATOM   688  C CB  . LEU A 1 90 ? -2.630  3.920   -9.094  1.00 3.90  ? 90  LEU A CB  1 
ATOM   689  C CG  . LEU A 1 90 ? -2.030  2.656   -8.384  1.00 3.90  ? 90  LEU A CG  1 
ATOM   690  C CD1 . LEU A 1 90 ? -2.596  2.492   -6.988  1.00 6.00  ? 90  LEU A CD1 1 
ATOM   691  C CD2 . LEU A 1 90 ? -2.219  1.349   -9.104  1.00 3.90  ? 90  LEU A CD2 1 
ATOM   692  N N   . THR A 1 91 ? -2.824  6.355   -11.516 1.00 7.90  ? 91  THR A N   1 
ATOM   693  C CA  . THR A 1 91 ? -3.610  7.399   -12.187 1.00 15.80 ? 91  THR A CA  1 
ATOM   694  C C   . THR A 1 91 ? -3.205  7.641   -13.669 1.00 25.10 ? 91  THR A C   1 
ATOM   695  O O   . THR A 1 91 ? -3.759  8.495   -14.367 1.00 40.50 ? 91  THR A O   1 
ATOM   696  C CB  . THR A 1 91 ? -3.550  8.679   -11.339 1.00 8.80  ? 91  THR A CB  1 
ATOM   697  O OG1 . THR A 1 91 ? -2.199  9.105   -10.981 1.00 7.60  ? 91  THR A OG1 1 
ATOM   698  C CG2 . THR A 1 91 ? -4.539  8.608   -10.175 1.00 4.40  ? 91  THR A CG2 1 
ATOM   699  N N   . ALA A 1 92 ? -2.279  6.845   -14.124 1.00 15.60 ? 92  ALA A N   1 
ATOM   700  C CA  . ALA A 1 92 ? -1.805  6.839   -15.501 1.00 13.10 ? 92  ALA A CA  1 
ATOM   701  C C   . ALA A 1 92 ? -2.645  5.801   -16.278 1.00 17.30 ? 92  ALA A C   1 
ATOM   702  O O   . ALA A 1 92 ? -3.081  5.987   -17.427 1.00 14.60 ? 92  ALA A O   1 
ATOM   703  C CB  . ALA A 1 92 ? -0.329  6.363   -15.461 1.00 8.70  ? 92  ALA A CB  1 
ATOM   704  N N   . LEU A 1 93 ? -2.764  4.669   -15.628 1.00 19.80 ? 93  LEU A N   1 
ATOM   705  C CA  . LEU A 1 93 ? -3.606  3.584   -16.074 1.00 17.50 ? 93  LEU A CA  1 
ATOM   706  C C   . LEU A 1 93 ? -5.041  4.008   -15.830 1.00 19.60 ? 93  LEU A C   1 
ATOM   707  O O   . LEU A 1 93 ? -5.965  3.597   -16.562 1.00 16.10 ? 93  LEU A O   1 
ATOM   708  C CB  . LEU A 1 93 ? -3.213  2.378   -15.260 1.00 12.70 ? 93  LEU A CB  1 
ATOM   709  C CG  . LEU A 1 93 ? -2.002  1.732   -15.899 1.00 9.50  ? 93  LEU A CG  1 
ATOM   710  C CD1 . LEU A 1 93 ? -1.171  1.027   -14.854 1.00 7.90  ? 93  LEU A CD1 1 
ATOM   711  C CD2 . LEU A 1 93 ? -2.445  0.774   -17.035 1.00 8.20  ? 93  LEU A CD2 1 
ATOM   712  N N   . GLY A 1 94 ? -5.098  4.989   -14.921 1.00 19.10 ? 94  GLY A N   1 
ATOM   713  C CA  . GLY A 1 94 ? -6.310  5.661   -14.429 1.00 9.60  ? 94  GLY A CA  1 
ATOM   714  C C   . GLY A 1 94 ? -7.143  4.670   -13.663 1.00 4.80  ? 94  GLY A C   1 
ATOM   715  O O   . GLY A 1 94 ? -8.178  4.294   -14.183 1.00 3.90  ? 94  GLY A O   1 
ATOM   716  N N   . MET A 1 95 ? -6.616  4.144   -12.549 1.00 3.90  ? 95  MET A N   1 
ATOM   717  C CA  . MET A 1 95 ? -7.403  3.393   -11.521 1.00 6.30  ? 95  MET A CA  1 
ATOM   718  C C   . MET A 1 95 ? -8.180  4.214   -10.446 1.00 8.20  ? 95  MET A C   1 
ATOM   719  O O   . MET A 1 95 ? -8.044  5.463   -10.319 1.00 10.20 ? 95  MET A O   1 
ATOM   720  C CB  . MET A 1 95 ? -6.682  2.203   -10.899 1.00 12.50 ? 95  MET A CB  1 
ATOM   721  C CG  . MET A 1 95 ? -6.591  0.982   -11.818 1.00 22.30 ? 95  MET A CG  1 
ATOM   722  S SD  . MET A 1 95 ? -5.216  -0.113  -11.397 1.00 19.60 ? 95  MET A SD  1 
ATOM   723  C CE  . MET A 1 95 ? -5.483  -1.716  -12.161 1.00 13.70 ? 95  MET A CE  1 
ATOM   724  N N   . SER A 1 96 ? -9.192  3.473   -9.965  1.00 6.60  ? 96  SER A N   1 
ATOM   725  C CA  . SER A 1 96 ? -10.054 3.825   -8.850  1.00 4.90  ? 96  SER A CA  1 
ATOM   726  C C   . SER A 1 96 ? -10.270 2.662   -7.826  1.00 3.90  ? 96  SER A C   1 
ATOM   727  O O   . SER A 1 96 ? -10.122 1.468   -8.080  1.00 3.90  ? 96  SER A O   1 
ATOM   728  C CB  . SER A 1 96 ? -11.357 4.470   -9.321  1.00 9.90  ? 96  SER A CB  1 
ATOM   729  O OG  . SER A 1 96 ? -12.078 3.548   -10.147 1.00 15.80 ? 96  SER A OG  1 
ATOM   730  N N   . LEU A 1 97 ? -10.566 3.073   -6.629  1.00 3.90  ? 97  LEU A N   1 
ATOM   731  C CA  . LEU A 1 97 ? -10.528 2.213   -5.462  1.00 3.90  ? 97  LEU A CA  1 
ATOM   732  C C   . LEU A 1 97 ? -11.924 2.360   -4.922  1.00 3.90  ? 97  LEU A C   1 
ATOM   733  O O   . LEU A 1 97 ? -12.332 3.411   -4.392  1.00 3.90  ? 97  LEU A O   1 
ATOM   734  C CB  . LEU A 1 97 ? -9.424  2.771   -4.532  1.00 3.90  ? 97  LEU A CB  1 
ATOM   735  C CG  . LEU A 1 97 ? -9.167  1.891   -3.311  1.00 7.90  ? 97  LEU A CG  1 
ATOM   736  C CD1 . LEU A 1 97 ? -9.889  2.440   -2.081  1.00 15.80 ? 97  LEU A CD1 1 
ATOM   737  C CD2 . LEU A 1 97 ? -9.570  0.420   -3.574  1.00 9.20  ? 97  LEU A CD2 1 
ATOM   738  N N   . ASN A 1 98 ? -12.694 1.345   -5.214  1.00 3.90  ? 98  ASN A N   1 
ATOM   739  C CA  . ASN A 1 98 ? -14.100 1.508   -5.123  1.00 3.90  ? 98  ASN A CA  1 
ATOM   740  C C   . ASN A 1 98 ? -14.621 0.563   -4.122  1.00 3.90  ? 98  ASN A C   1 
ATOM   741  O O   . ASN A 1 98 ? -14.086 -0.530  -3.967  1.00 3.90  ? 98  ASN A O   1 
ATOM   742  C CB  . ASN A 1 98 ? -14.753 1.174   -6.419  1.00 3.90  ? 98  ASN A CB  1 
ATOM   743  C CG  . ASN A 1 98 ? -14.311 2.006   -7.574  1.00 3.90  ? 98  ASN A CG  1 
ATOM   744  O OD1 . ASN A 1 98 ? -13.828 3.112   -7.485  1.00 3.90  ? 98  ASN A OD1 1 
ATOM   745  N ND2 . ASN A 1 98 ? -14.572 1.466   -8.713  1.00 7.90  ? 98  ASN A ND2 1 
ATOM   746  N N   . LEU A 1 99 ? -15.553 1.126   -3.370  1.00 3.90  ? 99  LEU A N   1 
ATOM   747  C CA  . LEU A 1 99 ? -16.556 0.423   -2.543  1.00 7.90  ? 99  LEU A CA  1 
ATOM   748  C C   . LEU A 1 99 ? -17.712 -0.187  -3.434  1.00 15.70 ? 99  LEU A C   1 
ATOM   749  O O   . LEU A 1 99 ? -17.553 -0.328  -4.666  1.00 18.40 ? 99  LEU A O   1 
ATOM   750  C CB  . LEU A 1 99 ? -17.050 1.408   -1.416  1.00 3.90  ? 99  LEU A CB  1 
ATOM   751  C CG  . LEU A 1 99 ? -17.692 0.772   -0.192  1.00 3.90  ? 99  LEU A CG  1 
ATOM   752  C CD1 . LEU A 1 99 ? -17.026 -0.555  0.138   1.00 3.90  ? 99  LEU A CD1 1 
ATOM   753  C CD2 . LEU A 1 99 ? -17.532 1.747   0.988   1.00 3.90  ? 99  LEU A CD2 1 
ATOM   754  O OXT . LEU A 1 99 ? -18.763 -0.564  -2.874  1.00 30.00 ? 99  LEU A OXT 1 
ATOM   755  N N   . PRO B 1 1  ? -16.801 4.888   -1.945  1.00 70.40 ? 1   PRO B N   1 
ATOM   756  C CA  . PRO B 1 1  ? -17.571 5.165   -3.176  1.00 56.90 ? 1   PRO B CA  1 
ATOM   757  C C   . PRO B 1 1  ? -16.633 4.822   -4.327  1.00 42.20 ? 1   PRO B C   1 
ATOM   758  O O   . PRO B 1 1  ? -16.475 3.670   -4.733  1.00 38.00 ? 1   PRO B O   1 
ATOM   759  C CB  . PRO B 1 1  ? -17.831 6.664   -3.153  1.00 69.50 ? 1   PRO B CB  1 
ATOM   760  C CG  . PRO B 1 1  ? -17.989 6.979   -1.684  1.00 76.30 ? 1   PRO B CG  1 
ATOM   761  C CD  . PRO B 1 1  ? -17.028 6.017   -1.006  1.00 79.00 ? 1   PRO B CD  1 
ATOM   762  N N   . GLN B 1 2  ? -15.989 5.852   -4.810  1.00 40.50 ? 2   GLN B N   1 
ATOM   763  C CA  . GLN B 1 2  ? -14.803 5.707   -5.650  1.00 23.60 ? 2   GLN B CA  1 
ATOM   764  C C   . GLN B 1 2  ? -13.666 6.555   -5.016  1.00 16.90 ? 2   GLN B C   1 
ATOM   765  O O   . GLN B 1 2  ? -13.886 7.371   -4.098  1.00 20.70 ? 2   GLN B O   1 
ATOM   766  C CB  . GLN B 1 2  ? -15.108 6.116   -7.079  1.00 15.10 ? 2   GLN B CB  1 
ATOM   767  C CG  . GLN B 1 2  ? -13.847 5.905   -7.914  1.00 30.20 ? 2   GLN B CG  1 
ATOM   768  C CD  . GLN B 1 2  ? -14.021 6.421   -9.338  1.00 60.40 ? 2   GLN B CD  1 
ATOM   769  O OE1 . GLN B 1 2  ? -15.046 7.037   -9.647  1.00 79.00 ? 2   GLN B OE1 1 
ATOM   770  N NE2 . GLN B 1 2  ? -13.011 6.176   -10.159 1.00 79.00 ? 2   GLN B NE2 1 
ATOM   771  N N   . PHE B 1 3  ? -12.456 6.213   -5.342  1.00 8.50  ? 3   PHE B N   1 
ATOM   772  C CA  . PHE B 1 3  ? -11.330 6.977   -4.855  1.00 4.20  ? 3   PHE B CA  1 
ATOM   773  C C   . PHE B 1 3  ? -10.427 7.076   -6.012  1.00 8.50  ? 3   PHE B C   1 
ATOM   774  O O   . PHE B 1 3  ? -10.019 6.043   -6.557  1.00 16.90 ? 3   PHE B O   1 
ATOM   775  C CB  . PHE B 1 3  ? -10.607 6.281   -3.697  1.00 8.50  ? 3   PHE B CB  1 
ATOM   776  C CG  . PHE B 1 3  ? -11.260 6.410   -2.290  1.00 14.60 ? 3   PHE B CG  1 
ATOM   777  C CD1 . PHE B 1 3  ? -12.227 5.501   -1.883  1.00 17.20 ? 3   PHE B CD1 1 
ATOM   778  C CD2 . PHE B 1 3  ? -10.879 7.422   -1.422  1.00 7.90  ? 3   PHE B CD2 1 
ATOM   779  C CE1 . PHE B 1 3  ? -12.780 5.577   -0.609  1.00 10.90 ? 3   PHE B CE1 1 
ATOM   780  C CE2 . PHE B 1 3  ? -11.439 7.502   -0.157  1.00 3.90  ? 3   PHE B CE2 1 
ATOM   781  C CZ  . PHE B 1 3  ? -12.390 6.575   0.259   1.00 3.90  ? 3   PHE B CZ  1 
ATOM   782  N N   . SER B 1 4  ? -10.227 8.311   -6.424  1.00 16.90 ? 4   SER B N   1 
ATOM   783  C CA  . SER B 1 4  ? -9.224  8.603   -7.457  1.00 33.80 ? 4   SER B CA  1 
ATOM   784  C C   . SER B 1 4  ? -7.855  8.561   -6.831  1.00 60.80 ? 4   SER B C   1 
ATOM   785  O O   . SER B 1 4  ? -7.629  9.043   -5.711  1.00 79.00 ? 4   SER B O   1 
ATOM   786  C CB  . SER B 1 4  ? -9.461  9.920   -8.194  1.00 31.00 ? 4   SER B CB  1 
ATOM   787  O OG  . SER B 1 4  ? -10.579 9.767   -9.091  1.00 31.50 ? 4   SER B OG  1 
ATOM   788  N N   . LEU B 1 5  ? -6.962  7.913   -7.531  1.00 39.90 ? 5   LEU B N   1 
ATOM   789  C CA  . LEU B 1 5  ? -5.666  7.654   -6.914  1.00 41.30 ? 5   LEU B CA  1 
ATOM   790  C C   . LEU B 1 5  ? -4.701  8.843   -7.116  1.00 68.50 ? 5   LEU B C   1 
ATOM   791  O O   . LEU B 1 5  ? -3.478  8.687   -7.285  1.00 79.00 ? 5   LEU B O   1 
ATOM   792  C CB  . LEU B 1 5  ? -5.166  6.231   -7.173  1.00 20.70 ? 5   LEU B CB  1 
ATOM   793  C CG  . LEU B 1 5  ? -5.990  5.204   -6.369  1.00 10.30 ? 5   LEU B CG  1 
ATOM   794  C CD1 . LEU B 1 5  ? -5.709  3.751   -6.829  1.00 5.20  ? 5   LEU B CD1 1 
ATOM   795  C CD2 . LEU B 1 5  ? -5.911  5.422   -4.821  1.00 5.20  ? 5   LEU B CD2 1 
ATOM   796  N N   . TRP B 1 6  ? -5.300  10.025  -6.942  1.00 51.90 ? 6   TRP B N   1 
ATOM   797  C CA  . TRP B 1 6  ? -4.651  11.343  -7.125  1.00 27.70 ? 6   TRP B CA  1 
ATOM   798  C C   . TRP B 1 6  ? -4.188  11.949  -5.808  1.00 55.40 ? 6   TRP B C   1 
ATOM   799  O O   . TRP B 1 6  ? -3.016  12.337  -5.639  1.00 62.90 ? 6   TRP B O   1 
ATOM   800  C CB  . TRP B 1 6  ? -5.630  12.311  -7.733  1.00 13.80 ? 6   TRP B CB  1 
ATOM   801  C CG  . TRP B 1 6  ? -5.905  11.976  -9.175  1.00 18.40 ? 6   TRP B CG  1 
ATOM   802  C CD1 . TRP B 1 6  ? -7.053  11.507  -9.670  1.00 15.80 ? 6   TRP B CD1 1 
ATOM   803  C CD2 . TRP B 1 6  ? -4.980  12.100  -10.260 1.00 36.70 ? 6   TRP B CD2 1 
ATOM   804  N NE1 . TRP B 1 6  ? -6.869  11.309  -11.079 1.00 22.40 ? 6   TRP B NE1 1 
ATOM   805  C CE2 . TRP B 1 6  ? -5.646  11.674  -11.412 1.00 30.50 ? 6   TRP B CE2 1 
ATOM   806  C CE3 . TRP B 1 6  ? -3.639  12.508  -10.380 1.00 37.20 ? 6   TRP B CE3 1 
ATOM   807  C CZ2 . TRP B 1 6  ? -5.049  11.690  -12.699 1.00 15.20 ? 6   TRP B CZ2 1 
ATOM   808  C CZ3 . TRP B 1 6  ? -3.057  12.535  -11.675 1.00 18.60 ? 6   TRP B CZ3 1 
ATOM   809  C CH2 . TRP B 1 6  ? -3.735  12.148  -12.791 1.00 7.60  ? 6   TRP B CH2 1 
ATOM   810  N N   . LYS B 1 7  ? -5.193  12.203  -4.994  1.00 65.10 ? 7   LYS B N   1 
ATOM   811  C CA  . LYS B 1 7  ? -5.030  12.437  -3.557  1.00 36.40 ? 7   LYS B CA  1 
ATOM   812  C C   . LYS B 1 7  ? -4.906  11.061  -2.927  1.00 18.20 ? 7   LYS B C   1 
ATOM   813  O O   . LYS B 1 7  ? -5.486  10.074  -3.402  1.00 9.10  ? 7   LYS B O   1 
ATOM   814  C CB  . LYS B 1 7  ? -6.279  13.152  -3.022  1.00 36.70 ? 7   LYS B CB  1 
ATOM   815  C CG  . LYS B 1 7  ? -6.196  14.662  -3.224  1.00 60.50 ? 7   LYS B CG  1 
ATOM   816  C CD  . LYS B 1 7  ? -5.333  15.309  -2.136  1.00 79.00 ? 7   LYS B CD  1 
ATOM   817  C CE  . LYS B 1 7  ? -4.990  16.778  -2.413  1.00 79.00 ? 7   LYS B CE  1 
ATOM   818  N NZ  . LYS B 1 7  ? -3.941  16.921  -3.433  1.00 79.00 ? 7   LYS B NZ  1 
ATOM   819  N N   . ARG B 1 8  ? -4.138  11.001  -1.875  1.00 14.50 ? 8   ARG B N   1 
ATOM   820  C CA  . ARG B 1 8  ? -4.103  9.789   -1.057  1.00 23.00 ? 8   ARG B CA  1 
ATOM   821  C C   . ARG B 1 8  ? -5.476  9.519   -0.513  1.00 36.00 ? 8   ARG B C   1 
ATOM   822  O O   . ARG B 1 8  ? -6.148  10.447  -0.041  1.00 30.80 ? 8   ARG B O   1 
ATOM   823  C CB  . ARG B 1 8  ? -3.243  9.954   0.151   1.00 15.10 ? 8   ARG B CB  1 
ATOM   824  C CG  . ARG B 1 8  ? -1.956  10.742  -0.074  1.00 7.50  ? 8   ARG B CG  1 
ATOM   825  C CD  . ARG B 1 8  ? -1.059  10.330  1.080   1.00 3.90  ? 8   ARG B CD  1 
ATOM   826  N NE  . ARG B 1 8  ? -0.041  11.287  1.412   1.00 5.50  ? 8   ARG B NE  1 
ATOM   827  C CZ  . ARG B 1 8  ? 1.168   10.957  1.865   1.00 11.10 ? 8   ARG B CZ  1 
ATOM   828  N NH1 . ARG B 1 8  ? 1.509   9.654   1.958   1.00 22.10 ? 8   ARG B NH1 1 
ATOM   829  N NH2 . ARG B 1 8  ? 2.026   11.930  2.229   1.00 22.10 ? 8   ARG B NH2 1 
ATOM   830  N N   . PRO B 1 9  ? -5.783  8.216   -0.451  1.00 38.50 ? 9   PRO B N   1 
ATOM   831  C CA  . PRO B 1 9  ? -7.106  7.708   -0.053  1.00 19.20 ? 9   PRO B CA  1 
ATOM   832  C C   . PRO B 1 9  ? -7.271  7.503   1.469   1.00 9.60  ? 9   PRO B C   1 
ATOM   833  O O   . PRO B 1 9  ? -7.469  6.394   1.927   1.00 6.10  ? 9   PRO B O   1 
ATOM   834  C CB  . PRO B 1 9  ? -7.283  6.445   -0.897  1.00 9.60  ? 9   PRO B CB  1 
ATOM   835  C CG  . PRO B 1 9  ? -5.869  5.932   -1.109  1.00 17.60 ? 9   PRO B CG  1 
ATOM   836  C CD  . PRO B 1 9  ? -4.990  7.174   -1.154  1.00 34.50 ? 9   PRO B CD  1 
ATOM   837  N N   . VAL B 1 10 ? -7.176  8.582   2.235   1.00 9.00  ? 10  VAL B N   1 
ATOM   838  C CA  . VAL B 1 10 ? -7.486  8.637   3.695   1.00 7.70  ? 10  VAL B CA  1 
ATOM   839  C C   . VAL B 1 10 ? -8.975  8.800   4.016   1.00 9.10  ? 10  VAL B C   1 
ATOM   840  O O   . VAL B 1 10 ? -9.762  9.473   3.329   1.00 12.50 ? 10  VAL B O   1 
ATOM   841  C CB  . VAL B 1 10 ? -6.623  9.645   4.468   1.00 3.90  ? 10  VAL B CB  1 
ATOM   842  C CG1 . VAL B 1 10 ? -5.740  10.466  3.496   1.00 3.90  ? 10  VAL B CG1 1 
ATOM   843  C CG2 . VAL B 1 10 ? -7.386  10.438  5.559   1.00 3.90  ? 10  VAL B CG2 1 
ATOM   844  N N   . VAL B 1 11 ? -9.283  8.230   5.147   1.00 4.50  ? 11  VAL B N   1 
ATOM   845  C CA  . VAL B 1 11 ? -10.595 8.065   5.665   1.00 3.90  ? 11  VAL B CA  1 
ATOM   846  C C   . VAL B 1 11 ? -10.475 8.208   7.236   1.00 7.60  ? 11  VAL B C   1 
ATOM   847  O O   . VAL B 1 11 ? -9.519  7.798   7.916   1.00 9.00  ? 11  VAL B O   1 
ATOM   848  C CB  . VAL B 1 11 ? -10.889 6.644   5.160   1.00 3.90  ? 11  VAL B CB  1 
ATOM   849  C CG1 . VAL B 1 11 ? -9.889  5.564   5.601   1.00 3.90  ? 11  VAL B CG1 1 
ATOM   850  C CG2 . VAL B 1 11 ? -12.353 6.192   5.028   1.00 7.90  ? 11  VAL B CG2 1 
ATOM   851  N N   . THR B 1 12 ? -11.451 8.859   7.818   1.00 13.10 ? 12  THR B N   1 
ATOM   852  C CA  . THR B 1 12 ? -11.568 8.889   9.291   1.00 17.60 ? 12  THR B CA  1 
ATOM   853  C C   . THR B 1 12 ? -12.293 7.634   9.788   1.00 18.40 ? 12  THR B C   1 
ATOM   854  O O   . THR B 1 12 ? -13.347 7.266   9.270   1.00 24.60 ? 12  THR B O   1 
ATOM   855  C CB  . THR B 1 12 ? -12.408 10.094  9.718   1.00 24.00 ? 12  THR B CB  1 
ATOM   856  O OG1 . THR B 1 12 ? -13.769 10.066  9.206   1.00 15.50 ? 12  THR B OG1 1 
ATOM   857  C CG2 . THR B 1 12 ? -11.650 11.401  9.440   1.00 38.10 ? 12  THR B CG2 1 
ATOM   858  N N   . ALA B 1 13 ? -11.762 7.032   10.814  1.00 14.10 ? 13  ALA B N   1 
ATOM   859  C CA  . ALA B 1 13 ? -12.394 5.857   11.410  1.00 12.30 ? 13  ALA B CA  1 
ATOM   860  C C   . ALA B 1 13 ? -12.571 5.891   12.962  1.00 6.10  ? 13  ALA B C   1 
ATOM   861  O O   . ALA B 1 13 ? -12.231 6.855   13.666  1.00 3.90  ? 13  ALA B O   1 
ATOM   862  C CB  . ALA B 1 13 ? -11.664 4.607   10.935  1.00 17.40 ? 13  ALA B CB  1 
ATOM   863  N N   . TYR B 1 14 ? -13.227 4.823   13.428  1.00 5.90  ? 14  TYR B N   1 
ATOM   864  C CA  . TYR B 1 14 ? -13.513 4.492   14.842  1.00 3.90  ? 14  TYR B CA  1 
ATOM   865  C C   . TYR B 1 14 ? -13.124 3.043   15.043  1.00 3.90  ? 14  TYR B C   1 
ATOM   866  O O   . TYR B 1 14 ? -13.924 2.147   14.795  1.00 3.90  ? 14  TYR B O   1 
ATOM   867  C CB  . TYR B 1 14 ? -14.999 4.499   15.113  1.00 3.90  ? 14  TYR B CB  1 
ATOM   868  C CG  . TYR B 1 14 ? -15.472 5.831   15.526  1.00 5.10  ? 14  TYR B CG  1 
ATOM   869  C CD1 . TYR B 1 14 ? -14.993 6.393   16.700  1.00 10.20 ? 14  TYR B CD1 1 
ATOM   870  C CD2 . TYR B 1 14 ? -16.395 6.502   14.740  1.00 10.20 ? 14  TYR B CD2 1 
ATOM   871  C CE1 . TYR B 1 14 ? -15.332 7.714   17.010  1.00 16.40 ? 14  TYR B CE1 1 
ATOM   872  C CE2 . TYR B 1 14 ? -16.735 7.825   15.037  1.00 8.00  ? 14  TYR B CE2 1 
ATOM   873  C CZ  . TYR B 1 14 ? -16.168 8.443   16.147  1.00 8.20  ? 14  TYR B CZ  1 
ATOM   874  O OH  . TYR B 1 14 ? -16.350 9.762   16.339  1.00 4.10  ? 14  TYR B OH  1 
ATOM   875  N N   . ILE B 1 15 ? -11.971 2.894   15.641  1.00 3.90  ? 15  ILE B N   1 
ATOM   876  C CA  . ILE B 1 15 ? -11.374 1.637   16.063  1.00 7.90  ? 15  ILE B CA  1 
ATOM   877  C C   . ILE B 1 15 ? -11.809 1.424   17.567  1.00 15.80 ? 15  ILE B C   1 
ATOM   878  O O   . ILE B 1 15 ? -11.103 1.726   18.556  1.00 9.70  ? 15  ILE B O   1 
ATOM   879  C CB  . ILE B 1 15 ? -9.827  1.704   15.764  1.00 15.80 ? 15  ILE B CB  1 
ATOM   880  C CG1 . ILE B 1 15 ? -9.519  2.740   14.640  1.00 18.80 ? 15  ILE B CG1 1 
ATOM   881  C CG2 . ILE B 1 15 ? -9.238  0.319   15.361  1.00 16.10 ? 15  ILE B CG2 1 
ATOM   882  C CD1 . ILE B 1 15 ? -8.008  3.085   14.521  1.00 15.40 ? 15  ILE B CD1 1 
ATOM   883  N N   . GLU B 1 16 ? -13.074 0.996   17.672  1.00 31.60 ? 16  GLU B N   1 
ATOM   884  C CA  . GLU B 1 16 ? -13.796 0.679   18.943  1.00 33.60 ? 16  GLU B CA  1 
ATOM   885  C C   . GLU B 1 16 ? -14.129 1.914   19.787  1.00 16.80 ? 16  GLU B C   1 
ATOM   886  O O   . GLU B 1 16 ? -13.708 2.057   20.960  1.00 8.40  ? 16  GLU B O   1 
ATOM   887  C CB  . GLU B 1 16 ? -13.043 -0.297  19.818  1.00 34.70 ? 16  GLU B CB  1 
ATOM   888  C CG  . GLU B 1 16 ? -12.705 -1.593  19.119  1.00 27.10 ? 16  GLU B CG  1 
ATOM   889  C CD  . GLU B 1 16 ? -12.326 -2.564  20.198  1.00 39.80 ? 16  GLU B CD  1 
ATOM   890  O OE1 . GLU B 1 16 ? -11.185 -2.495  20.699  1.00 42.60 ? 16  GLU B OE1 1 
ATOM   891  O OE2 . GLU B 1 16 ? -13.159 -3.418  20.585  1.00 55.40 ? 16  GLU B OE2 1 
ATOM   892  N N   . GLY B 1 17 ? -14.852 2.794   19.128  1.00 8.40  ? 17  GLY B N   1 
ATOM   893  C CA  . GLY B 1 17 ? -15.340 4.081   19.674  1.00 14.90 ? 17  GLY B CA  1 
ATOM   894  C C   . GLY B 1 17 ? -14.292 5.218   19.705  1.00 19.30 ? 17  GLY B C   1 
ATOM   895  O O   . GLY B 1 17 ? -14.639 6.346   20.116  1.00 14.70 ? 17  GLY B O   1 
ATOM   896  N N   . GLN B 1 18 ? -13.060 4.894   19.258  1.00 25.20 ? 18  GLN B N   1 
ATOM   897  C CA  . GLN B 1 18 ? -11.835 5.792   19.283  1.00 24.60 ? 18  GLN B CA  1 
ATOM   898  C C   . GLN B 1 18 ? -11.473 6.287   17.866  1.00 23.70 ? 18  GLN B C   1 
ATOM   899  O O   . GLN B 1 18 ? -11.161 5.424   17.039  1.00 27.00 ? 18  GLN B O   1 
ATOM   900  C CB  . GLN B 1 18 ? -10.628 4.958   19.765  1.00 20.80 ? 18  GLN B CB  1 
ATOM   901  C CG  . GLN B 1 18 ? -10.702 4.525   21.231  1.00 28.90 ? 18  GLN B CG  1 
ATOM   902  C CD  . GLN B 1 18 ? -9.599  3.516   21.544  1.00 50.80 ? 18  GLN B CD  1 
ATOM   903  O OE1 . GLN B 1 18 ? -8.757  3.213   20.679  1.00 55.30 ? 18  GLN B OE1 1 
ATOM   904  N NE2 . GLN B 1 18 ? -9.644  2.989   22.752  1.00 62.40 ? 18  GLN B NE2 1 
ATOM   905  N N   . PRO B 1 19 ? -11.432 7.635   17.630  1.00 17.70 ? 19  PRO B N   1 
ATOM   906  C CA  . PRO B 1 19 ? -11.374 8.255   16.308  1.00 24.70 ? 19  PRO B CA  1 
ATOM   907  C C   . PRO B 1 19 ? -9.925  8.306   15.813  1.00 39.20 ? 19  PRO B C   1 
ATOM   908  O O   . PRO B 1 19 ? -8.973  8.676   16.528  1.00 41.00 ? 19  PRO B O   1 
ATOM   909  C CB  . PRO B 1 19 ? -12.027 9.627   16.475  1.00 12.30 ? 19  PRO B CB  1 
ATOM   910  C CG  . PRO B 1 19 ? -11.707 10.012  17.873  1.00 4.40  ? 19  PRO B CG  1 
ATOM   911  C CD  . PRO B 1 19 ? -11.501 8.693   18.632  1.00 8.90  ? 19  PRO B CD  1 
ATOM   912  N N   . VAL B 1 20 ? -9.803  7.725   14.640  1.00 32.80 ? 20  VAL B N   1 
ATOM   913  C CA  . VAL B 1 20 ? -8.538  7.572   13.978  1.00 18.40 ? 20  VAL B CA  1 
ATOM   914  C C   . VAL B 1 20 ? -8.811  7.751   12.502  1.00 12.20 ? 20  VAL B C   1 
ATOM   915  O O   . VAL B 1 20 ? -9.886  7.403   12.013  1.00 16.50 ? 20  VAL B O   1 
ATOM   916  C CB  . VAL B 1 20 ? -7.965  6.225   14.336  1.00 24.40 ? 20  VAL B CB  1 
ATOM   917  C CG1 . VAL B 1 20 ? -6.606  6.031   13.689  1.00 48.90 ? 20  VAL B CG1 1 
ATOM   918  C CG2 . VAL B 1 20 ? -7.848  6.123   15.848  1.00 12.20 ? 20  VAL B CG2 1 
ATOM   919  N N   . GLU B 1 21 ? -7.919  8.500   11.894  1.00 6.10  ? 21  GLU B N   1 
ATOM   920  C CA  . GLU B 1 21 ? -7.899  8.919   10.479  1.00 3.90  ? 21  GLU B CA  1 
ATOM   921  C C   . GLU B 1 21 ? -6.930  7.953   9.761   1.00 3.90  ? 21  GLU B C   1 
ATOM   922  O O   . GLU B 1 21 ? -5.734  7.849   10.089  1.00 3.90  ? 21  GLU B O   1 
ATOM   923  C CB  . GLU B 1 21 ? -7.285  10.354  10.556  1.00 3.90  ? 21  GLU B CB  1 
ATOM   924  C CG  . GLU B 1 21 ? -7.228  11.254  9.304   1.00 3.90  ? 21  GLU B CG  1 
ATOM   925  C CD  . GLU B 1 21 ? -7.235  12.778  9.633   1.00 3.90  ? 21  GLU B CD  1 
ATOM   926  O OE1 . GLU B 1 21 ? -7.968  13.252  10.580  1.00 5.40  ? 21  GLU B OE1 1 
ATOM   927  O OE2 . GLU B 1 21 ? -6.489  13.540  8.944   1.00 3.90  ? 21  GLU B OE2 1 
ATOM   928  N N   . VAL B 1 22 ? -7.434  7.322   8.730   1.00 7.90  ? 22  VAL B N   1 
ATOM   929  C CA  . VAL B 1 22 ? -6.721  6.142   8.158   1.00 13.10 ? 22  VAL B CA  1 
ATOM   930  C C   . VAL B 1 22 ? -6.389  6.110   6.630   1.00 7.60  ? 22  VAL B C   1 
ATOM   931  O O   . VAL B 1 22 ? -7.088  6.659   5.785   1.00 3.90  ? 22  VAL B O   1 
ATOM   932  C CB  . VAL B 1 22 ? -7.311  4.810   8.688   1.00 8.10  ? 22  VAL B CB  1 
ATOM   933  C CG1 . VAL B 1 22 ? -6.852  4.588   10.115  1.00 4.10  ? 22  VAL B CG1 1 
ATOM   934  C CG2 . VAL B 1 22 ? -8.846  4.794   8.636   1.00 6.50  ? 22  VAL B CG2 1 
ATOM   935  N N   . LEU B 1 23 ? -5.363  5.365   6.281   1.00 4.90  ? 23  LEU B N   1 
ATOM   936  C CA  . LEU B 1 23 ? -5.036  5.191   4.866   1.00 9.00  ? 23  LEU B CA  1 
ATOM   937  C C   . LEU B 1 23 ? -5.591  3.821   4.330   1.00 4.50  ? 23  LEU B C   1 
ATOM   938  O O   . LEU B 1 23 ? -5.515  2.817   5.020   1.00 3.90  ? 23  LEU B O   1 
ATOM   939  C CB  . LEU B 1 23 ? -3.499  5.416   4.713   1.00 18.10 ? 23  LEU B CB  1 
ATOM   940  C CG  . LEU B 1 23 ? -2.923  5.390   3.264   1.00 18.20 ? 23  LEU B CG  1 
ATOM   941  C CD1 . LEU B 1 23 ? -3.667  6.290   2.275   1.00 11.60 ? 23  LEU B CD1 1 
ATOM   942  C CD2 . LEU B 1 23 ? -1.398  5.661   3.229   1.00 17.90 ? 23  LEU B CD2 1 
ATOM   943  N N   . LEU B 1 24 ? -6.174  3.805   3.148   1.00 3.90  ? 24  LEU B N   1 
ATOM   944  C CA  . LEU B 1 24 ? -6.561  2.578   2.427   1.00 7.90  ? 24  LEU B CA  1 
ATOM   945  C C   . LEU B 1 24 ? -5.376  2.074   1.570   1.00 14.60 ? 24  LEU B C   1 
ATOM   946  O O   . LEU B 1 24 ? -5.282  2.387   0.368   1.00 13.20 ? 24  LEU B O   1 
ATOM   947  C CB  . LEU B 1 24 ? -7.732  2.854   1.465   1.00 15.80 ? 24  LEU B CB  1 
ATOM   948  C CG  . LEU B 1 24 ? -9.109  3.034   2.162   1.00 24.50 ? 24  LEU B CG  1 
ATOM   949  C CD1 . LEU B 1 24 ? -8.973  3.596   3.607   1.00 27.70 ? 24  LEU B CD1 1 
ATOM   950  C CD2 . LEU B 1 24 ? -10.043 3.878   1.258   1.00 15.00 ? 24  LEU B CD2 1 
ATOM   951  N N   . ASP B 1 25 ? -4.542  1.242   2.198   1.00 12.80 ? 25  ASP B N   1 
ATOM   952  C CA  . ASP B 1 25 ? -3.336  0.669   1.571   1.00 6.40  ? 25  ASP B CA  1 
ATOM   953  C C   . ASP B 1 25 ? -3.657  -0.734  1.043   1.00 3.90  ? 25  ASP B C   1 
ATOM   954  O O   . ASP B 1 25 ? -3.879  -1.670  1.821   1.00 3.90  ? 25  ASP B O   1 
ATOM   955  C CB  . ASP B 1 25 ? -2.328  0.599   2.714   1.00 7.00  ? 25  ASP B CB  1 
ATOM   956  C CG  . ASP B 1 25 ? -0.941  0.214   2.188   1.00 7.30  ? 25  ASP B CG  1 
ATOM   957  O OD1 . ASP B 1 25 ? -0.860  -0.227  1.005   1.00 5.60  ? 25  ASP B OD1 1 
ATOM   958  O OD2 . ASP B 1 25 ? 0.073   0.353   2.951   1.00 5.40  ? 25  ASP B OD2 1 
ATOM   959  N N   . THR B 1 26 ? -3.658  -0.862  -0.266  1.00 3.90  ? 26  THR B N   1 
ATOM   960  C CA  . THR B 1 26 ? -3.989  -2.146  -1.010  1.00 3.90  ? 26  THR B CA  1 
ATOM   961  C C   . THR B 1 26 ? -2.716  -3.049  -1.251  1.00 4.30  ? 26  THR B C   1 
ATOM   962  O O   . THR B 1 26 ? -2.732  -4.145  -1.881  1.00 6.00  ? 26  THR B O   1 
ATOM   963  C CB  . THR B 1 26 ? -4.624  -1.872  -2.398  1.00 3.90  ? 26  THR B CB  1 
ATOM   964  O OG1 . THR B 1 26 ? -3.817  -1.082  -3.256  1.00 3.90  ? 26  THR B OG1 1 
ATOM   965  C CG2 . THR B 1 26 ? -6.067  -1.351  -2.368  1.00 6.40  ? 26  THR B CG2 1 
ATOM   966  N N   . GLY B 1 27 ? -1.603  -2.491  -0.806  1.00 4.70  ? 27  GLY B N   1 
ATOM   967  C CA  . GLY B 1 27 ? -0.260  -3.092  -0.836  1.00 3.90  ? 27  GLY B CA  1 
ATOM   968  C C   . GLY B 1 27 ? -0.012  -3.564  0.586   1.00 7.90  ? 27  GLY B C   1 
ATOM   969  O O   . GLY B 1 27 ? 1.034   -4.126  0.898   1.00 13.40 ? 27  GLY B O   1 
ATOM   970  N N   . ALA B 1 28 ? -1.042  -3.419  1.370   1.00 12.80 ? 28  ALA B N   1 
ATOM   971  C CA  . ALA B 1 28 ? -1.090  -3.904  2.743   1.00 18.70 ? 28  ALA B CA  1 
ATOM   972  C C   . ALA B 1 28 ? -1.980  -5.187  2.922   1.00 9.30  ? 28  ALA B C   1 
ATOM   973  O O   . ALA B 1 28 ? -3.227  -5.190  2.761   1.00 4.70  ? 28  ALA B O   1 
ATOM   974  C CB  . ALA B 1 28 ? -1.484  -2.749  3.674   1.00 23.40 ? 28  ALA B CB  1 
ATOM   975  N N   . ASP B 1 29 ? -1.265  -6.279  3.192   1.00 4.70  ? 29  ASP B N   1 
ATOM   976  C CA  . ASP B 1 29 ? -1.857  -7.458  3.895   1.00 5.20  ? 29  ASP B CA  1 
ATOM   977  C C   . ASP B 1 29 ? -2.800  -7.075  5.107   1.00 10.40 ? 29  ASP B C   1 
ATOM   978  O O   . ASP B 1 29 ? -3.975  -7.518  5.213   1.00 9.50  ? 29  ASP B O   1 
ATOM   979  C CB  . ASP B 1 29 ? -0.804  -8.527  4.325   1.00 4.30  ? 29  ASP B CB  1 
ATOM   980  C CG  . ASP B 1 29 ? -0.152  -9.335  3.175   1.00 3.90  ? 29  ASP B CG  1 
ATOM   981  O OD1 . ASP B 1 29 ? -0.854  -9.588  2.151   1.00 3.90  ? 29  ASP B OD1 1 
ATOM   982  O OD2 . ASP B 1 29 ? 1.054   -9.734  3.291   1.00 3.90  ? 29  ASP B OD2 1 
ATOM   983  N N   . ASP B 1 30 ? -2.249  -6.256  6.010   1.00 18.50 ? 30  ASP B N   1 
ATOM   984  C CA  . ASP B 1 30 ? -2.939  -5.916  7.262   1.00 16.40 ? 30  ASP B CA  1 
ATOM   985  C C   . ASP B 1 30 ? -3.404  -4.471  7.370   1.00 8.20  ? 30  ASP B C   1 
ATOM   986  O O   . ASP B 1 30 ? -3.587  -3.745  6.397   1.00 4.10  ? 30  ASP B O   1 
ATOM   987  C CB  . ASP B 1 30 ? -1.960  -6.178  8.386   1.00 21.10 ? 30  ASP B CB  1 
ATOM   988  C CG  . ASP B 1 30 ? -0.756  -6.897  7.871   1.00 21.10 ? 30  ASP B CG  1 
ATOM   989  O OD1 . ASP B 1 30 ? 0.171   -6.220  7.351   1.00 14.40 ? 30  ASP B OD1 1 
ATOM   990  O OD2 . ASP B 1 30 ? -0.718  -8.145  7.970   1.00 27.50 ? 30  ASP B OD2 1 
ATOM   991  N N   . SER B 1 31 ? -3.692  -4.166  8.611   1.00 4.10  ? 31  SER B N   1 
ATOM   992  C CA  . SER B 1 31 ? -4.095  -2.862  9.073   1.00 3.90  ? 31  SER B CA  1 
ATOM   993  C C   . SER B 1 31 ? -3.308  -2.708  10.330  1.00 3.90  ? 31  SER B C   1 
ATOM   994  O O   . SER B 1 31 ? -3.099  -3.724  11.007  1.00 3.90  ? 31  SER B O   1 
ATOM   995  C CB  . SER B 1 31 ? -5.621  -2.857  9.329   1.00 4.20  ? 31  SER B CB  1 
ATOM   996  O OG  . SER B 1 31 ? -6.327  -3.345  8.140   1.00 6.10  ? 31  SER B OG  1 
ATOM   997  N N   . ILE B 1 32 ? -2.752  -1.503  10.450  1.00 4.00  ? 32  ILE B N   1 
ATOM   998  C CA  . ILE B 1 32 ? -1.881  -0.969  11.539  1.00 3.90  ? 32  ILE B CA  1 
ATOM   999  C C   . ILE B 1 32 ? -2.358  0.419   11.983  1.00 3.90  ? 32  ILE B C   1 
ATOM   1000 O O   . ILE B 1 32 ? -3.189  1.139   11.387  1.00 3.90  ? 32  ILE B O   1 
ATOM   1001 C CB  . ILE B 1 32 ? -0.366  -0.843  11.134  1.00 3.90  ? 32  ILE B CB  1 
ATOM   1002 C CG1 . ILE B 1 32 ? 0.347   -2.174  10.738  1.00 7.90  ? 32  ILE B CG1 1 
ATOM   1003 C CG2 . ILE B 1 32 ? 0.424   -0.222  12.272  1.00 3.90  ? 32  ILE B CG2 1 
ATOM   1004 C CD1 . ILE B 1 32 ? 1.203   -2.080  9.447   1.00 9.50  ? 32  ILE B CD1 1 
ATOM   1005 N N   . VAL B 1 33 ? -1.821  0.755   13.108  1.00 7.90  ? 33  VAL B N   1 
ATOM   1006 C CA  . VAL B 1 33 ? -2.452  1.727   13.990  1.00 15.80 ? 33  VAL B CA  1 
ATOM   1007 C C   . VAL B 1 33 ? -1.584  1.885   15.221  1.00 27.50 ? 33  VAL B C   1 
ATOM   1008 O O   . VAL B 1 33 ? -1.513  0.972   16.066  1.00 24.80 ? 33  VAL B O   1 
ATOM   1009 C CB  . VAL B 1 33 ? -3.869  1.196   14.421  1.00 10.70 ? 33  VAL B CB  1 
ATOM   1010 C CG1 . VAL B 1 33 ? -4.583  2.129   15.427  1.00 5.30  ? 33  VAL B CG1 1 
ATOM   1011 C CG2 . VAL B 1 33 ? -4.809  0.920   13.226  1.00 14.40 ? 33  VAL B CG2 1 
ATOM   1012 N N   . ALA B 1 34 ? -0.927  3.036   15.251  1.00 31.70 ? 34  ALA B N   1 
ATOM   1013 C CA  . ALA B 1 34 ? -0.265  3.586   16.441  1.00 26.80 ? 34  ALA B CA  1 
ATOM   1014 C C   . ALA B 1 34 ? -1.259  4.547   17.112  1.00 29.20 ? 34  ALA B C   1 
ATOM   1015 O O   . ALA B 1 34 ? -2.137  5.109   16.435  1.00 29.90 ? 34  ALA B O   1 
ATOM   1016 C CB  . ALA B 1 34 ? 0.992   4.355   16.006  1.00 24.50 ? 34  ALA B CB  1 
ATOM   1017 N N   . GLY B 1 35 ? -1.195  4.619   18.440  1.00 43.80 ? 35  GLY B N   1 
ATOM   1018 C CA  . GLY B 1 35 ? -1.908  5.649   19.233  1.00 63.30 ? 35  GLY B CA  1 
ATOM   1019 C C   . GLY B 1 35 ? -3.288  5.198   19.742  1.00 63.80 ? 35  GLY B C   1 
ATOM   1020 O O   . GLY B 1 35 ? -4.183  6.030   19.988  1.00 63.50 ? 35  GLY B O   1 
ATOM   1021 N N   . ILE B 1 36 ? -3.424  3.889   19.887  1.00 46.10 ? 36  ILE B N   1 
ATOM   1022 C CA  . ILE B 1 36 ? -4.647  3.271   20.417  1.00 25.50 ? 36  ILE B CA  1 
ATOM   1023 C C   . ILE B 1 36 ? -4.325  2.137   21.378  1.00 22.60 ? 36  ILE B C   1 
ATOM   1024 O O   . ILE B 1 36 ? -3.318  1.423   21.182  1.00 11.70 ? 36  ILE B O   1 
ATOM   1025 C CB  . ILE B 1 36 ? -5.679  2.809   19.350  1.00 15.40 ? 36  ILE B CB  1 
ATOM   1026 C CG1 . ILE B 1 36 ? -5.096  1.830   18.308  1.00 25.30 ? 36  ILE B CG1 1 
ATOM   1027 C CG2 . ILE B 1 36 ? -6.480  3.967   18.740  1.00 7.70  ? 36  ILE B CG2 1 
ATOM   1028 C CD1 . ILE B 1 36 ? -6.215  1.104   17.540  1.00 33.20 ? 36  ILE B CD1 1 
ATOM   1029 N N   . GLU B 1 37 ? -5.319  1.922   22.256  1.00 32.10 ? 37  GLU B N   1 
ATOM   1030 C CA  . GLU B 1 37 ? -5.309  0.959   23.382  1.00 23.00 ? 37  GLU B CA  1 
ATOM   1031 C C   . GLU B 1 37 ? -6.450  -0.041  23.195  1.00 14.40 ? 37  GLU B C   1 
ATOM   1032 O O   . GLU B 1 37 ? -7.559  0.151   23.721  1.00 19.40 ? 37  GLU B O   1 
ATOM   1033 C CB  . GLU B 1 37 ? -5.387  1.694   24.767  1.00 14.10 ? 37  GLU B CB  1 
ATOM   1034 C CG  . GLU B 1 37 ? -5.316  0.738   25.981  1.00 15.00 ? 37  GLU B CG  1 
ATOM   1035 C CD  . GLU B 1 37 ? -4.137  -0.308  25.947  1.00 20.00 ? 37  GLU B CD  1 
ATOM   1036 O OE1 . GLU B 1 37 ? -2.992  0.019   25.538  1.00 17.10 ? 37  GLU B OE1 1 
ATOM   1037 O OE2 . GLU B 1 37 ? -4.341  -1.494  26.328  1.00 23.10 ? 37  GLU B OE2 1 
ATOM   1038 N N   . LEU B 1 38 ? -6.123  -1.149  22.559  1.00 7.20  ? 38  LEU B N   1 
ATOM   1039 C CA  . LEU B 1 38 ? -7.126  -2.156  22.218  1.00 10.70 ? 38  LEU B CA  1 
ATOM   1040 C C   . LEU B 1 38 ? -7.669  -3.053  23.355  1.00 16.90 ? 38  LEU B C   1 
ATOM   1041 O O   . LEU B 1 38 ? -8.863  -3.424  23.344  1.00 20.20 ? 38  LEU B O   1 
ATOM   1042 C CB  . LEU B 1 38 ? -6.773  -2.908  20.941  1.00 13.20 ? 38  LEU B CB  1 
ATOM   1043 C CG  . LEU B 1 38 ? -6.907  -1.997  19.730  1.00 11.10 ? 38  LEU B CG  1 
ATOM   1044 C CD1 . LEU B 1 38 ? -6.720  -2.739  18.402  1.00 16.40 ? 38  LEU B CD1 1 
ATOM   1045 C CD2 . LEU B 1 38 ? -8.217  -1.259  19.766  1.00 5.60  ? 38  LEU B CD2 1 
ATOM   1046 N N   . GLY B 1 39 ? -6.799  -3.353  24.317  1.00 18.20 ? 39  GLY B N   1 
ATOM   1047 C CA  . GLY B 1 39 ? -6.975  -4.451  25.293  1.00 21.30 ? 39  GLY B CA  1 
ATOM   1048 C C   . GLY B 1 39 ? -5.612  -5.027  25.689  1.00 29.60 ? 39  GLY B C   1 
ATOM   1049 O O   . GLY B 1 39 ? -4.554  -4.380  25.558  1.00 29.00 ? 39  GLY B O   1 
ATOM   1050 N N   . ASN B 1 40 ? -5.692  -6.236  26.219  1.00 40.60 ? 40  ASN B N   1 
ATOM   1051 C CA  . ASN B 1 40 ? -4.523  -6.955  26.732  1.00 50.00 ? 40  ASN B CA  1 
ATOM   1052 C C   . ASN B 1 40 ? -4.521  -8.373  26.154  1.00 28.50 ? 40  ASN B C   1 
ATOM   1053 O O   . ASN B 1 40 ? -3.786  -9.256  26.610  1.00 18.10 ? 40  ASN B O   1 
ATOM   1054 C CB  . ASN B 1 40 ? -4.581  -6.996  28.254  1.00 79.00 ? 40  ASN B CB  1 
ATOM   1055 C CG  . ASN B 1 40 ? -3.330  -7.623  28.860  1.00 79.00 ? 40  ASN B CG  1 
ATOM   1056 O OD1 . ASN B 1 40 ? -2.353  -7.853  28.145  1.00 79.00 ? 40  ASN B OD1 1 
ATOM   1057 N ND2 . ASN B 1 40 ? -3.374  -7.851  30.161  1.00 79.00 ? 40  ASN B ND2 1 
ATOM   1058 N N   . ASN B 1 41 ? -5.266  -8.488  25.062  1.00 22.50 ? 41  ASN B N   1 
ATOM   1059 C CA  . ASN B 1 41 ? -5.607  -9.732  24.353  1.00 17.90 ? 41  ASN B CA  1 
ATOM   1060 C C   . ASN B 1 41 ? -4.924  -9.648  22.982  1.00 31.30 ? 41  ASN B C   1 
ATOM   1061 O O   . ASN B 1 41 ? -5.515  -9.870  21.909  1.00 54.40 ? 41  ASN B O   1 
ATOM   1062 C CB  . ASN B 1 41 ? -7.130  -9.670  24.205  1.00 13.60 ? 41  ASN B CB  1 
ATOM   1063 C CG  . ASN B 1 41 ? -7.589  -8.206  23.889  1.00 27.20 ? 41  ASN B CG  1 
ATOM   1064 O OD1 . ASN B 1 41 ? -6.982  -7.220  24.340  1.00 32.50 ? 41  ASN B OD1 1 
ATOM   1065 N ND2 . ASN B 1 41 ? -8.634  -8.090  23.094  1.00 47.60 ? 41  ASN B ND2 1 
ATOM   1066 N N   . TYR B 1 42 ? -3.668  -9.276  23.070  1.00 21.40 ? 42  TYR B N   1 
ATOM   1067 C CA  . TYR B 1 42 ? -2.806  -9.066  21.910  1.00 31.70 ? 42  TYR B CA  1 
ATOM   1068 C C   . TYR B 1 42 ? -1.929  -10.301 21.723  1.00 41.80 ? 42  TYR B C   1 
ATOM   1069 O O   . TYR B 1 42 ? -1.924  -11.258 22.520  1.00 56.40 ? 42  TYR B O   1 
ATOM   1070 C CB  . TYR B 1 42 ? -1.905  -7.811  22.080  1.00 46.40 ? 42  TYR B CB  1 
ATOM   1071 C CG  . TYR B 1 42 ? -0.957  -7.881  23.302  1.00 50.60 ? 42  TYR B CG  1 
ATOM   1072 C CD1 . TYR B 1 42 ? -1.428  -7.477  24.546  1.00 45.90 ? 42  TYR B CD1 1 
ATOM   1073 C CD2 . TYR B 1 42 ? 0.367   -8.327  23.172  1.00 39.70 ? 42  TYR B CD2 1 
ATOM   1074 C CE1 . TYR B 1 42 ? -0.647  -7.681  25.684  1.00 41.90 ? 42  TYR B CE1 1 
ATOM   1075 C CE2 . TYR B 1 42 ? 1.154   -8.527  24.311  1.00 27.80 ? 42  TYR B CE2 1 
ATOM   1076 C CZ  . TYR B 1 42 ? 0.620   -8.267  25.575  1.00 32.20 ? 42  TYR B CZ  1 
ATOM   1077 O OH  . TYR B 1 42 ? 1.249   -8.724  26.705  1.00 29.40 ? 42  TYR B OH  1 
ATOM   1078 N N   . SER B 1 43 ? -1.192  -10.222 20.637  1.00 31.60 ? 43  SER B N   1 
ATOM   1079 C CA  . SER B 1 43 ? -0.194  -11.207 20.245  1.00 24.60 ? 43  SER B CA  1 
ATOM   1080 C C   . SER B 1 43 ? 0.990   -10.442 19.629  1.00 12.30 ? 43  SER B C   1 
ATOM   1081 O O   . SER B 1 43 ? 0.833   -9.548  18.739  1.00 8.20  ? 43  SER B O   1 
ATOM   1082 C CB  . SER B 1 43 ? -0.830  -12.167 19.208  1.00 43.40 ? 43  SER B CB  1 
ATOM   1083 O OG  . SER B 1 43 ? 0.115   -13.160 18.762  1.00 56.60 ? 43  SER B OG  1 
ATOM   1084 N N   . PRO B 1 44 ? 2.162   -10.773 20.208  1.00 9.90  ? 44  PRO B N   1 
ATOM   1085 C CA  . PRO B 1 44 ? 3.446   -10.267 19.763  1.00 4.90  ? 44  PRO B CA  1 
ATOM   1086 C C   . PRO B 1 44 ? 3.525   -10.719 18.340  1.00 3.90  ? 44  PRO B C   1 
ATOM   1087 O O   . PRO B 1 44 ? 3.295   -11.918 18.171  1.00 3.90  ? 44  PRO B O   1 
ATOM   1088 C CB  . PRO B 1 44 ? 4.452   -11.055 20.579  1.00 4.40  ? 44  PRO B CB  1 
ATOM   1089 C CG  . PRO B 1 44 ? 3.780   -11.424 21.880  1.00 9.00  ? 44  PRO B CG  1 
ATOM   1090 C CD  . PRO B 1 44 ? 2.272   -11.326 21.571  1.00 12.00 ? 44  PRO B CD  1 
ATOM   1091 N N   . LYS B 1 45 ? 3.661   -9.746  17.412  1.00 3.90  ? 45  LYS B N   1 
ATOM   1092 C CA  . LYS B 1 45 ? 3.790   -9.851  15.902  1.00 3.90  ? 45  LYS B CA  1 
ATOM   1093 C C   . LYS B 1 45 ? 4.940   -8.944  15.212  1.00 3.90  ? 45  LYS B C   1 
ATOM   1094 O O   . LYS B 1 45 ? 5.346   -7.847  15.642  1.00 3.90  ? 45  LYS B O   1 
ATOM   1095 C CB  . LYS B 1 45 ? 2.433   -9.630  15.143  1.00 3.90  ? 45  LYS B CB  1 
ATOM   1096 C CG  . LYS B 1 45 ? 1.297   -10.637 15.413  1.00 4.60  ? 45  LYS B CG  1 
ATOM   1097 C CD  . LYS B 1 45 ? 1.738   -12.065 15.143  1.00 9.10  ? 45  LYS B CD  1 
ATOM   1098 C CE  . LYS B 1 45 ? 0.600   -13.083 15.083  1.00 10.60 ? 45  LYS B CE  1 
ATOM   1099 N NZ  . LYS B 1 45 ? 0.994   -14.398 14.509  1.00 6.90  ? 45  LYS B NZ  1 
ATOM   1100 N N   . ILE B 1 46 ? 5.355   -9.413  14.042  1.00 3.90  ? 46  ILE B N   1 
ATOM   1101 C CA  . ILE B 1 46 ? 6.339   -8.767  13.156  1.00 3.90  ? 46  ILE B CA  1 
ATOM   1102 C C   . ILE B 1 46 ? 5.701   -8.682  11.830  1.00 3.90  ? 46  ILE B C   1 
ATOM   1103 O O   . ILE B 1 46 ? 4.891   -9.514  11.463  1.00 3.90  ? 46  ILE B O   1 
ATOM   1104 C CB  . ILE B 1 46 ? 7.596   -9.624  12.976  1.00 5.30  ? 46  ILE B CB  1 
ATOM   1105 C CG1 . ILE B 1 46 ? 8.302   -9.891  14.307  1.00 7.30  ? 46  ILE B CG1 1 
ATOM   1106 C CG2 . ILE B 1 46 ? 8.579   -9.084  11.929  1.00 3.90  ? 46  ILE B CG2 1 
ATOM   1107 C CD1 . ILE B 1 46 ? 8.808   -11.310 14.337  1.00 3.90  ? 46  ILE B CD1 1 
ATOM   1108 N N   . VAL B 1 47 ? 5.865   -7.524  11.317  1.00 3.90  ? 47  VAL B N   1 
ATOM   1109 C CA  . VAL B 1 47 ? 5.328   -7.104  10.050  1.00 3.90  ? 47  VAL B CA  1 
ATOM   1110 C C   . VAL B 1 47 ? 6.563   -6.450  9.372   1.00 6.50  ? 47  VAL B C   1 
ATOM   1111 O O   . VAL B 1 47 ? 7.292   -5.718  10.089  1.00 11.60 ? 47  VAL B O   1 
ATOM   1112 C CB  . VAL B 1 47 ? 4.152   -6.066  10.355  1.00 3.90  ? 47  VAL B CB  1 
ATOM   1113 C CG1 . VAL B 1 47 ? 2.940   -6.600  11.140  1.00 3.90  ? 47  VAL B CG1 1 
ATOM   1114 C CG2 . VAL B 1 47 ? 4.546   -4.654  10.810  1.00 3.90  ? 47  VAL B CG2 1 
ATOM   1115 N N   . GLY B 1 48 ? 6.814   -6.741  8.068   1.00 3.90  ? 48  GLY B N   1 
ATOM   1116 C CA  . GLY B 1 48 ? 7.862   -6.027  7.288   1.00 3.90  ? 48  GLY B CA  1 
ATOM   1117 C C   . GLY B 1 48 ? 7.328   -4.777  6.496   1.00 6.10  ? 48  GLY B C   1 
ATOM   1118 O O   . GLY B 1 48 ? 6.165   -4.635  6.075   1.00 3.90  ? 48  GLY B O   1 
ATOM   1119 N N   . GLY B 1 49 ? 8.218   -3.862  6.278   1.00 12.30 ? 49  GLY B N   1 
ATOM   1120 C CA  . GLY B 1 49 ? 7.867   -2.651  5.533   1.00 17.80 ? 49  GLY B CA  1 
ATOM   1121 C C   . GLY B 1 49 ? 8.829   -2.466  4.396   1.00 16.50 ? 49  GLY B C   1 
ATOM   1122 O O   . GLY B 1 49 ? 9.610   -3.380  4.109   1.00 12.80 ? 49  GLY B O   1 
ATOM   1123 N N   . ILE B 1 50 ? 8.827   -1.240  3.867   1.00 26.50 ? 50  ILE B N   1 
ATOM   1124 C CA  . ILE B 1 50 ? 9.559   -0.864  2.613   1.00 31.10 ? 50  ILE B CA  1 
ATOM   1125 C C   . ILE B 1 50 ? 11.023  -0.496  2.906   1.00 29.80 ? 50  ILE B C   1 
ATOM   1126 O O   . ILE B 1 50 ? 11.893  -0.489  2.002   1.00 18.90 ? 50  ILE B O   1 
ATOM   1127 C CB  . ILE B 1 50 ? 8.871   0.308   1.894   1.00 17.50 ? 50  ILE B CB  1 
ATOM   1128 C CG1 . ILE B 1 50 ? 9.683   0.774   0.703   1.00 19.50 ? 50  ILE B CG1 1 
ATOM   1129 C CG2 . ILE B 1 50 ? 8.560   1.441   2.843   1.00 8.70  ? 50  ILE B CG2 1 
ATOM   1130 C CD1 . ILE B 1 50 ? 9.219   2.123   0.184   1.00 26.90 ? 50  ILE B CD1 1 
ATOM   1131 N N   . GLY B 1 51 ? 11.206  -0.182  4.181   1.00 23.10 ? 51  GLY B N   1 
ATOM   1132 C CA  . GLY B 1 51 ? 12.481  0.128   4.803   1.00 14.10 ? 51  GLY B CA  1 
ATOM   1133 C C   . GLY B 1 51 ? 12.824  -0.891  5.909   1.00 19.30 ? 51  GLY B C   1 
ATOM   1134 O O   . GLY B 1 51 ? 13.846  -0.683  6.587   1.00 15.70 ? 51  GLY B O   1 
ATOM   1135 N N   . GLY B 1 52 ? 11.993  -1.963  6.062   1.00 33.20 ? 52  GLY B N   1 
ATOM   1136 C CA  . GLY B 1 52 ? 12.310  -3.159  6.964   1.00 28.50 ? 52  GLY B CA  1 
ATOM   1137 C C   . GLY B 1 52 ? 11.205  -3.804  7.892   1.00 14.30 ? 52  GLY B C   1 
ATOM   1138 O O   . GLY B 1 52 ? 9.986   -3.725  7.709   1.00 7.10  ? 52  GLY B O   1 
ATOM   1139 N N   . PHE B 1 53 ? 11.657  -4.479  8.920   1.00 7.10  ? 53  PHE B N   1 
ATOM   1140 C CA  . PHE B 1 53 ? 10.718  -5.174  9.832   1.00 10.10 ? 53  PHE B CA  1 
ATOM   1141 C C   . PHE B 1 53 ? 10.516  -4.458  11.118  1.00 9.20  ? 53  PHE B C   1 
ATOM   1142 O O   . PHE B 1 53 ? 11.487  -3.968  11.717  1.00 10.00 ? 53  PHE B O   1 
ATOM   1143 C CB  . PHE B 1 53 ? 11.169  -6.566  10.240  1.00 20.30 ? 53  PHE B CB  1 
ATOM   1144 C CG  . PHE B 1 53 ? 11.319  -7.378  8.975   1.00 31.10 ? 53  PHE B CG  1 
ATOM   1145 C CD1 . PHE B 1 53 ? 10.179  -7.721  8.256   1.00 32.10 ? 53  PHE B CD1 1 
ATOM   1146 C CD2 . PHE B 1 53 ? 12.589  -7.762  8.547   1.00 31.00 ? 53  PHE B CD2 1 
ATOM   1147 C CE1 . PHE B 1 53 ? 10.326  -8.355  7.036   1.00 31.30 ? 53  PHE B CE1 1 
ATOM   1148 C CE2 . PHE B 1 53 ? 12.735  -8.386  7.325   1.00 31.80 ? 53  PHE B CE2 1 
ATOM   1149 C CZ  . PHE B 1 53 ? 11.598  -8.672  6.575   1.00 32.90 ? 53  PHE B CZ  1 
ATOM   1150 N N   . ILE B 1 54 ? 9.253   -4.550  11.564  1.00 9.40  ? 54  ILE B N   1 
ATOM   1151 C CA  . ILE B 1 54 ? 8.819   -4.089  12.895  1.00 9.10  ? 54  ILE B CA  1 
ATOM   1152 C C   . ILE B 1 54 ? 8.043   -5.131  13.706  1.00 12.90 ? 54  ILE B C   1 
ATOM   1153 O O   . ILE B 1 54 ? 7.910   -6.306  13.358  1.00 14.80 ? 54  ILE B O   1 
ATOM   1154 C CB  . ILE B 1 54 ? 8.212   -2.670  12.912  1.00 12.60 ? 54  ILE B CB  1 
ATOM   1155 C CG1 . ILE B 1 54 ? 6.703   -2.558  12.733  1.00 20.60 ? 54  ILE B CG1 1 
ATOM   1156 C CG2 . ILE B 1 54 ? 8.960   -1.751  11.943  1.00 8.70  ? 54  ILE B CG2 1 
ATOM   1157 C CD1 . ILE B 1 54 ? 6.308   -1.095  12.600  1.00 21.60 ? 54  ILE B CD1 1 
ATOM   1158 N N   . ASN B 1 55 ? 7.734   -4.703  14.896  1.00 18.70 ? 55  ASN B N   1 
ATOM   1159 C CA  . ASN B 1 55 ? 6.944   -5.464  15.835  1.00 19.60 ? 55  ASN B CA  1 
ATOM   1160 C C   . ASN B 1 55 ? 5.646   -4.672  16.006  1.00 29.80 ? 55  ASN B C   1 
ATOM   1161 O O   . ASN B 1 55 ? 5.665   -3.448  16.259  1.00 30.00 ? 55  ASN B O   1 
ATOM   1162 C CB  . ASN B 1 55 ? 7.663   -5.490  17.197  1.00 9.80  ? 55  ASN B CB  1 
ATOM   1163 C CG  . ASN B 1 55 ? 8.883   -6.411  17.244  1.00 12.60 ? 55  ASN B CG  1 
ATOM   1164 O OD1 . ASN B 1 55 ? 8.747   -7.666  17.245  1.00 14.30 ? 55  ASN B OD1 1 
ATOM   1165 N ND2 . ASN B 1 55 ? 10.043  -5.768  17.378  1.00 19.40 ? 55  ASN B ND2 1 
ATOM   1166 N N   . THR B 1 56 ? 4.553   -5.401  15.884  1.00 32.40 ? 56  THR B N   1 
ATOM   1167 C CA  . THR B 1 56 ? 3.226   -4.901  16.247  1.00 23.50 ? 56  THR B CA  1 
ATOM   1168 C C   . THR B 1 56 ? 2.598   -5.799  17.326  1.00 20.70 ? 56  THR B C   1 
ATOM   1169 O O   . THR B 1 56 ? 3.258   -6.699  17.851  1.00 23.10 ? 56  THR B O   1 
ATOM   1170 C CB  . THR B 1 56 ? 2.426   -4.923  14.968  1.00 11.80 ? 56  THR B CB  1 
ATOM   1171 O OG1 . THR B 1 56 ? 2.556   -6.227  14.509  1.00 5.90  ? 56  THR B OG1 1 
ATOM   1172 C CG2 . THR B 1 56 ? 2.939   -3.892  13.966  1.00 5.90  ? 56  THR B CG2 1 
ATOM   1173 N N   . LEU B 1 57 ? 1.412   -5.427  17.752  1.00 12.80 ? 57  LEU B N   1 
ATOM   1174 C CA  . LEU B 1 57 ? 0.608   -6.206  18.686  1.00 9.60  ? 57  LEU B CA  1 
ATOM   1175 C C   . LEU B 1 57 ? -0.690  -6.429  17.987  1.00 10.20 ? 57  LEU B C   1 
ATOM   1176 O O   . LEU B 1 57 ? -1.316  -5.428  17.603  1.00 8.60  ? 57  LEU B O   1 
ATOM   1177 C CB  . LEU B 1 57 ? 0.229   -5.358  19.894  1.00 4.80  ? 57  LEU B CB  1 
ATOM   1178 C CG  . LEU B 1 57 ? 1.342   -4.956  20.822  1.00 3.90  ? 57  LEU B CG  1 
ATOM   1179 C CD1 . LEU B 1 57 ? 0.754   -4.045  21.873  1.00 7.90  ? 57  LEU B CD1 1 
ATOM   1180 C CD2 . LEU B 1 57 ? 2.086   -6.103  21.478  1.00 3.90  ? 57  LEU B CD2 1 
ATOM   1181 N N   . GLU B 1 58 ? -1.136  -7.684  18.031  1.00 10.20 ? 58  GLU B N   1 
ATOM   1182 C CA  . GLU B 1 58 ? -2.267  -8.204  17.213  1.00 5.10  ? 58  GLU B CA  1 
ATOM   1183 C C   . GLU B 1 58 ? -3.590  -8.589  17.925  1.00 4.10  ? 58  GLU B C   1 
ATOM   1184 O O   . GLU B 1 58 ? -3.763  -9.695  18.468  1.00 8.20  ? 58  GLU B O   1 
ATOM   1185 C CB  . GLU B 1 58 ? -1.788  -9.363  16.406  1.00 3.90  ? 58  GLU B CB  1 
ATOM   1186 C CG  . GLU B 1 58 ? -2.880  -9.769  15.492  1.00 3.90  ? 58  GLU B CG  1 
ATOM   1187 C CD  . GLU B 1 58 ? -2.441  -11.056 14.909  1.00 6.20  ? 58  GLU B CD  1 
ATOM   1188 O OE1 . GLU B 1 58 ? -1.669  -11.049 13.918  1.00 8.50  ? 58  GLU B OE1 1 
ATOM   1189 O OE2 . GLU B 1 58 ? -2.863  -12.111 15.454  1.00 10.30 ? 58  GLU B OE2 1 
ATOM   1190 N N   . TYR B 1 59 ? -4.533  -7.691  17.850  1.00 3.90  ? 59  TYR B N   1 
ATOM   1191 C CA  . TYR B 1 59 ? -5.804  -7.825  18.541  1.00 5.30  ? 59  TYR B CA  1 
ATOM   1192 C C   . TYR B 1 59 ? -6.867  -8.251  17.526  1.00 5.90  ? 59  TYR B C   1 
ATOM   1193 O O   . TYR B 1 59 ? -7.341  -7.450  16.708  1.00 3.90  ? 59  TYR B O   1 
ATOM   1194 C CB  . TYR B 1 59 ? -6.265  -6.491  19.124  1.00 10.70 ? 59  TYR B CB  1 
ATOM   1195 C CG  . TYR B 1 59 ? -5.267  -5.800  20.016  1.00 9.70  ? 59  TYR B CG  1 
ATOM   1196 C CD1 . TYR B 1 59 ? -4.188  -5.098  19.475  1.00 4.80  ? 59  TYR B CD1 1 
ATOM   1197 C CD2 . TYR B 1 59 ? -5.465  -5.860  21.395  1.00 16.00 ? 59  TYR B CD2 1 
ATOM   1198 C CE1 . TYR B 1 59 ? -3.356  -4.379  20.341  1.00 9.70  ? 59  TYR B CE1 1 
ATOM   1199 C CE2 . TYR B 1 59 ? -4.631  -5.153  22.257  1.00 20.30 ? 59  TYR B CE2 1 
ATOM   1200 C CZ  . TYR B 1 59 ? -3.578  -4.401  21.742  1.00 16.30 ? 59  TYR B CZ  1 
ATOM   1201 O OH  . TYR B 1 59 ? -2.771  -3.710  22.627  1.00 9.60  ? 59  TYR B OH  1 
ATOM   1202 N N   . LYS B 1 60 ? -7.373  -9.444  17.746  1.00 11.80 ? 60  LYS B N   1 
ATOM   1203 C CA  . LYS B 1 60 ? -8.443  -10.043 16.918  1.00 19.10 ? 60  LYS B CA  1 
ATOM   1204 C C   . LYS B 1 60 ? -9.861  -9.513  17.318  1.00 18.20 ? 60  LYS B C   1 
ATOM   1205 O O   . LYS B 1 60 ? -10.097 -8.994  18.425  1.00 15.90 ? 60  LYS B O   1 
ATOM   1206 C CB  . LYS B 1 60 ? -8.313  -11.584 16.931  1.00 17.30 ? 60  LYS B CB  1 
ATOM   1207 C CG  . LYS B 1 60 ? -6.882  -11.924 16.502  1.00 34.20 ? 60  LYS B CG  1 
ATOM   1208 C CD  . LYS B 1 60 ? -6.712  -13.315 15.858  1.00 47.70 ? 60  LYS B CD  1 
ATOM   1209 C CE  . LYS B 1 60 ? -5.366  -13.464 15.086  1.00 28.90 ? 60  LYS B CE  1 
ATOM   1210 N NZ  . LYS B 1 60 ? -5.365  -14.597 14.125  1.00 14.50 ? 60  LYS B NZ  1 
ATOM   1211 N N   . ASN B 1 61 ? -10.692 -9.493  16.284  1.00 10.70 ? 61  ASN B N   1 
ATOM   1212 C CA  . ASN B 1 61 ? -12.102 -9.133  16.310  1.00 7.70  ? 61  ASN B CA  1 
ATOM   1213 C C   . ASN B 1 61 ? -12.323 -7.847  17.069  1.00 8.00  ? 61  ASN B C   1 
ATOM   1214 O O   . ASN B 1 61 ? -12.865 -7.889  18.178  1.00 8.70  ? 61  ASN B O   1 
ATOM   1215 C CB  . ASN B 1 61 ? -12.960 -10.252 16.923  1.00 15.40 ? 61  ASN B CB  1 
ATOM   1216 C CG  . ASN B 1 61 ? -14.492 -9.933  16.941  1.00 30.70 ? 61  ASN B CG  1 
ATOM   1217 O OD1 . ASN B 1 61 ? -14.889 -8.776  17.146  1.00 61.50 ? 61  ASN B OD1 1 
ATOM   1218 N ND2 . ASN B 1 61 ? -15.312 -10.973 16.848  1.00 61.50 ? 61  ASN B ND2 1 
ATOM   1219 N N   . VAL B 1 62 ? -11.818 -6.764  16.470  1.00 8.40  ? 62  VAL B N   1 
ATOM   1220 C CA  . VAL B 1 62 ? -12.039 -5.359  16.879  1.00 4.20  ? 62  VAL B CA  1 
ATOM   1221 C C   . VAL B 1 62 ? -13.157 -4.781  16.014  1.00 3.90  ? 62  VAL B C   1 
ATOM   1222 O O   . VAL B 1 62 ? -13.033 -4.820  14.787  1.00 6.30  ? 62  VAL B O   1 
ATOM   1223 C CB  . VAL B 1 62 ? -10.706 -4.594  16.694  1.00 5.50  ? 62  VAL B CB  1 
ATOM   1224 C CG1 . VAL B 1 62 ? -10.828 -3.050  16.820  1.00 3.90  ? 62  VAL B CG1 1 
ATOM   1225 C CG2 . VAL B 1 62 ? -9.651  -5.145  17.705  1.00 10.30 ? 62  VAL B CG2 1 
ATOM   1226 N N   . GLU B 1 63 ? -14.252 -4.369  16.662  1.00 3.90  ? 63  GLU B N   1 
ATOM   1227 C CA  . GLU B 1 63 ? -15.245 -3.416  16.099  1.00 3.90  ? 63  GLU B CA  1 
ATOM   1228 C C   . GLU B 1 63 ? -14.585 -2.189  15.438  1.00 3.90  ? 63  GLU B C   1 
ATOM   1229 O O   . GLU B 1 63 ? -13.874 -1.441  16.140  1.00 5.30  ? 63  GLU B O   1 
ATOM   1230 C CB  . GLU B 1 63 ? -16.039 -2.845  17.218  1.00 7.90  ? 63  GLU B CB  1 
ATOM   1231 C CG  . GLU B 1 63 ? -16.979 -1.804  16.630  1.00 15.80 ? 63  GLU B CG  1 
ATOM   1232 C CD  . GLU B 1 63 ? -17.731 -1.037  17.735  1.00 31.60 ? 63  GLU B CD  1 
ATOM   1233 O OE1 . GLU B 1 63 ? -17.992 -1.616  18.823  1.00 63.20 ? 63  GLU B OE1 1 
ATOM   1234 O OE2 . GLU B 1 63 ? -18.077 0.158   17.556  1.00 63.20 ? 63  GLU B OE2 1 
ATOM   1235 N N   . ILE B 1 64 ? -14.986 -1.906  14.189  1.00 3.90  ? 64  ILE B N   1 
ATOM   1236 C CA  . ILE B 1 64 ? -14.394 -0.826  13.395  1.00 3.90  ? 64  ILE B CA  1 
ATOM   1237 C C   . ILE B 1 64 ? -15.426 -0.229  12.423  1.00 3.90  ? 64  ILE B C   1 
ATOM   1238 O O   . ILE B 1 64 ? -15.895 -0.948  11.551  1.00 4.30  ? 64  ILE B O   1 
ATOM   1239 C CB  . ILE B 1 64 ? -13.294 -1.419  12.547  1.00 5.70  ? 64  ILE B CB  1 
ATOM   1240 C CG1 . ILE B 1 64 ? -12.325 -2.227  13.337  1.00 9.90  ? 64  ILE B CG1 1 
ATOM   1241 C CG2 . ILE B 1 64 ? -12.572 -0.359  11.684  1.00 7.40  ? 64  ILE B CG2 1 
ATOM   1242 C CD1 . ILE B 1 64 ? -11.438 -2.961  12.336  1.00 15.10 ? 64  ILE B CD1 1 
ATOM   1243 N N   . GLU B 1 65 ? -15.476 1.068   12.328  1.00 3.90  ? 65  GLU B N   1 
ATOM   1244 C CA  . GLU B 1 65 ? -16.604 1.711   11.696  1.00 3.90  ? 65  GLU B CA  1 
ATOM   1245 C C   . GLU B 1 65 ? -16.094 2.869   10.905  1.00 4.10  ? 65  GLU B C   1 
ATOM   1246 O O   . GLU B 1 65 ? -15.740 3.960   11.423  1.00 3.90  ? 65  GLU B O   1 
ATOM   1247 C CB  . GLU B 1 65 ? -17.546 2.274   12.720  1.00 7.90  ? 65  GLU B CB  1 
ATOM   1248 C CG  . GLU B 1 65 ? -17.629 1.458   14.019  1.00 15.80 ? 65  GLU B CG  1 
ATOM   1249 C CD  . GLU B 1 65 ? -18.502 2.136   15.098  1.00 25.00 ? 65  GLU B CD  1 
ATOM   1250 O OE1 . GLU B 1 65 ? -19.733 2.046   14.977  1.00 31.90 ? 65  GLU B OE1 1 
ATOM   1251 O OE2 . GLU B 1 65 ? -18.021 2.762   16.074  1.00 20.10 ? 65  GLU B OE2 1 
ATOM   1252 N N   . VAL B 1 66 ? -16.123 2.549   9.619   1.00 8.10  ? 66  VAL B N   1 
ATOM   1253 C CA  . VAL B 1 66 ? -15.593 3.368   8.536   1.00 16.20 ? 66  VAL B CA  1 
ATOM   1254 C C   . VAL B 1 66 ? -16.445 3.181   7.288   1.00 32.50 ? 66  VAL B C   1 
ATOM   1255 O O   . VAL B 1 66 ? -16.855 2.049   6.946   1.00 36.60 ? 66  VAL B O   1 
ATOM   1256 C CB  . VAL B 1 66 ? -14.082 3.145   8.257   1.00 32.50 ? 66  VAL B CB  1 
ATOM   1257 C CG1 . VAL B 1 66 ? -13.707 1.696   7.926   1.00 22.30 ? 66  VAL B CG1 1 
ATOM   1258 C CG2 . VAL B 1 66 ? -13.546 4.114   7.198   1.00 64.90 ? 66  VAL B CG2 1 
ATOM   1259 N N   . LEU B 1 67 ? -16.704 4.339   6.699   1.00 42.60 ? 67  LEU B N   1 
ATOM   1260 C CA  . LEU B 1 67 ? -17.383 4.486   5.423   1.00 51.80 ? 67  LEU B CA  1 
ATOM   1261 C C   . LEU B 1 67 ? -18.822 4.090   5.541   1.00 31.20 ? 67  LEU B C   1 
ATOM   1262 O O   . LEU B 1 67 ? -19.507 3.967   4.519   1.00 17.40 ? 67  LEU B O   1 
ATOM   1263 C CB  . LEU B 1 67 ? -16.657 3.729   4.304   1.00 71.20 ? 67  LEU B CB  1 
ATOM   1264 C CG  . LEU B 1 67 ? -15.286 4.354   3.991   1.00 46.00 ? 67  LEU B CG  1 
ATOM   1265 C CD1 . LEU B 1 67 ? -14.165 3.299   3.921   1.00 43.30 ? 67  LEU B CD1 1 
ATOM   1266 C CD2 . LEU B 1 67 ? -15.321 5.258   2.743   1.00 23.00 ? 67  LEU B CD2 1 
ATOM   1267 N N   . ASN B 1 68 ? -19.308 3.946   6.786   1.00 44.80 ? 68  ASN B N   1 
ATOM   1268 C CA  . ASN B 1 68 ? -20.748 3.872   6.965   1.00 60.60 ? 68  ASN B CA  1 
ATOM   1269 C C   . ASN B 1 68 ? -21.158 2.377   7.034   1.00 37.30 ? 68  ASN B C   1 
ATOM   1270 O O   . ASN B 1 68 ? -22.301 1.978   6.755   1.00 39.60 ? 68  ASN B O   1 
ATOM   1271 C CB  . ASN B 1 68 ? -21.154 4.603   5.679   1.00 79.00 ? 68  ASN B CB  1 
ATOM   1272 C CG  . ASN B 1 68 ? -22.608 4.827   5.323   1.00 79.00 ? 68  ASN B CG  1 
ATOM   1273 O OD1 . ASN B 1 68 ? -23.523 4.315   5.968   1.00 79.00 ? 68  ASN B OD1 1 
ATOM   1274 N ND2 . ASN B 1 68 ? -22.760 5.564   4.235   1.00 79.00 ? 68  ASN B ND2 1 
ATOM   1275 N N   . LYS B 1 69 ? -20.167 1.584   7.405   1.00 27.00 ? 69  LYS B N   1 
ATOM   1276 C CA  . LYS B 1 69 ? -20.267 0.116   7.656   1.00 27.40 ? 69  LYS B CA  1 
ATOM   1277 C C   . LYS B 1 69 ? -19.594 -0.235  9.008   1.00 13.70 ? 69  LYS B C   1 
ATOM   1278 O O   . LYS B 1 69 ? -18.624 0.398   9.412   1.00 6.90  ? 69  LYS B O   1 
ATOM   1279 C CB  . LYS B 1 69 ? -19.472 -0.729  6.635   1.00 37.70 ? 69  LYS B CB  1 
ATOM   1280 C CG  . LYS B 1 69 ? -19.625 -0.374  5.158   1.00 47.50 ? 69  LYS B CG  1 
ATOM   1281 C CD  . LYS B 1 69 ? -21.056 -0.433  4.638   1.00 54.60 ? 69  LYS B CD  1 
ATOM   1282 C CE  . LYS B 1 69 ? -21.094 -0.021  3.173   1.00 56.30 ? 69  LYS B CE  1 
ATOM   1283 N NZ  . LYS B 1 69 ? -22.352 0.649   2.828   1.00 60.90 ? 69  LYS B NZ  1 
ATOM   1284 N N   . LYS B 1 70 ? -19.964 -1.378  9.526   1.00 6.90  ? 70  LYS B N   1 
ATOM   1285 C CA  . LYS B 1 70 ? -19.244 -1.993  10.660  1.00 3.90  ? 70  LYS B CA  1 
ATOM   1286 C C   . LYS B 1 70 ? -18.702 -3.353  10.293  1.00 3.90  ? 70  LYS B C   1 
ATOM   1287 O O   . LYS B 1 70 ? -19.330 -4.172  9.590   1.00 3.90  ? 70  LYS B O   1 
ATOM   1288 C CB  . LYS B 1 70 ? -20.052 -2.114  11.940  1.00 7.90  ? 70  LYS B CB  1 
ATOM   1289 C CG  . LYS B 1 70 ? -20.789 -0.824  12.307  1.00 15.80 ? 70  LYS B CG  1 
ATOM   1290 C CD  . LYS B 1 70 ? -21.527 -0.861  13.655  1.00 31.60 ? 70  LYS B CD  1 
ATOM   1291 C CE  . LYS B 1 70 ? -22.440 0.380   13.832  1.00 54.50 ? 70  LYS B CE  1 
ATOM   1292 N NZ  . LYS B 1 70 ? -21.726 1.671   13.778  1.00 57.50 ? 70  LYS B NZ  1 
ATOM   1293 N N   . VAL B 1 71 ? -17.485 -3.487  10.761  1.00 3.90  ? 71  VAL B N   1 
ATOM   1294 C CA  . VAL B 1 71 ? -16.467 -4.514  10.416  1.00 3.90  ? 71  VAL B CA  1 
ATOM   1295 C C   . VAL B 1 71 ? -15.834 -4.902  11.749  1.00 3.90  ? 71  VAL B C   1 
ATOM   1296 O O   . VAL B 1 71 ? -15.774 -4.078  12.653  1.00 3.90  ? 71  VAL B O   1 
ATOM   1297 C CB  . VAL B 1 71 ? -15.429 -3.945  9.374   1.00 3.90  ? 71  VAL B CB  1 
ATOM   1298 C CG1 . VAL B 1 71 ? -15.655 -2.585  8.699   1.00 3.90  ? 71  VAL B CG1 1 
ATOM   1299 C CG2 . VAL B 1 71 ? -14.078 -4.595  9.180   1.00 3.90  ? 71  VAL B CG2 1 
ATOM   1300 N N   . ARG B 1 72 ? -15.568 -6.174  11.926  1.00 3.90  ? 72  ARG B N   1 
ATOM   1301 C CA  . ARG B 1 72 ? -14.770 -6.697  13.072  1.00 7.90  ? 72  ARG B CA  1 
ATOM   1302 C C   . ARG B 1 72 ? -13.764 -7.652  12.470  1.00 12.40 ? 72  ARG B C   1 
ATOM   1303 O O   . ARG B 1 72 ? -14.062 -8.498  11.603  1.00 19.30 ? 72  ARG B O   1 
ATOM   1304 C CB  . ARG B 1 72 ? -15.592 -7.392  14.135  1.00 15.80 ? 72  ARG B CB  1 
ATOM   1305 C CG  . ARG B 1 72 ? -16.723 -6.484  14.640  1.00 31.60 ? 72  ARG B CG  1 
ATOM   1306 C CD  . ARG B 1 72 ? -17.566 -7.175  15.722  1.00 63.20 ? 72  ARG B CD  1 
ATOM   1307 N NE  . ARG B 1 72 ? -18.766 -6.387  16.023  1.00 79.00 ? 72  ARG B NE  1 
ATOM   1308 C CZ  . ARG B 1 72 ? -19.758 -6.786  16.830  1.00 79.00 ? 72  ARG B CZ  1 
ATOM   1309 N NH1 . ARG B 1 72 ? -19.700 -7.968  17.468  1.00 79.00 ? 72  ARG B NH1 1 
ATOM   1310 N NH2 . ARG B 1 72 ? -20.823 -5.990  16.991  1.00 79.00 ? 72  ARG B NH2 1 
ATOM   1311 N N   . ALA B 1 73 ? -12.559 -7.264  12.772  1.00 11.80 ? 73  ALA B N   1 
ATOM   1312 C CA  . ALA B 1 73 ? -11.401 -7.639  11.992  1.00 9.90  ? 73  ALA B CA  1 
ATOM   1313 C C   . ALA B 1 73 ? -10.163 -7.392  12.850  1.00 5.80  ? 73  ALA B C   1 
ATOM   1314 O O   . ALA B 1 73 ? -10.270 -7.060  14.039  1.00 4.00  ? 73  ALA B O   1 
ATOM   1315 C CB  . ALA B 1 73 ? -11.376 -6.952  10.579  1.00 7.80  ? 73  ALA B CB  1 
ATOM   1316 N N   . THR B 1 74 ? -9.027  -7.580  12.204  1.00 3.90  ? 74  THR B N   1 
ATOM   1317 C CA  . THR B 1 74 ? -7.802  -7.779  12.922  1.00 3.90  ? 74  THR B CA  1 
ATOM   1318 C C   . THR B 1 74 ? -6.835  -6.642  12.747  1.00 3.90  ? 74  THR B C   1 
ATOM   1319 O O   . THR B 1 74 ? -6.218  -6.380  11.689  1.00 3.90  ? 74  THR B O   1 
ATOM   1320 C CB  . THR B 1 74 ? -7.234  -9.152  12.663  1.00 6.00  ? 74  THR B CB  1 
ATOM   1321 O OG1 . THR B 1 74 ? -8.293  -10.150 12.720  1.00 8.10  ? 74  THR B OG1 1 
ATOM   1322 C CG2 . THR B 1 74 ? -6.033  -9.451  13.611  1.00 7.50  ? 74  THR B CG2 1 
ATOM   1323 N N   . ILE B 1 75 ? -6.784  -5.943  13.854  1.00 7.90  ? 75  ILE B N   1 
ATOM   1324 C CA  . ILE B 1 75 ? -5.956  -4.765  13.988  1.00 14.20 ? 75  ILE B CA  1 
ATOM   1325 C C   . ILE B 1 75 ? -4.638  -5.090  14.750  1.00 14.30 ? 75  ILE B C   1 
ATOM   1326 O O   . ILE B 1 75 ? -4.556  -5.813  15.746  1.00 7.20  ? 75  ILE B O   1 
ATOM   1327 C CB  . ILE B 1 75 ? -6.715  -3.572  14.593  1.00 17.10 ? 75  ILE B CB  1 
ATOM   1328 C CG1 . ILE B 1 75 ? -8.025  -3.265  13.844  1.00 10.50 ? 75  ILE B CG1 1 
ATOM   1329 C CG2 . ILE B 1 75 ? -5.850  -2.312  14.497  1.00 20.50 ? 75  ILE B CG2 1 
ATOM   1330 C CD1 . ILE B 1 75 ? -7.809  -2.877  12.374  1.00 5.20  ? 75  ILE B CD1 1 
ATOM   1331 N N   . MET B 1 76 ? -3.585  -4.630  14.130  1.00 20.60 ? 76  MET B N   1 
ATOM   1332 C CA  . MET B 1 76 ? -2.247  -4.610  14.717  1.00 12.40 ? 76  MET B CA  1 
ATOM   1333 C C   . MET B 1 76 ? -2.000  -3.164  15.248  1.00 9.90  ? 76  MET B C   1 
ATOM   1334 O O   . MET B 1 76 ? -2.464  -2.123  14.711  1.00 7.90  ? 76  MET B O   1 
ATOM   1335 C CB  . MET B 1 76 ? -1.236  -4.997  13.603  1.00 8.70  ? 76  MET B CB  1 
ATOM   1336 C CG  . MET B 1 76 ? -0.401  -6.237  13.934  1.00 16.40 ? 76  MET B CG  1 
ATOM   1337 S SD  . MET B 1 76 ? -0.260  -7.489  12.642  1.00 22.20 ? 76  MET B SD  1 
ATOM   1338 C CE  . MET B 1 76 ? -1.902  -8.099  12.309  1.00 25.60 ? 76  MET B CE  1 
ATOM   1339 N N   . THR B 1 77 ? -1.331  -3.139  16.366  1.00 9.00  ? 77  THR B N   1 
ATOM   1340 C CA  . THR B 1 77 ? -0.845  -1.887  16.911  1.00 4.80  ? 77  THR B CA  1 
ATOM   1341 C C   . THR B 1 77 ? 0.679   -1.982  16.965  1.00 4.30  ? 77  THR B C   1 
ATOM   1342 O O   . THR B 1 77 ? 1.150   -2.986  17.528  1.00 8.70  ? 77  THR B O   1 
ATOM   1343 C CB  . THR B 1 77 ? -1.532  -1.526  18.256  1.00 3.90  ? 77  THR B CB  1 
ATOM   1344 O OG1 . THR B 1 77 ? -1.112  -2.273  19.474  1.00 3.90  ? 77  THR B OG1 1 
ATOM   1345 C CG2 . THR B 1 77 ? -3.049  -1.419  18.009  1.00 3.90  ? 77  THR B CG2 1 
ATOM   1346 N N   . GLY B 1 78 ? 1.343   -1.140  16.147  1.00 3.90  ? 78  GLY B N   1 
ATOM   1347 C CA  . GLY B 1 78 ? 2.771   -0.808  16.216  1.00 3.90  ? 78  GLY B CA  1 
ATOM   1348 C C   . GLY B 1 78 ? 3.079   0.663   15.795  1.00 7.90  ? 78  GLY B C   1 
ATOM   1349 O O   . GLY B 1 78 ? 2.233   1.564   15.854  1.00 15.80 ? 78  GLY B O   1 
ATOM   1350 N N   . ASP B 1 79 ? 4.338   0.931   15.524  1.00 15.80 ? 79  ASP B N   1 
ATOM   1351 C CA  . ASP B 1 79 ? 4.740   2.261   15.084  1.00 31.60 ? 79  ASP B CA  1 
ATOM   1352 C C   . ASP B 1 79 ? 4.688   2.280   13.559  1.00 36.70 ? 79  ASP B C   1 
ATOM   1353 O O   . ASP B 1 79 ? 5.633   1.926   12.839  1.00 42.60 ? 79  ASP B O   1 
ATOM   1354 C CB  . ASP B 1 79 ? 6.129   2.629   15.618  1.00 63.20 ? 79  ASP B CB  1 
ATOM   1355 C CG  . ASP B 1 79 ? 6.419   4.140   15.548  1.00 79.00 ? 79  ASP B CG  1 
ATOM   1356 O OD1 . ASP B 1 79 ? 5.917   4.857   14.652  1.00 79.00 ? 79  ASP B OD1 1 
ATOM   1357 O OD2 . ASP B 1 79 ? 7.170   4.662   16.398  1.00 79.00 ? 79  ASP B OD2 1 
ATOM   1358 N N   . THR B 1 80 ? 3.503   2.581   13.096  1.00 36.80 ? 80  THR B N   1 
ATOM   1359 C CA  . THR B 1 80 ? 3.264   2.927   11.692  1.00 33.60 ? 80  THR B CA  1 
ATOM   1360 C C   . THR B 1 80 ? 3.217   4.464   11.656  1.00 21.60 ? 80  THR B C   1 
ATOM   1361 O O   . THR B 1 80 ? 2.521   5.047   12.496  1.00 14.30 ? 80  THR B O   1 
ATOM   1362 C CB  . THR B 1 80 ? 1.895   2.329   11.298  1.00 34.00 ? 80  THR B CB  1 
ATOM   1363 O OG1 . THR B 1 80 ? 1.520   2.615   9.964   1.00 30.50 ? 80  THR B OG1 1 
ATOM   1364 C CG2 . THR B 1 80 ? 0.781   2.671   12.295  1.00 32.40 ? 80  THR B CG2 1 
ATOM   1365 N N   . PRO B 1 81 ? 4.026   5.092   10.760  1.00 21.90 ? 81  PRO B N   1 
ATOM   1366 C CA  . PRO B 1 81 ? 3.949   6.545   10.496  1.00 30.40 ? 81  PRO B CA  1 
ATOM   1367 C C   . PRO B 1 81 ? 2.464   6.967   10.233  1.00 57.60 ? 81  PRO B C   1 
ATOM   1368 O O   . PRO B 1 81 ? 1.952   7.956   10.805  1.00 44.70 ? 81  PRO B O   1 
ATOM   1369 C CB  . PRO B 1 81 ? 4.893   6.791   9.297   1.00 17.30 ? 81  PRO B CB  1 
ATOM   1370 C CG  . PRO B 1 81 ? 4.931   5.474   8.544   1.00 15.40 ? 81  PRO B CG  1 
ATOM   1371 C CD  . PRO B 1 81 ? 4.754   4.411   9.644   1.00 19.90 ? 81  PRO B CD  1 
ATOM   1372 N N   . ILE B 1 82 ? 1.793   6.171   9.393   1.00 79.00 ? 82  ILE B N   1 
ATOM   1373 C CA  . ILE B 1 82 ? 0.357   6.351   9.040   1.00 52.60 ? 82  ILE B CA  1 
ATOM   1374 C C   . ILE B 1 82 ? -0.439  5.041   9.337   1.00 36.00 ? 82  ILE B C   1 
ATOM   1375 O O   . ILE B 1 82 ? 0.086   3.907   9.232   1.00 33.80 ? 82  ILE B O   1 
ATOM   1376 C CB  . ILE B 1 82 ? 0.200   6.885   7.583   1.00 27.50 ? 82  ILE B CB  1 
ATOM   1377 C CG1 . ILE B 1 82 ? 1.131   8.075   7.362   1.00 14.10 ? 82  ILE B CG1 1 
ATOM   1378 C CG2 . ILE B 1 82 ? -1.236  7.339   7.291   1.00 29.70 ? 82  ILE B CG2 1 
ATOM   1379 C CD1 . ILE B 1 82 ? 1.183   8.603   5.921   1.00 9.90  ? 82  ILE B CD1 1 
ATOM   1380 N N   . ASN B 1 83 ? -1.658  5.224   9.826   1.00 18.00 ? 83  ASN B N   1 
ATOM   1381 C CA  . ASN B 1 83 ? -2.482  4.081   10.136  1.00 9.00  ? 83  ASN B CA  1 
ATOM   1382 C C   . ASN B 1 83 ? -3.057  3.612   8.832   1.00 7.30  ? 83  ASN B C   1 
ATOM   1383 O O   . ASN B 1 83 ? -3.560  4.404   8.013   1.00 4.00  ? 83  ASN B O   1 
ATOM   1384 C CB  . ASN B 1 83 ? -3.569  4.382   11.137  1.00 4.50  ? 83  ASN B CB  1 
ATOM   1385 C CG  . ASN B 1 83 ? -3.085  5.131   12.359  1.00 4.00  ? 83  ASN B CG  1 
ATOM   1386 O OD1 . ASN B 1 83 ? -2.089  4.778   12.994  1.00 3.90  ? 83  ASN B OD1 1 
ATOM   1387 N ND2 . ASN B 1 83 ? -3.831  6.182   12.661  1.00 6.80  ? 83  ASN B ND2 1 
ATOM   1388 N N   . ILE B 1 84 ? -2.839  2.336   8.609   1.00 14.60 ? 84  ILE B N   1 
ATOM   1389 C CA  . ILE B 1 84 ? -3.184  1.687   7.327   1.00 14.10 ? 84  ILE B CA  1 
ATOM   1390 C C   . ILE B 1 84 ? -4.128  0.562   7.602   1.00 7.00  ? 84  ILE B C   1 
ATOM   1391 O O   . ILE B 1 84 ? -4.008  -0.117  8.614   1.00 3.90  ? 84  ILE B O   1 
ATOM   1392 C CB  . ILE B 1 84 ? -1.945  1.162   6.565   1.00 13.80 ? 84  ILE B CB  1 
ATOM   1393 C CG1 . ILE B 1 84 ? -1.288  -0.059  7.231   1.00 17.50 ? 84  ILE B CG1 1 
ATOM   1394 C CG2 . ILE B 1 84 ? -0.964  2.314   6.320   1.00 8.90  ? 84  ILE B CG2 1 
ATOM   1395 C CD1 . ILE B 1 84 ? 0.012   -0.474  6.566   1.00 21.80 ? 84  ILE B CD1 1 
ATOM   1396 N N   . PHE B 1 85 ? -5.108  0.480   6.733   1.00 3.90  ? 85  PHE B N   1 
ATOM   1397 C CA  . PHE B 1 85 ? -6.054  -0.654  6.625   1.00 7.90  ? 85  PHE B CA  1 
ATOM   1398 C C   . PHE B 1 85 ? -5.693  -1.426  5.410   1.00 3.90  ? 85  PHE B C   1 
ATOM   1399 O O   . PHE B 1 85 ? -5.558  -0.811  4.336   1.00 4.50  ? 85  PHE B O   1 
ATOM   1400 C CB  . PHE B 1 85 ? -7.506  -0.203  6.420   1.00 15.80 ? 85  PHE B CB  1 
ATOM   1401 C CG  . PHE B 1 85 ? -8.224  0.224   7.707   1.00 31.60 ? 85  PHE B CG  1 
ATOM   1402 C CD1 . PHE B 1 85 ? -7.688  -0.117  8.951   1.00 31.00 ? 85  PHE B CD1 1 
ATOM   1403 C CD2 . PHE B 1 85 ? -9.417  0.947   7.626   1.00 31.30 ? 85  PHE B CD2 1 
ATOM   1404 C CE1 . PHE B 1 85 ? -8.397  0.178   10.103  1.00 27.80 ? 85  PHE B CE1 1 
ATOM   1405 C CE2 . PHE B 1 85 ? -10.158 1.187   8.777   1.00 28.30 ? 85  PHE B CE2 1 
ATOM   1406 C CZ  . PHE B 1 85 ? -9.641  0.807   10.012  1.00 29.50 ? 85  PHE B CZ  1 
ATOM   1407 N N   . GLY B 1 86 ? -5.620  -2.743  5.582   1.00 3.90  ? 86  GLY B N   1 
ATOM   1408 C CA  . GLY B 1 86 ? -5.126  -3.664  4.539   1.00 3.90  ? 86  GLY B CA  1 
ATOM   1409 C C   . GLY B 1 86 ? -6.252  -4.407  3.802   1.00 3.90  ? 86  GLY B C   1 
ATOM   1410 O O   . GLY B 1 86 ? -7.493  -4.250  4.011   1.00 3.90  ? 86  GLY B O   1 
ATOM   1411 N N   . ARG B 1 87 ? -5.744  -5.308  2.977   1.00 4.90  ? 87  ARG B N   1 
ATOM   1412 C CA  . ARG B 1 87 ? -6.601  -6.142  2.119   1.00 5.90  ? 87  ARG B CA  1 
ATOM   1413 C C   . ARG B 1 87 ? -7.589  -6.972  2.914   1.00 4.20  ? 87  ARG B C   1 
ATOM   1414 O O   . ARG B 1 87 ? -8.646  -7.398  2.403   1.00 3.90  ? 87  ARG B O   1 
ATOM   1415 C CB  . ARG B 1 87 ? -5.731  -7.060  1.281   1.00 6.00  ? 87  ARG B CB  1 
ATOM   1416 C CG  . ARG B 1 87 ? -4.736  -6.288  0.458   1.00 3.90  ? 87  ARG B CG  1 
ATOM   1417 C CD  . ARG B 1 87 ? -3.991  -7.318  -0.288  1.00 3.90  ? 87  ARG B CD  1 
ATOM   1418 N NE  . ARG B 1 87 ? -3.313  -8.276  0.600   1.00 3.90  ? 87  ARG B NE  1 
ATOM   1419 C CZ  . ARG B 1 87 ? -3.671  -9.538  0.822   1.00 3.90  ? 87  ARG B CZ  1 
ATOM   1420 N NH1 . ARG B 1 87 ? -4.880  -9.947  0.472   1.00 3.90  ? 87  ARG B NH1 1 
ATOM   1421 N NH2 . ARG B 1 87 ? -2.767  -10.397 1.348   1.00 3.90  ? 87  ARG B NH2 1 
ATOM   1422 N N   . ASN B 1 88 ? -7.131  -7.284  4.117   1.00 8.50  ? 88  ASN B N   1 
ATOM   1423 C CA  . ASN B 1 88 ? -7.957  -7.751  5.287   1.00 9.50  ? 88  ASN B CA  1 
ATOM   1424 C C   . ASN B 1 88 ? -9.230  -6.853  5.648   1.00 6.30  ? 88  ASN B C   1 
ATOM   1425 O O   . ASN B 1 88 ? -10.332 -7.428  5.806   1.00 7.50  ? 88  ASN B O   1 
ATOM   1426 C CB  . ASN B 1 88 ? -7.059  -7.902  6.525   1.00 4.80  ? 88  ASN B CB  1 
ATOM   1427 C CG  . ASN B 1 88 ? -7.198  -6.673  7.383   1.00 3.90  ? 88  ASN B CG  1 
ATOM   1428 O OD1 . ASN B 1 88 ? -7.536  -5.585  6.886   1.00 3.90  ? 88  ASN B OD1 1 
ATOM   1429 N ND2 . ASN B 1 88 ? -7.095  -6.901  8.663   1.00 3.90  ? 88  ASN B ND2 1 
ATOM   1430 N N   . ILE B 1 89 ? -9.113  -5.511  5.772   1.00 3.90  ? 89  ILE B N   1 
ATOM   1431 C CA  . ILE B 1 89 ? -10.356 -4.722  5.950   1.00 7.90  ? 89  ILE B CA  1 
ATOM   1432 C C   . ILE B 1 89 ? -11.015 -4.251  4.609   1.00 14.80 ? 89  ILE B C   1 
ATOM   1433 O O   . ILE B 1 89 ? -12.233 -3.980  4.634   1.00 19.60 ? 89  ILE B O   1 
ATOM   1434 C CB  . ILE B 1 89 ? -10.376 -3.541  6.982   1.00 11.80 ? 89  ILE B CB  1 
ATOM   1435 C CG1 . ILE B 1 89 ? -9.624  -3.687  8.313   1.00 12.90 ? 89  ILE B CG1 1 
ATOM   1436 C CG2 . ILE B 1 89 ? -11.825 -3.031  7.241   1.00 6.30  ? 89  ILE B CG2 1 
ATOM   1437 C CD1 . ILE B 1 89 ? -9.963  -2.497  9.278   1.00 7.40  ? 89  ILE B CD1 1 
ATOM   1438 N N   . LEU B 1 90 ? -10.225 -3.997  3.556   1.00 13.00 ? 90  LEU B N   1 
ATOM   1439 C CA  . LEU B 1 90 ? -10.776 -3.644  2.195   1.00 16.20 ? 90  LEU B CA  1 
ATOM   1440 C C   . LEU B 1 90 ? -11.914 -4.594  1.648   1.00 12.70 ? 90  LEU B C   1 
ATOM   1441 O O   . LEU B 1 90 ? -12.963 -4.109  1.152   1.00 6.30  ? 90  LEU B O   1 
ATOM   1442 C CB  . LEU B 1 90 ? -9.651  -3.348  1.175   1.00 25.60 ? 90  LEU B CB  1 
ATOM   1443 C CG  . LEU B 1 90 ? -9.200  -1.880  1.214   1.00 36.40 ? 90  LEU B CG  1 
ATOM   1444 C CD1 . LEU B 1 90 ? -9.018  -1.403  2.650   1.00 67.80 ? 90  LEU B CD1 1 
ATOM   1445 C CD2 . LEU B 1 90 ? -7.946  -1.618  0.361   1.00 18.20 ? 90  LEU B CD2 1 
ATOM   1446 N N   . THR B 1 91 ? -11.687 -5.914  1.820   1.00 16.90 ? 91  THR B N   1 
ATOM   1447 C CA  . THR B 1 91 ? -12.653 -7.005  1.501   1.00 9.80  ? 91  THR B CA  1 
ATOM   1448 C C   . THR B 1 91 ? -13.909 -7.225  2.474   1.00 4.90  ? 91  THR B C   1 
ATOM   1449 O O   . THR B 1 91 ? -15.068 -7.505  2.073   1.00 3.90  ? 91  THR B O   1 
ATOM   1450 C CB  . THR B 1 91 ? -11.875 -8.246  1.049   1.00 4.90  ? 91  THR B CB  1 
ATOM   1451 O OG1 . THR B 1 91 ? -10.826 -8.504  1.911   1.00 3.90  ? 91  THR B OG1 1 
ATOM   1452 C CG2 . THR B 1 91 ? -11.258 -7.989  -0.284  1.00 4.70  ? 91  THR B CG2 1 
ATOM   1453 N N   . ALA B 1 92 ? -13.712 -6.881  3.719   1.00 3.90  ? 92  ALA B N   1 
ATOM   1454 C CA  . ALA B 1 92 ? -14.838 -6.692  4.645   1.00 3.90  ? 92  ALA B CA  1 
ATOM   1455 C C   . ALA B 1 92 ? -15.810 -5.547  4.174   1.00 7.90  ? 92  ALA B C   1 
ATOM   1456 O O   . ALA B 1 92 ? -17.067 -5.703  4.166   1.00 9.20  ? 92  ALA B O   1 
ATOM   1457 C CB  . ALA B 1 92 ? -14.348 -6.573  6.116   1.00 3.90  ? 92  ALA B CB  1 
ATOM   1458 N N   . LEU B 1 93 ? -15.176 -4.443  3.712   1.00 9.50  ? 93  LEU B N   1 
ATOM   1459 C CA  . LEU B 1 93 ? -15.849 -3.212  3.191   1.00 12.00 ? 93  LEU B CA  1 
ATOM   1460 C C   . LEU B 1 93 ? -16.437 -3.499  1.799   1.00 16.50 ? 93  LEU B C   1 
ATOM   1461 O O   . LEU B 1 93 ? -17.604 -3.211  1.491   1.00 21.70 ? 93  LEU B O   1 
ATOM   1462 C CB  . LEU B 1 93 ? -14.874 -2.013  3.152   1.00 10.90 ? 93  LEU B CB  1 
ATOM   1463 C CG  . LEU B 1 93 ? -14.406 -1.634  4.558   1.00 5.40  ? 93  LEU B CG  1 
ATOM   1464 C CD1 . LEU B 1 93 ? -13.514 -0.391  4.475   1.00 4.30  ? 93  LEU B CD1 1 
ATOM   1465 C CD2 . LEU B 1 93 ? -15.607 -1.557  5.536   1.00 3.90  ? 93  LEU B CD2 1 
ATOM   1466 N N   . GLY B 1 94 ? -15.662 -4.183  1.002   1.00 15.40 ? 94  GLY B N   1 
ATOM   1467 C CA  . GLY B 1 94 ? -16.201 -4.726  -0.250  1.00 14.60 ? 94  GLY B CA  1 
ATOM   1468 C C   . GLY B 1 94 ? -15.815 -3.763  -1.321  1.00 16.40 ? 94  GLY B C   1 
ATOM   1469 O O   . GLY B 1 94 ? -16.580 -3.494  -2.251  1.00 18.70 ? 94  GLY B O   1 
ATOM   1470 N N   . MET B 1 95 ? -14.578 -3.351  -1.186  1.00 12.90 ? 95  MET B N   1 
ATOM   1471 C CA  . MET B 1 95 ? -13.834 -2.581  -2.157  1.00 8.90  ? 95  MET B CA  1 
ATOM   1472 C C   . MET B 1 95 ? -13.017 -3.483  -3.088  1.00 17.90 ? 95  MET B C   1 
ATOM   1473 O O   . MET B 1 95 ? -12.635 -4.635  -2.776  1.00 30.20 ? 95  MET B O   1 
ATOM   1474 C CB  . MET B 1 95 ? -12.821 -1.862  -1.355  1.00 4.50  ? 95  MET B CB  1 
ATOM   1475 C CG  . MET B 1 95 ? -13.421 -0.773  -0.517  1.00 3.90  ? 95  MET B CG  1 
ATOM   1476 S SD  . MET B 1 95 ? -12.239 0.549   -0.572  1.00 4.60  ? 95  MET B SD  1 
ATOM   1477 C CE  . MET B 1 95 ? -13.118 2.073   -0.395  1.00 3.90  ? 95  MET B CE  1 
ATOM   1478 N N   . SER B 1 96 ? -12.810 -2.910  -4.261  1.00 34.20 ? 96  SER B N   1 
ATOM   1479 C CA  . SER B 1 96 ? -11.888 -3.426  -5.260  1.00 27.90 ? 96  SER B CA  1 
ATOM   1480 C C   . SER B 1 96 ? -11.147 -2.276  -6.005  1.00 22.60 ? 96  SER B C   1 
ATOM   1481 O O   . SER B 1 96 ? -11.132 -1.100  -5.557  1.00 16.20 ? 96  SER B O   1 
ATOM   1482 C CB  . SER B 1 96 ? -12.633 -4.404  -6.175  1.00 17.20 ? 96  SER B CB  1 
ATOM   1483 O OG  . SER B 1 96 ? -13.823 -3.766  -6.639  1.00 11.90 ? 96  SER B OG  1 
ATOM   1484 N N   . LEU B 1 97 ? -10.387 -2.736  -7.001  1.00 22.10 ? 97  LEU B N   1 
ATOM   1485 C CA  . LEU B 1 97 ? -9.646  -1.891  -7.956  1.00 17.80 ? 97  LEU B CA  1 
ATOM   1486 C C   . LEU B 1 97 ? -10.345 -2.029  -9.267  1.00 13.50 ? 97  LEU B C   1 
ATOM   1487 O O   . LEU B 1 97 ? -10.058 -2.927  -10.069 1.00 7.40  ? 97  LEU B O   1 
ATOM   1488 C CB  . LEU B 1 97 ? -8.142  -2.269  -8.225  1.00 12.70 ? 97  LEU B CB  1 
ATOM   1489 C CG  . LEU B 1 97 ? -7.121  -1.803  -7.195  1.00 6.40  ? 97  LEU B CG  1 
ATOM   1490 C CD1 . LEU B 1 97 ? -5.716  -1.667  -7.778  1.00 3.90  ? 97  LEU B CD1 1 
ATOM   1491 C CD2 . LEU B 1 97 ? -7.594  -0.533  -6.530  1.00 4.30  ? 97  LEU B CD2 1 
ATOM   1492 N N   . ASN B 1 98 ? -11.135 -1.049  -9.547  1.00 20.10 ? 98  ASN B N   1 
ATOM   1493 C CA  . ASN B 1 98 ? -11.762 -1.058  -10.847 1.00 24.30 ? 98  ASN B CA  1 
ATOM   1494 C C   . ASN B 1 98 ? -10.935 -0.356  -11.892 1.00 21.60 ? 98  ASN B C   1 
ATOM   1495 O O   . ASN B 1 98 ? -10.494 0.765   -11.659 1.00 14.70 ? 98  ASN B O   1 
ATOM   1496 C CB  . ASN B 1 98 ? -13.226 -0.690  -10.733 1.00 25.00 ? 98  ASN B CB  1 
ATOM   1497 C CG  . ASN B 1 98 ? -13.830 -1.926  -10.038 1.00 20.80 ? 98  ASN B CG  1 
ATOM   1498 O OD1 . ASN B 1 98 ? -13.801 -3.006  -10.663 1.00 15.90 ? 98  ASN B OD1 1 
ATOM   1499 N ND2 . ASN B 1 98 ? -14.120 -1.798  -8.738  1.00 22.30 ? 98  ASN B ND2 1 
ATOM   1500 N N   . LEU B 1 99 ? -10.593 -1.103  -12.945 1.00 27.60 ? 99  LEU B N   1 
ATOM   1501 C CA  . LEU B 1 99 ? -9.892  -0.550  -14.138 1.00 29.20 ? 99  LEU B CA  1 
ATOM   1502 C C   . LEU B 1 99 ? -10.927 -0.147  -15.238 1.00 32.90 ? 99  LEU B C   1 
ATOM   1503 O O   . LEU B 1 99 ? -11.901 -0.879  -15.495 1.00 18.60 ? 99  LEU B O   1 
ATOM   1504 C CB  . LEU B 1 99 ? -8.724  -1.458  -14.662 1.00 14.60 ? 99  LEU B CB  1 
ATOM   1505 C CG  . LEU B 1 99 ? -7.778  -0.837  -15.763 1.00 7.30  ? 99  LEU B CG  1 
ATOM   1506 C CD1 . LEU B 1 99 ? -6.637  0.045   -15.287 1.00 3.90  ? 99  LEU B CD1 1 
ATOM   1507 C CD2 . LEU B 1 99 ? -7.223  -1.863  -16.734 1.00 5.10  ? 99  LEU B CD2 1 
ATOM   1508 O OXT . LEU B 1 99 ? -10.811 0.964   -15.771 1.00 45.40 ? 99  LEU B OXT 1 
ATOM   1509 N N   . UNK C 2 1  ? 7.850   -10.615 9.607   1.00 7.90  ? 1   UNK S N   1 
ATOM   1510 C CA  . UNK C 2 1  ? 7.165   -11.397 8.563   1.00 15.80 ? 1   UNK S CA  1 
ATOM   1511 C C   . UNK C 2 1  ? 6.156   -10.716 7.603   1.00 31.60 ? 1   UNK S C   1 
ATOM   1512 O O   . UNK C 2 1  ? 6.481   -10.602 6.409   1.00 62.20 ? 1   UNK S O   1 
ATOM   1513 C CB  . UNK C 2 1  ? 6.314   -12.484 9.218   1.00 15.60 ? 1   UNK S CB  1 
ATOM   1514 N N   . UNK C 2 2  ? 4.910   -10.482 7.995   1.00 63.20 ? 2   UNK S N   1 
ATOM   1515 C CA  . UNK C 2 2  ? 3.883   -10.060 6.985   1.00 79.00 ? 2   UNK S CA  1 
ATOM   1516 C C   . UNK C 2 2  ? 3.919   -8.551  6.588   1.00 79.00 ? 2   UNK S C   1 
ATOM   1517 O O   . UNK C 2 2  ? 3.876   -7.678  7.468   1.00 79.00 ? 2   UNK S O   1 
ATOM   1518 C CB  . UNK C 2 2  ? 2.488   -10.611 7.325   1.00 79.00 ? 2   UNK S CB  1 
ATOM   1519 N N   . UNK C 2 3  ? 3.953   -8.285  5.267   1.00 60.00 ? 3   UNK S N   1 
ATOM   1520 C CA  . UNK C 2 3  ? 4.273   -6.933  4.689   1.00 37.40 ? 3   UNK S CA  1 
ATOM   1521 C C   . UNK C 2 3  ? 3.056   -6.155  4.125   1.00 37.90 ? 3   UNK S C   1 
ATOM   1522 O O   . UNK C 2 3  ? 2.352   -6.613  3.199   1.00 41.20 ? 3   UNK S O   1 
ATOM   1523 C CB  . UNK C 2 3  ? 5.248   -7.027  3.500   1.00 28.90 ? 3   UNK S CB  1 
ATOM   1524 N N   . UNK C 2 4  ? 2.959   -4.917  4.584   1.00 43.60 ? 4   UNK S N   1 
ATOM   1525 C CA  . UNK C 2 4  ? 2.181   -3.881  3.888   1.00 55.30 ? 4   UNK S CA  1 
ATOM   1526 C C   . UNK C 2 4  ? 3.163   -2.820  3.357   1.00 61.80 ? 4   UNK S C   1 
ATOM   1527 O O   . UNK C 2 4  ? 4.055   -2.393  4.110   1.00 70.30 ? 4   UNK S O   1 
ATOM   1528 N N   . UNK C 2 5  ? 3.015   -2.431  2.083   1.00 48.10 ? 5   UNK S N   1 
ATOM   1529 C CA  . UNK C 2 5  ? 3.852   -1.343  1.514   1.00 36.50 ? 5   UNK S CA  1 
ATOM   1530 C C   . UNK C 2 5  ? 3.067   -0.034  1.380   1.00 54.10 ? 5   UNK S C   1 
ATOM   1531 O O   . UNK C 2 5  ? 2.221   0.103   0.486   1.00 45.80 ? 5   UNK S O   1 
ATOM   1532 N N   . UNK C 2 6  ? 3.312   0.843   2.350   1.00 63.20 ? 6   UNK S N   1 
ATOM   1533 C CA  . UNK C 2 6  ? 3.019   2.292   2.287   1.00 37.90 ? 6   UNK S CA  1 
ATOM   1534 C C   . UNK C 2 6  ? 4.362   2.983   2.149   1.00 22.30 ? 6   UNK S C   1 
ATOM   1535 O O   . UNK C 2 6  ? 5.229   2.756   2.998   1.00 20.80 ? 6   UNK S O   1 
ATOM   1536 C CB  . UNK C 2 6  ? 2.365   2.799   3.601   1.00 35.60 ? 6   UNK S CB  1 
ATOM   1537 N N   . UNK C 2 7  ? 4.505   3.813   1.135   1.00 32.60 ? 7   UNK S N   1 
ATOM   1538 C CA  . UNK C 2 7  ? 5.754   4.578   0.873   1.00 49.20 ? 7   UNK S CA  1 
ATOM   1539 C C   . UNK C 2 7  ? 5.488   6.115   0.825   1.00 72.50 ? 7   UNK S C   1 
ATOM   1540 O O   . UNK C 2 7  ? 4.344   6.545   0.595   1.00 71.80 ? 7   UNK S O   1 
ATOM   1541 C CB  . UNK C 2 7  ? 6.443   4.010   -0.383  1.00 27.40 ? 7   UNK S CB  1 
ATOM   1542 N N   . UNK C 2 8  ? 6.538   6.911   1.072   1.00 70.30 ? 8   UNK S N   1 
ATOM   1543 C CA  . UNK C 2 8  ? 6.374   8.365   1.374   1.00 63.00 ? 8   UNK S CA  1 
ATOM   1544 C C   . UNK C 2 8  ? 7.179   9.377   0.515   1.00 70.40 ? 8   UNK S C   1 
ATOM   1545 O O   . UNK C 2 8  ? 6.680   9.835   -0.532  1.00 54.70 ? 8   UNK S O   1 
ATOM   1546 O OXT . UNK C 2 8  ? 8.246   9.817   0.972   1.00 79.00 ? 8   UNK S OXT 1 
HETATM 1547 O O   . HOH D 3 .  ? -3.346  -14.067 0.615   1.00 3.90  ? 100 HOH A O   1 
HETATM 1548 O O   . HOH D 3 .  ? 0.181   -14.258 0.277   1.00 3.90  ? 101 HOH A O   1 
HETATM 1549 O O   . HOH D 3 .  ? -3.927  -10.218 -9.607  1.00 13.50 ? 102 HOH A O   1 
HETATM 1550 O O   . HOH D 3 .  ? 7.283   7.471   -8.819  1.00 3.90  ? 103 HOH A O   1 
HETATM 1551 O O   . HOH D 3 .  ? 15.001  2.230   -20.236 1.00 22.10 ? 104 HOH A O   1 
HETATM 1552 O O   . HOH D 3 .  ? 17.897  1.139   -2.456  1.00 30.80 ? 105 HOH A O   1 
HETATM 1553 O O   . HOH D 3 .  ? 15.770  10.960  -14.109 1.00 3.90  ? 106 HOH A O   1 
HETATM 1554 O O   . HOH D 3 .  ? 2.231   -14.360 -2.164  1.00 3.90  ? 107 HOH A O   1 
HETATM 1555 O O   . HOH D 3 .  ? -0.748  -12.772 -3.908  1.00 4.50  ? 108 HOH A O   1 
HETATM 1556 O O   . HOH D 3 .  ? 12.953  9.974   -22.109 1.00 3.90  ? 109 HOH A O   1 
HETATM 1557 O O   . HOH D 3 .  ? -15.986 -5.653  -8.279  1.00 37.30 ? 110 HOH A O   1 
HETATM 1558 O O   . HOH D 3 .  ? -13.082 -4.234  -16.589 1.00 5.10  ? 111 HOH A O   1 
HETATM 1559 O O   . HOH D 3 .  ? -17.184 -4.652  -15.788 1.00 3.90  ? 112 HOH A O   1 
HETATM 1560 O O   . HOH D 3 .  ? 5.095   -15.167 -0.528  1.00 79.00 ? 113 HOH A O   1 
HETATM 1561 O O   . HOH D 3 .  ? 12.808  5.716   -20.647 1.00 25.40 ? 114 HOH A O   1 
HETATM 1562 O O   . HOH D 3 .  ? 17.943  1.101   0.816   1.00 3.90  ? 115 HOH A O   1 
HETATM 1563 O O   . HOH D 3 .  ? 19.705  1.755   -5.231  1.00 18.20 ? 116 HOH A O   1 
HETATM 1564 O O   . HOH D 3 .  ? 18.279  -3.097  -6.356  1.00 3.90  ? 117 HOH A O   1 
HETATM 1565 O O   . HOH D 3 .  ? -4.941  -0.187  -26.756 1.00 23.60 ? 118 HOH A O   1 
HETATM 1566 O O   . HOH D 3 .  ? -2.234  2.084   -24.196 1.00 30.90 ? 119 HOH A O   1 
HETATM 1567 O O   . HOH D 3 .  ? 17.941  -1.744  -9.554  1.00 79.00 ? 120 HOH A O   1 
HETATM 1568 O O   . HOH D 3 .  ? -0.456  7.197   -1.244  1.00 3.90  ? 121 HOH A O   1 
HETATM 1569 O O   . HOH D 3 .  ? -18.511 -7.338  -10.521 1.00 3.90  ? 122 HOH A O   1 
HETATM 1570 O O   . HOH D 3 .  ? -8.892  -11.754 -5.123  1.00 6.20  ? 123 HOH A O   1 
HETATM 1571 O O   . HOH D 3 .  ? 11.062  -9.610  -22.294 1.00 63.50 ? 124 HOH A O   1 
HETATM 1572 O O   . HOH D 3 .  ? 8.951   5.662   8.202   1.00 3.90  ? 125 HOH A O   1 
HETATM 1573 O O   . HOH D 3 .  ? 1.167   9.450   -14.756 1.00 58.60 ? 126 HOH A O   1 
HETATM 1574 O O   . HOH D 3 .  ? -2.491  5.277   -21.329 1.00 13.90 ? 127 HOH A O   1 
HETATM 1575 O O   . HOH D 3 .  ? 19.732  -6.471  0.717   1.00 38.60 ? 128 HOH A O   1 
HETATM 1576 O O   . HOH D 3 .  ? -13.867 -3.333  -12.875 1.00 24.40 ? 129 HOH A O   1 
HETATM 1577 O O   . HOH D 3 .  ? 14.327  -2.965  2.682   1.00 31.20 ? 130 HOH A O   1 
HETATM 1578 O O   . HOH D 3 .  ? -16.831 -8.601  -14.111 1.00 35.10 ? 131 HOH A O   1 
HETATM 1579 O O   . HOH E 3 .  ? -17.466 8.064   5.610   1.00 3.90  ? 100 HOH B O   1 
HETATM 1580 O O   . HOH E 3 .  ? -17.160 7.283   20.576  1.00 5.60  ? 101 HOH B O   1 
HETATM 1581 O O   . HOH E 3 .  ? -2.607  9.312   9.188   1.00 38.00 ? 102 HOH B O   1 
HETATM 1582 O O   . HOH E 3 .  ? -0.989  6.714   12.510  1.00 3.90  ? 103 HOH B O   1 
HETATM 1583 O O   . HOH E 3 .  ? -4.835  -9.655  5.859   1.00 3.90  ? 104 HOH B O   1 
HETATM 1584 O O   . HOH E 3 .  ? 0.237   1.814   18.840  1.00 40.70 ? 105 HOH B O   1 
HETATM 1585 O O   . HOH E 3 .  ? -2.450  -1.960  22.917  1.00 5.50  ? 106 HOH B O   1 
HETATM 1586 O O   . HOH E 3 .  ? -10.080 -5.425  21.026  1.00 9.00  ? 107 HOH B O   1 
HETATM 1587 O O   . HOH E 3 .  ? 7.486   -9.494  17.302  1.00 3.90  ? 108 HOH B O   1 
HETATM 1588 O O   . HOH E 3 .  ? 10.834  -2.807  15.819  1.00 3.90  ? 109 HOH B O   1 
HETATM 1589 O O   . HOH E 3 .  ? 8.107   2.224   11.714  1.00 3.90  ? 110 HOH B O   1 
HETATM 1590 O O   . HOH E 3 .  ? 5.967   -2.085  17.581  1.00 12.10 ? 111 HOH B O   1 
HETATM 1591 O O   . HOH E 3 .  ? 5.401   -7.016  20.024  1.00 18.60 ? 112 HOH B O   1 
HETATM 1592 O O   . HOH E 3 .  ? -0.538  -11.462 10.686  1.00 3.90  ? 113 HOH B O   1 
HETATM 1593 O O   . HOH E 3 .  ? -11.685 -11.225 13.003  1.00 3.90  ? 114 HOH B O   1 
HETATM 1594 O O   . HOH E 3 .  ? -4.435  -8.028  10.937  1.00 25.60 ? 115 HOH B O   1 
HETATM 1595 O O   . HOH E 3 .  ? -15.934 -3.404  -5.882  1.00 4.70  ? 116 HOH B O   1 
HETATM 1596 O O   . HOH E 3 .  ? -14.244 10.494  -1.758  1.00 43.60 ? 117 HOH B O   1 
HETATM 1597 O O   . HOH E 3 .  ? -10.108 11.798  -4.326  1.00 5.80  ? 118 HOH B O   1 
HETATM 1598 O O   . HOH E 3 .  ? -9.818  14.031  1.767   1.00 34.40 ? 119 HOH B O   1 
HETATM 1599 O O   . HOH E 3 .  ? -0.342  -17.189 17.483  1.00 3.90  ? 120 HOH B O   1 
HETATM 1600 O O   . HOH E 3 .  ? -1.028  -15.180 23.629  1.00 11.80 ? 121 HOH B O   1 
HETATM 1601 O O   . HOH E 3 .  ? 5.503   -7.895  24.786  1.00 79.00 ? 122 HOH B O   1 
HETATM 1602 O O   . HOH E 3 .  ? -18.511 5.902   9.640   1.00 3.90  ? 123 HOH B O   1 
HETATM 1603 O O   . HOH E 3 .  ? -23.604 -2.647  4.939   1.00 3.90  ? 124 HOH B O   1 
HETATM 1604 O O   . HOH E 3 .  ? -21.457 -5.645  7.125   1.00 16.40 ? 125 HOH B O   1 
HETATM 1605 O O   . HOH E 3 .  ? -12.828 -6.758  -1.794  1.00 3.90  ? 126 HOH B O   1 
HETATM 1606 O O   . HOH E 3 .  ? -25.833 -0.716  1.401   1.00 26.50 ? 127 HOH B O   1 
HETATM 1607 O O   . HOH E 3 .  ? -15.309 -7.811  -3.209  1.00 31.20 ? 128 HOH B O   1 
HETATM 1608 O O   . HOH E 3 .  ? -3.190  13.750  -0.677  1.00 3.90  ? 129 HOH B O   1 
HETATM 1609 O O   . HOH E 3 .  ? -2.090  -10.752 26.851  1.00 12.00 ? 130 HOH B O   1 
HETATM 1610 O O   . HOH E 3 .  ? -2.202  -17.581 25.745  1.00 5.20  ? 131 HOH B O   1 
HETATM 1611 O O   . HOH E 3 .  ? 2.896   -15.745 16.072  1.00 12.20 ? 132 HOH B O   1 
HETATM 1612 O O   . HOH E 3 .  ? 0.078   -3.061  25.869  1.00 10.50 ? 133 HOH B O   1 
HETATM 1613 O O   . HOH E 3 .  ? -19.413 -7.266  11.389  1.00 3.90  ? 134 HOH B O   1 
HETATM 1614 O O   . HOH E 3 .  ? -26.780 -5.102  10.615  1.00 14.80 ? 135 HOH B O   1 
HETATM 1615 O O   . HOH E 3 .  ? -31.355 -3.866  7.303   1.00 15.90 ? 136 HOH B O   1 
HETATM 1616 O O   . HOH E 3 .  ? -1.033  -6.586  -0.359  1.00 3.90  ? 137 HOH B O   1 
HETATM 1617 O O   . HOH E 3 .  ? -18.636 -3.486  15.166  1.00 4.70  ? 138 HOH B O   1 
HETATM 1618 O O   . HOH E 3 .  ? 16.323  -1.087  4.807   1.00 42.60 ? 139 HOH B O   1 
HETATM 1619 O O   . HOH E 3 .  ? -11.025 12.496  4.366   1.00 36.80 ? 140 HOH B O   1 
HETATM 1620 O O   . HOH E 3 .  ? -8.704  10.976  -0.879  1.00 45.30 ? 141 HOH B O   1 
HETATM 1621 O O   . HOH F 3 .  ? 5.485   -0.239  4.157   1.00 3.90  ? 9   HOH S O   1 
HETATM 1622 O O   . HOH F 3 .  ? 9.129   -13.524 8.684   1.00 34.20 ? 10  HOH S O   1 
# 
